data_8V9P
#
_entry.id   8V9P
#
_cell.length_a   67.342
_cell.length_b   112.717
_cell.length_c   119.518
_cell.angle_alpha   90.000
_cell.angle_beta   97.910
_cell.angle_gamma   90.000
#
_symmetry.space_group_name_H-M   'P 1 21 1'
#
loop_
_entity.id
_entity.type
_entity.pdbx_description
1 polymer Tryptophanase
2 non-polymer 'POTASSIUM ION'
3 non-polymer '(2~{E})-2-[(~{Z})-[2-methyl-3-oxidanyl-5-[[oxidanyl-bis(oxidanylidene)-$l^{6}-phosphanyl]oxymethyl]-1~{H}-pyridin-4-ylidene]methyl]imino-3-[(3~{S})-3-oxidanyl-2-oxidanylidene-1~{H}-indol-3-yl]propanoic acid'
4 non-polymer 'DIMETHYL SULFOXIDE'
5 water water
#
_entity_poly.entity_id   1
_entity_poly.type   'polypeptide(L)'
_entity_poly.pdbx_seq_one_letter_code
;MAKRIVEPFRIKMVEKIRVPSREEREAALKEAGYNPFLLPSSAVYIDLLTDSGTNAMSDHQWAAMITGDEAYAGSRNYYD
LKDKAKELFNYDYIIPAHQGRGAENILFPVLLKYKQKEGKAKNPVFISNFHFDTTAAHVELNGCKAINIVTEKAFDSETY
DDWKGDFDIKKLKENIAQHGADNIVAIVSTVTCNSAGGQPVSMSNLKEVYEIAKQHGIFVVMDSARFCENAYFIKARDPK
YKNATIKEVIFDMYKYADALTMSAKKDPLLNIGGLVAIRDNEEIFTLARQRCVPMEGFVTYGGLAGRDMAAMVQGLEEGT
EEEYLHYRIGQVKYLGDRLREAGIPIQYPTGGHAVFVDCKKLVPQIPGDQFPAQAVINALYLESGVRAVEIGSFLLGRDP
ATGEQKHADMEFMRLTIARRVYTNDHMDYIADALIGLKEKFATLKGLEFEYEPPVLRHFTARLKPIE
;
_entity_poly.pdbx_strand_id   A,B,C,D
#
loop_
_chem_comp.id
_chem_comp.type
_chem_comp.name
_chem_comp.formula
DMS non-polymer 'DIMETHYL SULFOXIDE' 'C2 H6 O S'
K non-polymer 'POTASSIUM ION' 'K 1'
YQK non-polymer '(2~{E})-2-[(~{Z})-[2-methyl-3-oxidanyl-5-[[oxidanyl-bis(oxidanylidene)-$l^{6}-phosphanyl]oxymethyl]-1~{H}-pyridin-4-ylidene]methyl]imino-3-[(3~{S})-3-oxidanyl-2-oxidanylidene-1~{H}-indol-3-yl]propanoic acid' 'C19 H20 N3 O9 P'
#
# COMPACT_ATOMS: atom_id res chain seq x y z
N ALA A 2 27.55 -22.49 -16.68
CA ALA A 2 26.46 -21.83 -15.95
C ALA A 2 26.25 -20.41 -16.49
N LYS A 3 25.02 -20.12 -16.92
CA LYS A 3 24.71 -18.87 -17.62
C LYS A 3 23.71 -18.06 -16.81
N ARG A 4 24.15 -16.90 -16.33
CA ARG A 4 23.26 -16.00 -15.60
CA ARG A 4 23.26 -16.00 -15.60
C ARG A 4 22.41 -15.20 -16.58
N ILE A 5 21.09 -15.19 -16.34
CA ILE A 5 20.16 -14.38 -17.12
C ILE A 5 19.69 -13.23 -16.25
N VAL A 6 19.77 -12.01 -16.80
CA VAL A 6 19.43 -10.80 -16.05
C VAL A 6 17.92 -10.67 -15.87
N GLU A 7 17.52 -9.94 -14.83
CA GLU A 7 16.10 -9.74 -14.53
C GLU A 7 15.46 -8.83 -15.57
N PRO A 8 14.30 -9.20 -16.13
CA PRO A 8 13.52 -8.25 -16.93
C PRO A 8 12.66 -7.34 -16.07
N PHE A 9 13.23 -6.92 -14.94
CA PHE A 9 12.58 -6.05 -13.98
C PHE A 9 13.65 -5.50 -13.05
N ARG A 10 13.27 -4.55 -12.22
CA ARG A 10 14.15 -4.08 -11.16
C ARG A 10 13.42 -4.17 -9.83
N ILE A 11 14.18 -4.01 -8.75
CA ILE A 11 13.62 -4.16 -7.41
C ILE A 11 12.91 -2.87 -7.03
N LYS A 12 11.68 -2.99 -6.53
CA LYS A 12 10.93 -1.84 -6.04
C LYS A 12 10.71 -1.85 -4.53
N MET A 13 10.77 -3.02 -3.90
CA MET A 13 10.64 -3.12 -2.45
C MET A 13 11.42 -4.33 -1.96
N VAL A 14 12.06 -4.18 -0.80
CA VAL A 14 12.92 -5.23 -0.26
C VAL A 14 12.42 -5.64 1.13
N GLU A 15 12.76 -6.88 1.49
CA GLU A 15 12.50 -7.44 2.81
C GLU A 15 13.81 -8.02 3.32
N LYS A 16 14.17 -7.70 4.56
CA LYS A 16 15.45 -8.10 5.12
C LYS A 16 15.49 -9.59 5.40
N ILE A 17 16.67 -10.19 5.19
CA ILE A 17 16.94 -11.58 5.56
C ILE A 17 18.24 -11.61 6.36
N ARG A 18 18.36 -12.59 7.25
CA ARG A 18 19.52 -12.71 8.12
C ARG A 18 19.97 -14.16 8.20
N VAL A 19 21.27 -14.36 8.41
CA VAL A 19 21.84 -15.69 8.59
C VAL A 19 21.86 -15.99 10.09
N PRO A 20 21.11 -16.99 10.56
CA PRO A 20 21.20 -17.37 11.98
C PRO A 20 22.54 -18.02 12.30
N SER A 21 22.95 -17.88 13.55
CA SER A 21 24.18 -18.53 13.99
C SER A 21 24.00 -20.04 13.97
N ARG A 22 25.12 -20.75 13.81
CA ARG A 22 25.06 -22.21 13.87
C ARG A 22 24.51 -22.69 15.21
N GLU A 23 24.76 -21.94 16.28
CA GLU A 23 24.20 -22.26 17.58
C GLU A 23 22.67 -22.24 17.54
N GLU A 24 22.09 -21.21 16.93
CA GLU A 24 20.63 -21.11 16.83
C GLU A 24 20.06 -22.22 15.96
N ARG A 25 20.71 -22.49 14.83
CA ARG A 25 20.17 -23.47 13.87
C ARG A 25 20.06 -24.85 14.49
N GLU A 26 21.11 -25.30 15.16
CA GLU A 26 21.09 -26.63 15.77
C GLU A 26 20.03 -26.73 16.84
N ALA A 27 19.85 -25.67 17.63
CA ALA A 27 18.77 -25.66 18.62
C ALA A 27 17.41 -25.62 17.94
N ALA A 28 17.31 -24.88 16.84
CA ALA A 28 16.03 -24.78 16.12
C ALA A 28 15.62 -26.11 15.52
N LEU A 29 16.57 -26.85 14.92
CA LEU A 29 16.23 -28.13 14.32
C LEU A 29 15.91 -29.17 15.38
N LYS A 30 16.61 -29.14 16.51
CA LYS A 30 16.30 -30.05 17.59
C LYS A 30 14.92 -29.76 18.17
N GLU A 31 14.57 -28.48 18.28
CA GLU A 31 13.25 -28.11 18.76
C GLU A 31 12.17 -28.50 17.77
N ALA A 32 12.51 -28.57 16.47
CA ALA A 32 11.56 -28.85 15.41
C ALA A 32 11.41 -30.34 15.11
N GLY A 33 11.79 -31.20 16.04
CA GLY A 33 11.73 -32.63 15.80
C GLY A 33 12.50 -33.08 14.58
N TYR A 34 13.61 -32.40 14.26
CA TYR A 34 14.42 -32.69 13.08
C TYR A 34 13.61 -32.61 11.79
N ASN A 35 12.53 -31.85 11.81
CA ASN A 35 11.70 -31.62 10.63
C ASN A 35 11.73 -30.14 10.29
N PRO A 36 12.42 -29.73 9.21
CA PRO A 36 12.51 -28.29 8.91
C PRO A 36 11.16 -27.60 8.73
N PHE A 37 10.07 -28.34 8.46
CA PHE A 37 8.77 -27.71 8.38
C PHE A 37 8.37 -27.05 9.69
N LEU A 38 8.81 -27.61 10.82
CA LEU A 38 8.47 -27.10 12.14
C LEU A 38 9.41 -25.98 12.60
N LEU A 39 10.27 -25.46 11.70
CA LEU A 39 11.17 -24.36 12.02
C LEU A 39 10.45 -23.02 11.89
N PRO A 40 10.66 -22.11 12.84
CA PRO A 40 10.22 -20.72 12.63
C PRO A 40 11.06 -20.06 11.56
N SER A 41 10.42 -19.20 10.77
CA SER A 41 11.13 -18.54 9.67
C SER A 41 12.25 -17.63 10.17
N SER A 42 12.24 -17.26 11.45
CA SER A 42 13.32 -16.46 12.01
C SER A 42 14.62 -17.26 12.13
N ALA A 43 14.57 -18.58 11.93
CA ALA A 43 15.76 -19.42 11.96
C ALA A 43 16.16 -19.89 10.55
N VAL A 44 15.66 -19.24 9.51
CA VAL A 44 15.92 -19.62 8.14
C VAL A 44 16.54 -18.43 7.42
N TYR A 45 17.65 -18.66 6.72
CA TYR A 45 18.29 -17.61 5.94
C TYR A 45 17.62 -17.49 4.58
N ILE A 46 17.99 -18.34 3.64
CA ILE A 46 17.34 -18.43 2.34
C ILE A 46 16.37 -19.60 2.42
N ASP A 47 15.09 -19.34 2.11
CA ASP A 47 14.04 -20.34 2.28
C ASP A 47 13.68 -20.95 0.92
N LEU A 48 14.09 -22.20 0.71
CA LEU A 48 13.77 -22.95 -0.49
C LEU A 48 12.75 -24.06 -0.22
N LEU A 49 11.92 -23.87 0.80
CA LEU A 49 10.98 -24.91 1.19
C LEU A 49 9.90 -25.11 0.13
N THR A 50 9.54 -24.05 -0.60
CA THR A 50 8.48 -24.11 -1.58
C THR A 50 8.55 -22.88 -2.48
N ASP A 51 7.91 -23.00 -3.65
CA ASP A 51 7.63 -21.86 -4.51
C ASP A 51 6.17 -21.46 -4.45
N SER A 52 5.44 -21.96 -3.46
CA SER A 52 4.00 -21.74 -3.33
C SER A 52 3.74 -20.57 -2.38
N GLY A 53 3.17 -19.49 -2.91
CA GLY A 53 2.77 -18.36 -2.10
C GLY A 53 3.89 -17.50 -1.55
N THR A 54 5.14 -17.78 -1.94
CA THR A 54 6.30 -17.01 -1.51
C THR A 54 6.81 -16.07 -2.59
N ASN A 55 6.09 -15.95 -3.70
CA ASN A 55 6.56 -15.15 -4.81
C ASN A 55 6.44 -13.65 -4.48
N ALA A 56 7.08 -12.84 -5.32
CA ALA A 56 7.08 -11.40 -5.20
C ALA A 56 6.16 -10.82 -6.28
N MET A 57 5.18 -10.03 -5.86
CA MET A 57 4.25 -9.46 -6.80
C MET A 57 4.81 -8.18 -7.42
N SER A 58 4.22 -7.78 -8.53
CA SER A 58 4.61 -6.54 -9.18
C SER A 58 3.85 -5.37 -8.55
N ASP A 59 4.32 -4.16 -8.85
CA ASP A 59 3.59 -2.98 -8.39
C ASP A 59 2.18 -2.94 -8.98
N HIS A 60 2.02 -3.39 -10.23
N HIS A 60 2.02 -3.41 -10.22
CA HIS A 60 0.69 -3.48 -10.82
CA HIS A 60 0.69 -3.48 -10.82
C HIS A 60 -0.21 -4.43 -10.04
C HIS A 60 -0.21 -4.45 -10.06
N GLN A 61 0.35 -5.55 -9.57
CA GLN A 61 -0.43 -6.49 -8.77
C GLN A 61 -0.86 -5.86 -7.45
N TRP A 62 0.04 -5.11 -6.80
CA TRP A 62 -0.35 -4.44 -5.57
C TRP A 62 -1.37 -3.34 -5.84
N ALA A 63 -1.23 -2.63 -6.96
CA ALA A 63 -2.22 -1.62 -7.34
C ALA A 63 -3.57 -2.27 -7.59
N ALA A 64 -3.58 -3.47 -8.17
CA ALA A 64 -4.82 -4.20 -8.33
C ALA A 64 -5.42 -4.58 -6.97
N MET A 65 -4.59 -4.88 -5.99
CA MET A 65 -5.10 -5.19 -4.66
C MET A 65 -5.75 -3.98 -4.03
N ILE A 66 -5.14 -2.80 -4.18
CA ILE A 66 -5.64 -1.59 -3.53
C ILE A 66 -7.05 -1.25 -4.02
N THR A 67 -7.33 -1.50 -5.29
CA THR A 67 -8.66 -1.21 -5.82
C THR A 67 -9.53 -2.47 -5.91
N GLY A 68 -9.14 -3.53 -5.22
CA GLY A 68 -9.96 -4.74 -5.23
C GLY A 68 -11.32 -4.47 -4.62
N ASP A 69 -12.34 -5.12 -5.19
CA ASP A 69 -13.72 -4.95 -4.76
C ASP A 69 -14.06 -6.08 -3.78
N GLU A 70 -14.31 -5.69 -2.53
CA GLU A 70 -14.49 -6.65 -1.45
C GLU A 70 -15.95 -7.08 -1.26
N ALA A 71 -16.84 -6.66 -2.17
CA ALA A 71 -18.24 -7.06 -2.11
C ALA A 71 -18.38 -8.56 -1.95
N TYR A 72 -19.37 -8.98 -1.15
CA TYR A 72 -19.54 -10.39 -0.85
C TYR A 72 -20.01 -11.16 -2.08
N ALA A 73 -20.87 -10.55 -2.89
CA ALA A 73 -21.44 -11.21 -4.06
C ALA A 73 -21.30 -10.31 -5.27
N GLY A 74 -20.81 -10.86 -6.38
CA GLY A 74 -20.72 -10.11 -7.61
C GLY A 74 -19.58 -9.12 -7.66
N SER A 75 -18.46 -9.44 -7.03
CA SER A 75 -17.31 -8.55 -7.05
C SER A 75 -16.87 -8.30 -8.49
N ARG A 76 -16.52 -7.04 -8.77
CA ARG A 76 -16.03 -6.68 -10.10
C ARG A 76 -14.86 -7.56 -10.51
N ASN A 77 -13.99 -7.92 -9.56
CA ASN A 77 -12.84 -8.75 -9.86
C ASN A 77 -13.22 -10.17 -10.21
N TYR A 78 -14.33 -10.69 -9.66
CA TYR A 78 -14.78 -12.02 -10.05
C TYR A 78 -15.05 -12.08 -11.55
N TYR A 79 -15.70 -11.05 -12.10
CA TYR A 79 -16.03 -11.05 -13.52
C TYR A 79 -14.77 -10.86 -14.37
N ASP A 80 -13.83 -10.04 -13.90
CA ASP A 80 -12.54 -9.95 -14.59
C ASP A 80 -11.84 -11.30 -14.62
N LEU A 81 -11.95 -12.06 -13.52
CA LEU A 81 -11.34 -13.39 -13.47
C LEU A 81 -12.03 -14.34 -14.45
N LYS A 82 -13.36 -14.35 -14.46
CA LYS A 82 -14.10 -15.17 -15.41
C LYS A 82 -13.70 -14.86 -16.84
N ASP A 83 -13.55 -13.57 -17.17
CA ASP A 83 -13.11 -13.18 -18.50
C ASP A 83 -11.69 -13.67 -18.77
N LYS A 84 -10.80 -13.54 -17.79
CA LYS A 84 -9.42 -13.92 -17.99
C LYS A 84 -9.29 -15.41 -18.28
N ALA A 85 -10.14 -16.23 -17.63
CA ALA A 85 -10.07 -17.67 -17.88
C ALA A 85 -10.67 -18.01 -19.24
N LYS A 86 -11.70 -17.28 -19.67
CA LYS A 86 -12.18 -17.44 -21.03
C LYS A 86 -11.10 -17.05 -22.04
N GLU A 87 -10.35 -15.99 -21.75
CA GLU A 87 -9.28 -15.56 -22.65
C GLU A 87 -8.17 -16.60 -22.73
N LEU A 88 -7.66 -17.03 -21.58
CA LEU A 88 -6.49 -17.90 -21.57
C LEU A 88 -6.84 -19.32 -21.99
N PHE A 89 -7.82 -19.93 -21.32
CA PHE A 89 -8.09 -21.35 -21.47
C PHE A 89 -9.25 -21.66 -22.40
N ASN A 90 -10.05 -20.67 -22.78
CA ASN A 90 -11.29 -20.86 -23.54
C ASN A 90 -12.35 -21.58 -22.71
N TYR A 91 -12.28 -21.47 -21.38
CA TYR A 91 -13.20 -22.13 -20.48
C TYR A 91 -14.32 -21.19 -20.06
N ASP A 92 -15.55 -21.70 -20.05
CA ASP A 92 -16.73 -20.88 -19.87
C ASP A 92 -17.10 -20.65 -18.41
N TYR A 93 -16.56 -21.41 -17.47
CA TYR A 93 -17.01 -21.36 -16.08
C TYR A 93 -15.82 -21.33 -15.15
N ILE A 94 -15.88 -20.46 -14.12
CA ILE A 94 -14.87 -20.42 -13.08
C ILE A 94 -15.55 -20.50 -11.72
N ILE A 95 -14.81 -21.05 -10.75
CA ILE A 95 -15.13 -20.97 -9.33
C ILE A 95 -13.82 -20.64 -8.63
N PRO A 96 -13.69 -19.46 -8.02
CA PRO A 96 -12.48 -19.18 -7.25
C PRO A 96 -12.40 -20.08 -6.03
N ALA A 97 -11.18 -20.38 -5.63
CA ALA A 97 -10.89 -21.21 -4.46
C ALA A 97 -9.75 -20.55 -3.71
N HIS A 98 -9.62 -20.90 -2.41
CA HIS A 98 -8.65 -20.15 -1.62
C HIS A 98 -7.22 -20.56 -1.91
N GLN A 99 -7.02 -21.81 -2.35
CA GLN A 99 -5.74 -22.23 -2.94
C GLN A 99 -5.94 -23.58 -3.61
N GLY A 100 -4.83 -24.23 -3.98
CA GLY A 100 -4.89 -25.40 -4.83
C GLY A 100 -5.72 -26.53 -4.25
N ARG A 101 -5.45 -26.89 -2.99
CA ARG A 101 -6.20 -27.99 -2.38
C ARG A 101 -7.65 -27.60 -2.08
N GLY A 102 -7.96 -26.30 -2.05
CA GLY A 102 -9.36 -25.91 -1.98
C GLY A 102 -10.08 -26.16 -3.29
N ALA A 103 -9.37 -25.95 -4.41
CA ALA A 103 -9.92 -26.27 -5.72
C ALA A 103 -10.13 -27.78 -5.87
N GLU A 104 -9.19 -28.58 -5.37
CA GLU A 104 -9.35 -30.03 -5.43
C GLU A 104 -10.51 -30.50 -4.55
N ASN A 105 -10.69 -29.89 -3.39
CA ASN A 105 -11.80 -30.25 -2.51
C ASN A 105 -13.15 -29.89 -3.12
N ILE A 106 -13.20 -28.88 -3.99
CA ILE A 106 -14.44 -28.54 -4.68
C ILE A 106 -14.75 -29.56 -5.77
N LEU A 107 -13.75 -29.90 -6.58
CA LEU A 107 -14.00 -30.58 -7.85
C LEU A 107 -13.91 -32.11 -7.75
N PHE A 108 -12.99 -32.64 -6.94
CA PHE A 108 -12.78 -34.09 -6.90
C PHE A 108 -13.98 -34.82 -6.29
N PRO A 109 -14.57 -34.38 -5.18
CA PRO A 109 -15.79 -35.06 -4.73
C PRO A 109 -16.92 -34.98 -5.74
N VAL A 110 -17.05 -33.84 -6.42
CA VAL A 110 -18.11 -33.67 -7.41
C VAL A 110 -17.90 -34.60 -8.59
N LEU A 111 -16.64 -34.75 -9.03
CA LEU A 111 -16.35 -35.67 -10.11
C LEU A 111 -16.68 -37.11 -9.73
N LEU A 112 -16.46 -37.47 -8.46
CA LEU A 112 -16.74 -38.83 -8.02
C LEU A 112 -18.24 -39.11 -8.02
N LYS A 113 -19.04 -38.20 -7.47
CA LYS A 113 -20.48 -38.42 -7.43
C LYS A 113 -21.09 -38.36 -8.82
N TYR A 114 -20.57 -37.48 -9.68
CA TYR A 114 -21.04 -37.42 -11.06
C TYR A 114 -20.76 -38.72 -11.80
N LYS A 115 -19.61 -39.35 -11.52
CA LYS A 115 -19.27 -40.62 -12.15
C LYS A 115 -20.06 -41.79 -11.55
N GLN A 116 -20.49 -41.66 -10.30
CA GLN A 116 -21.23 -42.74 -9.64
C GLN A 116 -22.72 -42.72 -9.96
N LYS A 117 -23.18 -41.77 -10.78
CA LYS A 117 -24.56 -41.84 -11.26
C LYS A 117 -24.77 -43.13 -12.05
N GLU A 118 -26.01 -43.62 -12.02
CA GLU A 118 -26.40 -44.89 -12.65
C GLU A 118 -25.67 -46.08 -12.05
N GLY A 119 -25.10 -45.93 -10.85
CA GLY A 119 -24.54 -47.06 -10.13
C GLY A 119 -23.23 -47.58 -10.62
N LYS A 120 -22.49 -46.80 -11.42
CA LYS A 120 -21.16 -47.18 -11.87
C LYS A 120 -20.12 -46.51 -10.98
N ALA A 121 -18.84 -46.62 -11.37
CA ALA A 121 -17.73 -46.10 -10.59
C ALA A 121 -17.68 -46.73 -9.19
N LYS A 122 -18.01 -48.01 -9.13
CA LYS A 122 -18.05 -48.73 -7.87
C LYS A 122 -16.67 -48.92 -7.24
N ASN A 123 -15.61 -48.92 -8.06
CA ASN A 123 -14.23 -49.02 -7.57
C ASN A 123 -13.43 -47.85 -8.12
N PRO A 124 -13.68 -46.64 -7.61
CA PRO A 124 -13.20 -45.44 -8.30
C PRO A 124 -11.70 -45.25 -8.19
N VAL A 125 -11.10 -44.83 -9.30
CA VAL A 125 -9.67 -44.54 -9.36
C VAL A 125 -9.48 -43.20 -10.08
N PHE A 126 -8.38 -42.52 -9.74
CA PHE A 126 -7.85 -41.41 -10.52
C PHE A 126 -6.53 -41.83 -11.13
N ILE A 127 -6.28 -41.39 -12.36
CA ILE A 127 -5.02 -41.65 -13.04
C ILE A 127 -4.35 -40.33 -13.37
N SER A 128 -3.05 -40.24 -13.11
CA SER A 128 -2.27 -39.05 -13.41
C SER A 128 -0.88 -39.46 -13.82
N ASN A 129 -0.16 -38.53 -14.46
CA ASN A 129 1.26 -38.77 -14.63
C ASN A 129 1.97 -38.79 -13.28
N PHE A 130 1.58 -37.90 -12.37
CA PHE A 130 1.95 -38.04 -10.97
C PHE A 130 1.10 -37.08 -10.15
N HIS A 131 0.19 -37.63 -9.35
CA HIS A 131 -0.51 -36.83 -8.35
C HIS A 131 0.50 -36.30 -7.35
N PHE A 132 0.48 -35.00 -7.10
CA PHE A 132 1.26 -34.47 -6.00
C PHE A 132 0.58 -34.85 -4.68
N ASP A 133 1.20 -34.46 -3.57
CA ASP A 133 0.84 -35.07 -2.29
C ASP A 133 -0.56 -34.68 -1.86
N THR A 134 -0.90 -33.39 -1.89
CA THR A 134 -2.24 -32.97 -1.49
CA THR A 134 -2.24 -32.99 -1.47
C THR A 134 -3.30 -33.44 -2.49
N THR A 135 -2.93 -33.55 -3.77
CA THR A 135 -3.87 -34.04 -4.78
C THR A 135 -4.23 -35.50 -4.52
N ALA A 136 -3.21 -36.34 -4.32
CA ALA A 136 -3.45 -37.74 -3.99
C ALA A 136 -4.19 -37.89 -2.67
N ALA A 137 -3.96 -36.98 -1.72
CA ALA A 137 -4.64 -37.07 -0.44
C ALA A 137 -6.14 -36.88 -0.60
N HIS A 138 -6.56 -35.94 -1.45
CA HIS A 138 -7.99 -35.75 -1.68
C HIS A 138 -8.60 -36.91 -2.46
N VAL A 139 -7.85 -37.47 -3.40
CA VAL A 139 -8.31 -38.67 -4.10
C VAL A 139 -8.59 -39.78 -3.10
N GLU A 140 -7.67 -40.00 -2.16
CA GLU A 140 -7.82 -41.08 -1.19
C GLU A 140 -8.84 -40.73 -0.11
N LEU A 141 -8.96 -39.45 0.27
CA LEU A 141 -9.96 -39.08 1.27
C LEU A 141 -11.38 -39.35 0.78
N ASN A 142 -11.58 -39.36 -0.54
CA ASN A 142 -12.86 -39.71 -1.13
C ASN A 142 -12.98 -41.19 -1.47
N GLY A 143 -12.08 -42.02 -0.94
CA GLY A 143 -12.17 -43.45 -1.14
C GLY A 143 -11.71 -43.95 -2.49
N CYS A 144 -10.84 -43.23 -3.17
CA CYS A 144 -10.36 -43.61 -4.48
C CYS A 144 -8.87 -43.97 -4.43
N LYS A 145 -8.39 -44.56 -5.53
CA LYS A 145 -6.99 -44.86 -5.72
C LYS A 145 -6.36 -43.80 -6.61
N ALA A 146 -5.16 -43.36 -6.24
CA ALA A 146 -4.40 -42.40 -7.03
C ALA A 146 -3.29 -43.16 -7.74
N ILE A 147 -3.51 -43.46 -9.03
CA ILE A 147 -2.54 -44.20 -9.83
C ILE A 147 -1.64 -43.22 -10.56
N ASN A 148 -0.32 -43.40 -10.42
CA ASN A 148 0.69 -42.51 -11.00
C ASN A 148 1.49 -43.26 -12.04
N ILE A 149 1.50 -42.76 -13.27
CA ILE A 149 2.14 -43.46 -14.37
C ILE A 149 3.08 -42.53 -15.14
N VAL A 150 3.97 -41.84 -14.42
CA VAL A 150 4.98 -41.01 -15.08
C VAL A 150 5.84 -41.87 -15.98
N THR A 151 6.37 -41.26 -17.04
CA THR A 151 7.25 -41.98 -17.96
C THR A 151 8.46 -42.53 -17.23
N GLU A 152 8.94 -43.68 -17.71
CA GLU A 152 10.12 -44.32 -17.16
C GLU A 152 11.38 -43.47 -17.33
N LYS A 153 11.38 -42.56 -18.30
CA LYS A 153 12.55 -41.71 -18.51
C LYS A 153 12.76 -40.73 -17.37
N ALA A 154 11.74 -40.47 -16.56
CA ALA A 154 11.92 -39.60 -15.41
C ALA A 154 12.78 -40.23 -14.33
N PHE A 155 12.94 -41.56 -14.34
CA PHE A 155 13.67 -42.25 -13.30
C PHE A 155 15.18 -42.26 -13.52
N ASP A 156 15.64 -41.83 -14.69
CA ASP A 156 17.08 -41.70 -14.98
C ASP A 156 17.43 -40.22 -14.89
N SER A 157 17.98 -39.82 -13.74
CA SER A 157 18.19 -38.40 -13.47
C SER A 157 19.18 -37.77 -14.44
N GLU A 158 20.31 -38.44 -14.68
CA GLU A 158 21.39 -37.85 -15.46
C GLU A 158 21.14 -37.88 -16.95
N THR A 159 20.27 -38.76 -17.43
CA THR A 159 20.01 -38.86 -18.87
C THR A 159 18.98 -37.82 -19.27
N TYR A 160 19.35 -36.96 -20.22
CA TYR A 160 18.45 -35.90 -20.67
C TYR A 160 17.24 -36.48 -21.39
N ASP A 161 16.11 -35.80 -21.22
CA ASP A 161 14.92 -36.05 -22.02
C ASP A 161 14.13 -34.75 -22.11
N ASP A 162 13.45 -34.55 -23.24
CA ASP A 162 12.69 -33.33 -23.43
C ASP A 162 11.45 -33.27 -22.54
N TRP A 163 10.83 -34.42 -22.25
CA TRP A 163 9.51 -34.46 -21.64
C TRP A 163 9.48 -35.51 -20.53
N LYS A 164 10.24 -35.27 -19.46
CA LYS A 164 10.27 -36.22 -18.35
C LYS A 164 8.99 -36.22 -17.52
N GLY A 165 8.02 -35.38 -17.83
CA GLY A 165 6.76 -35.39 -17.13
C GLY A 165 5.65 -36.07 -17.89
N ASP A 166 5.95 -36.66 -19.04
CA ASP A 166 4.94 -37.25 -19.91
C ASP A 166 4.20 -38.39 -19.21
N PHE A 167 2.97 -38.63 -19.65
CA PHE A 167 2.26 -39.85 -19.32
C PHE A 167 2.93 -41.04 -20.02
N ASP A 168 3.01 -42.15 -19.31
CA ASP A 168 3.33 -43.44 -19.92
C ASP A 168 2.06 -43.91 -20.62
N ILE A 169 1.99 -43.74 -21.94
CA ILE A 169 0.75 -44.02 -22.68
C ILE A 169 0.40 -45.51 -22.56
N LYS A 170 1.40 -46.38 -22.60
CA LYS A 170 1.14 -47.81 -22.48
C LYS A 170 0.50 -48.13 -21.13
N LYS A 171 1.00 -47.52 -20.05
CA LYS A 171 0.45 -47.78 -18.73
C LYS A 171 -0.94 -47.17 -18.56
N LEU A 172 -1.21 -46.04 -19.23
CA LEU A 172 -2.56 -45.48 -19.21
C LEU A 172 -3.55 -46.44 -19.84
N LYS A 173 -3.19 -47.04 -20.98
CA LYS A 173 -4.06 -48.01 -21.61
C LYS A 173 -4.20 -49.26 -20.75
N GLU A 174 -3.11 -49.72 -20.13
CA GLU A 174 -3.17 -50.89 -19.26
C GLU A 174 -4.10 -50.66 -18.07
N ASN A 175 -4.04 -49.46 -17.48
CA ASN A 175 -4.87 -49.16 -16.33
C ASN A 175 -6.32 -48.89 -16.70
N ILE A 176 -6.59 -48.47 -17.93
CA ILE A 176 -7.98 -48.32 -18.35
C ILE A 176 -8.62 -49.69 -18.53
N ALA A 177 -7.85 -50.66 -19.01
CA ALA A 177 -8.37 -52.01 -19.21
C ALA A 177 -8.54 -52.74 -17.88
N GLN A 178 -7.55 -52.65 -16.98
CA GLN A 178 -7.60 -53.40 -15.74
C GLN A 178 -8.73 -52.90 -14.83
N HIS A 179 -8.96 -51.59 -14.80
CA HIS A 179 -9.99 -51.02 -13.94
C HIS A 179 -11.30 -50.78 -14.67
N GLY A 180 -11.27 -50.59 -15.99
CA GLY A 180 -12.48 -50.30 -16.74
C GLY A 180 -12.72 -48.81 -16.79
N ALA A 181 -13.22 -48.33 -17.94
CA ALA A 181 -13.47 -46.90 -18.10
C ALA A 181 -14.51 -46.37 -17.12
N ASP A 182 -15.41 -47.22 -16.63
CA ASP A 182 -16.48 -46.77 -15.73
C ASP A 182 -15.97 -46.49 -14.33
N ASN A 183 -14.82 -47.03 -13.94
CA ASN A 183 -14.29 -46.82 -12.59
C ASN A 183 -13.27 -45.69 -12.53
N ILE A 184 -12.91 -45.10 -13.66
CA ILE A 184 -11.92 -44.04 -13.70
C ILE A 184 -12.68 -42.71 -13.60
N VAL A 185 -12.63 -42.10 -12.41
CA VAL A 185 -13.36 -40.86 -12.20
C VAL A 185 -12.80 -39.75 -13.09
N ALA A 186 -11.48 -39.67 -13.18
CA ALA A 186 -10.85 -38.65 -14.02
C ALA A 186 -9.39 -39.00 -14.23
N ILE A 187 -8.85 -38.46 -15.32
CA ILE A 187 -7.42 -38.40 -15.57
C ILE A 187 -6.95 -36.99 -15.23
N VAL A 188 -5.92 -36.89 -14.40
CA VAL A 188 -5.36 -35.61 -13.97
C VAL A 188 -4.03 -35.41 -14.67
N SER A 189 -3.92 -34.31 -15.42
CA SER A 189 -2.69 -33.96 -16.13
C SER A 189 -2.00 -32.85 -15.36
N THR A 190 -0.94 -33.20 -14.63
CA THR A 190 -0.20 -32.23 -13.84
C THR A 190 0.88 -31.60 -14.71
N VAL A 191 0.82 -30.27 -14.84
CA VAL A 191 1.72 -29.52 -15.71
C VAL A 191 2.26 -28.33 -14.92
N THR A 192 3.58 -28.24 -14.79
CA THR A 192 4.56 -29.30 -15.01
C THR A 192 4.38 -30.37 -13.95
N CYS A 193 5.02 -31.52 -14.15
CA CYS A 193 4.90 -32.65 -13.21
C CYS A 193 5.80 -32.38 -12.02
N ASN A 194 5.20 -31.91 -10.93
CA ASN A 194 5.94 -31.54 -9.73
C ASN A 194 6.81 -32.70 -9.22
N SER A 195 6.24 -33.91 -9.15
CA SER A 195 6.95 -35.03 -8.55
C SER A 195 8.11 -35.51 -9.43
N ALA A 196 7.97 -35.46 -10.75
CA ALA A 196 9.04 -35.85 -11.65
C ALA A 196 10.19 -34.86 -11.68
N GLY A 197 10.07 -33.75 -10.95
CA GLY A 197 11.11 -32.73 -10.90
C GLY A 197 10.73 -31.45 -11.59
N GLY A 198 9.44 -31.12 -11.60
CA GLY A 198 8.99 -29.96 -12.35
C GLY A 198 9.18 -30.10 -13.84
N GLN A 199 9.12 -31.32 -14.35
CA GLN A 199 9.39 -31.70 -15.72
C GLN A 199 8.13 -31.58 -16.58
N PRO A 200 8.28 -31.12 -17.81
CA PRO A 200 7.10 -30.75 -18.61
C PRO A 200 6.44 -31.93 -19.30
N VAL A 201 5.20 -31.69 -19.72
CA VAL A 201 4.42 -32.63 -20.52
C VAL A 201 4.29 -32.06 -21.92
N SER A 202 4.70 -32.83 -22.92
CA SER A 202 4.65 -32.36 -24.30
C SER A 202 3.22 -32.16 -24.76
N MET A 203 3.06 -31.34 -25.81
CA MET A 203 1.73 -31.09 -26.34
C MET A 203 1.14 -32.36 -26.96
N SER A 204 1.97 -33.17 -27.62
CA SER A 204 1.48 -34.41 -28.21
C SER A 204 1.14 -35.44 -27.15
N ASN A 205 1.85 -35.43 -26.01
CA ASN A 205 1.49 -36.30 -24.90
C ASN A 205 0.13 -35.92 -24.34
N LEU A 206 -0.09 -34.62 -24.09
CA LEU A 206 -1.40 -34.17 -23.62
C LEU A 206 -2.49 -34.49 -24.63
N LYS A 207 -2.18 -34.35 -25.91
CA LYS A 207 -3.16 -34.61 -26.96
C LYS A 207 -3.58 -36.08 -26.97
N GLU A 208 -2.60 -36.99 -26.99
CA GLU A 208 -2.92 -38.40 -27.06
C GLU A 208 -3.60 -38.89 -25.79
N VAL A 209 -3.27 -38.31 -24.63
CA VAL A 209 -3.95 -38.68 -23.40
C VAL A 209 -5.42 -38.28 -23.48
N TYR A 210 -5.68 -37.05 -23.93
CA TYR A 210 -7.07 -36.58 -23.97
C TYR A 210 -7.89 -37.37 -24.98
N GLU A 211 -7.32 -37.65 -26.16
CA GLU A 211 -8.05 -38.42 -27.17
C GLU A 211 -8.37 -39.81 -26.66
N ILE A 212 -7.43 -40.44 -25.97
CA ILE A 212 -7.67 -41.76 -25.38
C ILE A 212 -8.78 -41.66 -24.33
N ALA A 213 -8.75 -40.61 -23.52
CA ALA A 213 -9.77 -40.44 -22.48
C ALA A 213 -11.14 -40.22 -23.10
N LYS A 214 -11.22 -39.43 -24.17
CA LYS A 214 -12.52 -39.20 -24.80
C LYS A 214 -13.06 -40.45 -25.47
N GLN A 215 -12.17 -41.31 -26.00
CA GLN A 215 -12.62 -42.60 -26.52
C GLN A 215 -13.34 -43.42 -25.46
N HIS A 216 -12.90 -43.31 -24.21
CA HIS A 216 -13.51 -44.04 -23.11
C HIS A 216 -14.47 -43.19 -22.29
N GLY A 217 -14.72 -41.96 -22.69
CA GLY A 217 -15.63 -41.10 -21.95
C GLY A 217 -15.13 -40.74 -20.56
N ILE A 218 -13.82 -40.51 -20.43
CA ILE A 218 -13.20 -40.20 -19.15
C ILE A 218 -12.94 -38.70 -19.08
N PHE A 219 -13.32 -38.10 -17.95
CA PHE A 219 -13.10 -36.68 -17.72
C PHE A 219 -11.63 -36.41 -17.45
N VAL A 220 -11.13 -35.27 -17.92
CA VAL A 220 -9.72 -34.92 -17.80
C VAL A 220 -9.60 -33.59 -17.07
N VAL A 221 -8.89 -33.58 -15.94
CA VAL A 221 -8.62 -32.38 -15.17
C VAL A 221 -7.16 -32.01 -15.32
N MET A 222 -6.90 -30.75 -15.66
CA MET A 222 -5.53 -30.24 -15.78
C MET A 222 -5.15 -29.61 -14.45
N ASP A 223 -4.25 -30.26 -13.73
CA ASP A 223 -3.65 -29.65 -12.55
C ASP A 223 -2.68 -28.58 -13.02
N SER A 224 -3.00 -27.31 -12.74
CA SER A 224 -2.46 -26.20 -13.50
C SER A 224 -1.55 -25.28 -12.68
N ALA A 225 -1.08 -25.73 -11.51
CA ALA A 225 -0.25 -24.88 -10.65
C ALA A 225 0.90 -24.25 -11.43
N ARG A 226 1.57 -25.03 -12.28
CA ARG A 226 2.74 -24.52 -13.00
C ARG A 226 2.54 -24.65 -14.51
N PHE A 227 1.39 -24.19 -15.01
CA PHE A 227 1.05 -24.37 -16.42
C PHE A 227 1.83 -23.45 -17.34
N CYS A 228 2.25 -22.28 -16.85
CA CYS A 228 3.03 -21.38 -17.71
C CYS A 228 4.44 -21.91 -17.89
N GLU A 229 5.03 -22.50 -16.85
CA GLU A 229 6.34 -23.11 -17.00
C GLU A 229 6.29 -24.31 -17.92
N ASN A 230 5.18 -25.05 -17.91
CA ASN A 230 5.00 -26.10 -18.91
C ASN A 230 4.89 -25.51 -20.31
N ALA A 231 4.15 -24.41 -20.46
CA ALA A 231 3.95 -23.81 -21.77
C ALA A 231 5.27 -23.30 -22.33
N TYR A 232 6.15 -22.79 -21.47
CA TYR A 232 7.46 -22.33 -21.94
C TYR A 232 8.28 -23.49 -22.49
N PHE A 233 8.32 -24.61 -21.77
CA PHE A 233 9.13 -25.74 -22.23
C PHE A 233 8.62 -26.28 -23.56
N ILE A 234 7.30 -26.25 -23.77
CA ILE A 234 6.76 -26.71 -25.05
C ILE A 234 7.27 -25.82 -26.19
N LYS A 235 7.27 -24.50 -25.97
CA LYS A 235 7.79 -23.61 -26.99
C LYS A 235 9.30 -23.74 -27.16
N ALA A 236 10.01 -24.05 -26.07
CA ALA A 236 11.47 -24.13 -26.13
C ALA A 236 11.94 -25.41 -26.80
N ARG A 237 11.13 -26.48 -26.74
CA ARG A 237 11.57 -27.82 -27.11
C ARG A 237 10.76 -28.47 -28.23
N ASP A 238 9.55 -27.99 -28.51
CA ASP A 238 8.72 -28.58 -29.54
C ASP A 238 8.82 -27.74 -30.81
N PRO A 239 9.47 -28.23 -31.87
CA PRO A 239 9.63 -27.42 -33.09
C PRO A 239 8.33 -26.90 -33.67
N LYS A 240 7.21 -27.58 -33.40
CA LYS A 240 5.92 -27.15 -33.95
C LYS A 240 5.50 -25.81 -33.38
N TYR A 241 5.94 -25.47 -32.17
CA TYR A 241 5.58 -24.22 -31.52
C TYR A 241 6.77 -23.27 -31.41
N LYS A 242 7.68 -23.33 -32.38
CA LYS A 242 8.89 -22.49 -32.33
C LYS A 242 8.54 -21.01 -32.44
N ASN A 243 7.55 -20.68 -33.28
CA ASN A 243 7.16 -19.30 -33.49
C ASN A 243 5.82 -18.94 -32.84
N ALA A 244 5.31 -19.81 -31.97
CA ALA A 244 4.05 -19.53 -31.30
C ALA A 244 4.27 -18.61 -30.09
N THR A 245 3.22 -17.89 -29.73
CA THR A 245 3.23 -17.16 -28.47
C THR A 245 2.95 -18.11 -27.31
N ILE A 246 3.32 -17.69 -26.11
CA ILE A 246 3.03 -18.50 -24.92
C ILE A 246 1.53 -18.70 -24.77
N LYS A 247 0.74 -17.66 -25.04
CA LYS A 247 -0.71 -17.78 -24.94
C LYS A 247 -1.27 -18.74 -25.97
N GLU A 248 -0.64 -18.86 -27.14
CA GLU A 248 -1.06 -19.86 -28.12
C GLU A 248 -0.77 -21.27 -27.63
N VAL A 249 0.39 -21.47 -26.99
CA VAL A 249 0.71 -22.76 -26.40
C VAL A 249 -0.28 -23.10 -25.30
N ILE A 250 -0.59 -22.13 -24.43
CA ILE A 250 -1.55 -22.36 -23.34
C ILE A 250 -2.93 -22.68 -23.90
N PHE A 251 -3.37 -21.90 -24.89
CA PHE A 251 -4.68 -22.13 -25.50
C PHE A 251 -4.77 -23.54 -26.07
N ASP A 252 -3.66 -24.06 -26.60
CA ASP A 252 -3.66 -25.40 -27.17
C ASP A 252 -3.61 -26.47 -26.09
N MET A 253 -2.80 -26.24 -25.05
CA MET A 253 -2.71 -27.18 -23.93
C MET A 253 -4.08 -27.51 -23.37
N TYR A 254 -4.95 -26.52 -23.29
CA TYR A 254 -6.24 -26.65 -22.63
C TYR A 254 -7.36 -27.06 -23.57
N LYS A 255 -7.04 -27.33 -24.83
CA LYS A 255 -7.95 -28.10 -25.66
C LYS A 255 -8.00 -29.56 -25.25
N TYR A 256 -7.05 -29.98 -24.41
CA TYR A 256 -6.88 -31.38 -24.04
C TYR A 256 -7.18 -31.59 -22.55
N ALA A 257 -8.11 -30.81 -22.02
CA ALA A 257 -8.70 -31.07 -20.71
C ALA A 257 -10.14 -30.59 -20.75
N ASP A 258 -10.91 -31.02 -19.75
CA ASP A 258 -12.29 -30.60 -19.61
C ASP A 258 -12.50 -29.64 -18.46
N ALA A 259 -11.50 -29.45 -17.60
CA ALA A 259 -11.54 -28.56 -16.45
C ALA A 259 -10.12 -28.45 -15.92
N LEU A 260 -9.92 -27.51 -15.00
CA LEU A 260 -8.62 -27.36 -14.36
C LEU A 260 -8.80 -27.07 -12.88
N THR A 261 -7.83 -27.52 -12.09
CA THR A 261 -7.65 -27.11 -10.70
C THR A 261 -6.31 -26.42 -10.62
N MET A 262 -6.29 -25.19 -10.14
CA MET A 262 -5.08 -24.38 -10.19
C MET A 262 -4.74 -23.87 -8.82
N SER A 263 -3.49 -24.02 -8.43
CA SER A 263 -2.96 -23.28 -7.29
C SER A 263 -2.35 -22.00 -7.86
N ALA A 264 -3.07 -20.90 -7.74
CA ALA A 264 -2.55 -19.63 -8.21
C ALA A 264 -1.38 -19.13 -7.37
N LYS A 265 -0.99 -19.86 -6.32
CA LYS A 265 0.18 -19.50 -5.51
C LYS A 265 1.50 -19.82 -6.20
N LYS A 266 1.45 -20.33 -7.44
CA LYS A 266 2.65 -20.70 -8.17
C LYS A 266 2.79 -19.78 -9.37
N ASP A 267 2.46 -20.22 -10.58
CA ASP A 267 2.71 -19.42 -11.78
C ASP A 267 1.94 -18.11 -11.85
N PRO A 268 0.74 -17.96 -11.28
CA PRO A 268 0.09 -16.64 -11.22
C PRO A 268 0.77 -15.64 -10.28
N LEU A 269 1.90 -16.00 -9.64
CA LEU A 269 2.73 -15.03 -8.92
C LEU A 269 2.01 -14.44 -7.71
N LEU A 270 1.39 -15.32 -6.91
CA LEU A 270 0.57 -14.87 -5.79
C LEU A 270 1.09 -15.44 -4.48
N ASN A 271 0.57 -14.87 -3.39
CA ASN A 271 0.82 -15.35 -2.03
C ASN A 271 -0.33 -16.18 -1.48
N ILE A 272 -1.48 -16.17 -2.16
CA ILE A 272 -2.63 -17.00 -1.82
C ILE A 272 -3.51 -17.03 -3.06
N GLY A 273 -4.36 -18.05 -3.16
CA GLY A 273 -5.31 -18.09 -4.25
C GLY A 273 -5.33 -19.39 -5.01
N GLY A 274 -6.54 -19.84 -5.37
CA GLY A 274 -6.72 -21.01 -6.21
C GLY A 274 -7.83 -20.75 -7.21
N LEU A 275 -8.07 -21.73 -8.06
CA LEU A 275 -9.06 -21.56 -9.12
C LEU A 275 -9.53 -22.92 -9.62
N VAL A 276 -10.84 -23.03 -9.82
CA VAL A 276 -11.44 -24.10 -10.61
C VAL A 276 -11.97 -23.46 -11.87
N ALA A 277 -11.69 -24.06 -13.01
CA ALA A 277 -12.26 -23.59 -14.27
C ALA A 277 -12.77 -24.80 -15.04
N ILE A 278 -13.91 -24.64 -15.71
CA ILE A 278 -14.59 -25.74 -16.39
C ILE A 278 -14.87 -25.30 -17.82
N ARG A 279 -14.58 -26.20 -18.77
CA ARG A 279 -14.66 -25.83 -20.19
C ARG A 279 -16.10 -25.51 -20.59
N ASP A 280 -17.01 -26.48 -20.47
CA ASP A 280 -18.38 -26.26 -20.91
C ASP A 280 -19.41 -27.17 -20.25
N ASN A 281 -19.01 -27.90 -19.21
CA ASN A 281 -19.94 -28.80 -18.51
C ASN A 281 -20.62 -28.00 -17.41
N GLU A 282 -21.80 -27.45 -17.73
CA GLU A 282 -22.52 -26.65 -16.75
C GLU A 282 -23.04 -27.49 -15.60
N GLU A 283 -23.27 -28.79 -15.82
CA GLU A 283 -23.74 -29.65 -14.73
C GLU A 283 -22.65 -29.86 -13.69
N ILE A 284 -21.42 -30.12 -14.13
CA ILE A 284 -20.30 -30.17 -13.20
C ILE A 284 -20.10 -28.80 -12.55
N PHE A 285 -20.23 -27.74 -13.34
CA PHE A 285 -20.14 -26.39 -12.80
C PHE A 285 -21.16 -26.18 -11.68
N THR A 286 -22.41 -26.55 -11.92
CA THR A 286 -23.44 -26.34 -10.91
C THR A 286 -23.20 -27.20 -9.68
N LEU A 287 -22.81 -28.46 -9.88
CA LEU A 287 -22.51 -29.33 -8.75
C LEU A 287 -21.29 -28.82 -7.97
N ALA A 288 -20.28 -28.32 -8.68
CA ALA A 288 -19.08 -27.82 -8.01
C ALA A 288 -19.37 -26.54 -7.23
N ARG A 289 -20.24 -25.68 -7.77
CA ARG A 289 -20.65 -24.50 -7.01
C ARG A 289 -21.34 -24.89 -5.71
N GLN A 290 -22.21 -25.91 -5.76
CA GLN A 290 -22.93 -26.33 -4.57
C GLN A 290 -22.01 -26.84 -3.48
N ARG A 291 -20.83 -27.35 -3.86
CA ARG A 291 -19.86 -27.74 -2.84
C ARG A 291 -18.97 -26.59 -2.42
N CYS A 292 -18.73 -25.63 -3.32
CA CYS A 292 -17.89 -24.48 -3.00
C CYS A 292 -18.45 -23.69 -1.82
N VAL A 293 -19.77 -23.66 -1.66
CA VAL A 293 -20.39 -22.77 -0.67
C VAL A 293 -20.16 -23.25 0.76
N PRO A 294 -20.35 -24.53 1.12
CA PRO A 294 -20.04 -24.92 2.50
C PRO A 294 -18.54 -25.04 2.78
N MET A 295 -17.72 -25.31 1.76
CA MET A 295 -16.31 -25.62 1.97
C MET A 295 -15.39 -24.41 1.82
N GLU A 296 -15.67 -23.50 0.90
CA GLU A 296 -14.76 -22.39 0.62
C GLU A 296 -15.38 -21.02 0.84
N GLY A 297 -16.65 -20.83 0.50
CA GLY A 297 -17.31 -19.55 0.58
C GLY A 297 -18.24 -19.38 -0.59
N PHE A 298 -18.82 -18.18 -0.71
CA PHE A 298 -19.73 -17.92 -1.81
C PHE A 298 -19.01 -18.06 -3.15
N VAL A 299 -19.81 -18.30 -4.20
CA VAL A 299 -19.24 -18.73 -5.48
C VAL A 299 -18.41 -17.65 -6.17
N THR A 300 -18.64 -16.38 -5.86
CA THR A 300 -17.93 -15.30 -6.53
C THR A 300 -16.69 -14.82 -5.77
N TYR A 301 -16.32 -15.49 -4.67
CA TYR A 301 -15.03 -15.22 -4.05
C TYR A 301 -14.30 -16.47 -3.55
N GLY A 302 -15.01 -17.51 -3.12
CA GLY A 302 -14.38 -18.81 -2.88
C GLY A 302 -13.30 -18.84 -1.83
N GLY A 303 -13.49 -18.10 -0.74
CA GLY A 303 -12.47 -18.05 0.30
C GLY A 303 -11.32 -17.11 0.03
N LEU A 304 -11.47 -16.18 -0.91
CA LEU A 304 -10.47 -15.15 -1.19
C LEU A 304 -11.04 -13.78 -0.91
N ALA A 305 -10.20 -12.88 -0.39
CA ALA A 305 -10.53 -11.47 -0.42
C ALA A 305 -10.64 -11.01 -1.87
N GLY A 306 -11.39 -9.93 -2.09
CA GLY A 306 -11.51 -9.37 -3.43
C GLY A 306 -10.19 -8.89 -3.99
N ARG A 307 -9.32 -8.37 -3.12
CA ARG A 307 -7.99 -7.93 -3.57
C ARG A 307 -7.20 -9.09 -4.15
N ASP A 308 -7.32 -10.27 -3.55
CA ASP A 308 -6.56 -11.41 -4.05
C ASP A 308 -7.06 -11.88 -5.41
N MET A 309 -8.36 -11.76 -5.68
CA MET A 309 -8.84 -12.04 -7.03
C MET A 309 -8.33 -11.02 -8.02
N ALA A 310 -8.19 -9.76 -7.60
CA ALA A 310 -7.63 -8.73 -8.48
C ALA A 310 -6.15 -9.01 -8.77
N ALA A 311 -5.40 -9.43 -7.75
CA ALA A 311 -4.01 -9.80 -7.98
C ALA A 311 -3.90 -10.99 -8.92
N MET A 312 -4.87 -11.91 -8.85
CA MET A 312 -4.85 -13.09 -9.71
C MET A 312 -5.05 -12.70 -11.17
N VAL A 313 -5.99 -11.79 -11.43
CA VAL A 313 -6.22 -11.33 -12.80
C VAL A 313 -4.94 -10.75 -13.39
N GLN A 314 -4.18 -10.01 -12.58
CA GLN A 314 -2.95 -9.40 -13.06
C GLN A 314 -1.80 -10.41 -13.12
N GLY A 315 -1.74 -11.32 -12.14
CA GLY A 315 -0.71 -12.33 -12.17
C GLY A 315 -0.88 -13.31 -13.32
N LEU A 316 -2.12 -13.66 -13.66
CA LEU A 316 -2.34 -14.57 -14.77
C LEU A 316 -1.84 -13.98 -16.07
N GLU A 317 -1.75 -12.67 -16.18
CA GLU A 317 -1.14 -12.07 -17.35
C GLU A 317 0.38 -12.07 -17.24
N GLU A 318 0.91 -11.62 -16.10
CA GLU A 318 2.36 -11.53 -15.96
C GLU A 318 3.02 -12.90 -16.04
N GLY A 319 2.40 -13.93 -15.48
CA GLY A 319 3.01 -15.25 -15.48
C GLY A 319 3.12 -15.89 -16.85
N THR A 320 2.42 -15.35 -17.85
CA THR A 320 2.53 -15.83 -19.22
C THR A 320 3.61 -15.12 -20.02
N GLU A 321 4.22 -14.06 -19.47
CA GLU A 321 5.17 -13.26 -20.24
C GLU A 321 6.46 -14.04 -20.48
N GLU A 322 6.79 -14.26 -21.76
CA GLU A 322 7.92 -15.12 -22.11
C GLU A 322 9.24 -14.55 -21.60
N GLU A 323 9.40 -13.23 -21.61
CA GLU A 323 10.66 -12.66 -21.14
CA GLU A 323 10.65 -12.66 -21.14
C GLU A 323 10.86 -12.90 -19.65
N TYR A 324 9.77 -12.92 -18.87
CA TYR A 324 9.89 -13.27 -17.46
C TYR A 324 10.15 -14.77 -17.28
N LEU A 325 9.46 -15.61 -18.05
CA LEU A 325 9.64 -17.05 -17.94
C LEU A 325 11.06 -17.46 -18.28
N HIS A 326 11.63 -16.83 -19.31
CA HIS A 326 13.00 -17.12 -19.70
C HIS A 326 13.97 -16.86 -18.54
N TYR A 327 13.82 -15.72 -17.87
CA TYR A 327 14.66 -15.44 -16.70
CA TYR A 327 14.66 -15.44 -16.70
C TYR A 327 14.39 -16.41 -15.57
N ARG A 328 13.11 -16.65 -15.26
CA ARG A 328 12.75 -17.48 -14.12
C ARG A 328 13.32 -18.89 -14.27
N ILE A 329 13.07 -19.51 -15.42
CA ILE A 329 13.53 -20.87 -15.62
C ILE A 329 15.03 -20.90 -15.88
N GLY A 330 15.57 -19.85 -16.51
CA GLY A 330 17.01 -19.73 -16.63
C GLY A 330 17.71 -19.65 -15.30
N GLN A 331 17.07 -19.04 -14.30
CA GLN A 331 17.70 -18.96 -12.98
C GLN A 331 17.73 -20.33 -12.30
N VAL A 332 16.63 -21.09 -12.40
CA VAL A 332 16.64 -22.46 -11.88
C VAL A 332 17.70 -23.28 -12.61
N LYS A 333 17.85 -23.06 -13.92
CA LYS A 333 18.85 -23.78 -14.70
C LYS A 333 20.26 -23.37 -14.31
N TYR A 334 20.46 -22.09 -13.97
CA TYR A 334 21.77 -21.65 -13.50
C TYR A 334 22.16 -22.34 -12.21
N LEU A 335 21.24 -22.43 -11.24
CA LEU A 335 21.54 -23.14 -10.00
C LEU A 335 21.82 -24.61 -10.27
N GLY A 336 21.12 -25.20 -11.24
CA GLY A 336 21.35 -26.60 -11.56
C GLY A 336 22.71 -26.82 -12.20
N ASP A 337 23.08 -25.97 -13.16
CA ASP A 337 24.39 -26.09 -13.80
C ASP A 337 25.52 -25.92 -12.79
N ARG A 338 25.38 -24.98 -11.84
CA ARG A 338 26.40 -24.82 -10.81
C ARG A 338 26.60 -26.13 -10.05
N LEU A 339 25.50 -26.77 -9.66
CA LEU A 339 25.60 -28.03 -8.94
C LEU A 339 26.12 -29.14 -9.85
N ARG A 340 25.61 -29.21 -11.09
CA ARG A 340 26.03 -30.26 -12.00
C ARG A 340 27.51 -30.13 -12.36
N GLU A 341 27.99 -28.90 -12.54
CA GLU A 341 29.40 -28.71 -12.87
C GLU A 341 30.32 -29.15 -11.75
N ALA A 342 29.85 -29.08 -10.49
CA ALA A 342 30.62 -29.50 -9.34
C ALA A 342 30.42 -30.97 -9.00
N GLY A 343 29.70 -31.72 -9.82
CA GLY A 343 29.53 -33.14 -9.59
C GLY A 343 28.31 -33.53 -8.77
N ILE A 344 27.42 -32.60 -8.48
CA ILE A 344 26.22 -32.90 -7.68
C ILE A 344 25.14 -33.46 -8.61
N PRO A 345 24.65 -34.68 -8.35
CA PRO A 345 23.65 -35.27 -9.25
C PRO A 345 22.28 -34.60 -9.06
N ILE A 346 21.72 -34.12 -10.16
CA ILE A 346 20.40 -33.49 -10.17
C ILE A 346 19.56 -34.12 -11.27
N GLN A 347 18.25 -33.94 -11.16
CA GLN A 347 17.35 -34.34 -12.24
C GLN A 347 17.62 -33.44 -13.44
N TYR A 348 18.24 -33.99 -14.47
CA TYR A 348 18.64 -33.24 -15.66
C TYR A 348 17.73 -33.60 -16.81
N PRO A 349 17.20 -32.61 -17.55
CA PRO A 349 17.36 -31.16 -17.36
C PRO A 349 16.53 -30.63 -16.20
N THR A 350 16.91 -29.46 -15.66
CA THR A 350 16.12 -28.84 -14.62
C THR A 350 14.74 -28.47 -15.15
N GLY A 351 13.76 -28.55 -14.26
CA GLY A 351 12.40 -28.14 -14.55
C GLY A 351 12.19 -26.66 -14.29
N GLY A 352 10.91 -26.29 -14.16
CA GLY A 352 10.54 -24.89 -14.18
C GLY A 352 10.83 -24.16 -12.89
N HIS A 353 10.63 -24.82 -11.75
CA HIS A 353 10.50 -24.13 -10.49
C HIS A 353 11.51 -24.53 -9.42
N ALA A 354 12.35 -25.53 -9.66
CA ALA A 354 13.19 -26.01 -8.58
C ALA A 354 14.28 -26.90 -9.15
N VAL A 355 15.40 -26.99 -8.42
CA VAL A 355 16.43 -27.98 -8.69
C VAL A 355 16.19 -29.16 -7.76
N PHE A 356 16.05 -30.35 -8.33
CA PHE A 356 15.85 -31.59 -7.57
C PHE A 356 17.17 -32.35 -7.54
N VAL A 357 17.75 -32.50 -6.35
CA VAL A 357 19.01 -33.20 -6.17
C VAL A 357 18.73 -34.68 -5.90
N ASP A 358 19.34 -35.55 -6.70
CA ASP A 358 19.16 -37.00 -6.58
C ASP A 358 19.95 -37.48 -5.38
N CYS A 359 19.29 -37.61 -4.24
CA CYS A 359 19.95 -38.09 -3.04
C CYS A 359 20.08 -39.60 -2.99
N LYS A 360 19.40 -40.31 -3.91
CA LYS A 360 19.61 -41.75 -4.04
C LYS A 360 21.02 -42.05 -4.51
N LYS A 361 21.63 -41.12 -5.26
CA LYS A 361 23.03 -41.21 -5.64
C LYS A 361 23.97 -40.49 -4.68
N LEU A 362 23.46 -39.50 -3.95
CA LEU A 362 24.34 -38.67 -3.12
C LEU A 362 24.67 -39.34 -1.79
N VAL A 363 23.69 -39.97 -1.16
CA VAL A 363 23.92 -40.66 0.11
C VAL A 363 23.47 -42.11 -0.04
N PRO A 364 24.23 -42.94 -0.77
CA PRO A 364 23.79 -44.34 -0.99
C PRO A 364 23.69 -45.15 0.29
N GLN A 365 24.41 -44.76 1.35
CA GLN A 365 24.42 -45.56 2.57
C GLN A 365 23.07 -45.52 3.30
N ILE A 366 22.22 -44.55 3.01
CA ILE A 366 20.93 -44.42 3.68
C ILE A 366 19.87 -45.09 2.81
N PRO A 367 19.12 -46.06 3.34
CA PRO A 367 18.03 -46.65 2.56
C PRO A 367 16.80 -45.74 2.54
N GLY A 368 15.96 -45.98 1.54
CA GLY A 368 14.79 -45.14 1.35
C GLY A 368 13.87 -45.10 2.55
N ASP A 369 13.80 -46.20 3.31
CA ASP A 369 12.98 -46.24 4.51
C ASP A 369 13.46 -45.25 5.57
N GLN A 370 14.73 -44.85 5.52
CA GLN A 370 15.30 -43.93 6.49
C GLN A 370 15.42 -42.51 5.94
N PHE A 371 14.87 -42.25 4.74
CA PHE A 371 14.76 -40.92 4.16
C PHE A 371 16.13 -40.31 3.94
N PRO A 372 16.82 -40.68 2.85
CA PRO A 372 18.16 -40.13 2.60
C PRO A 372 18.16 -38.65 2.28
N ALA A 373 17.14 -38.15 1.57
CA ALA A 373 17.13 -36.73 1.22
C ALA A 373 16.93 -35.86 2.45
N GLN A 374 16.10 -36.32 3.41
CA GLN A 374 15.89 -35.56 4.62
C GLN A 374 17.14 -35.47 5.48
N ALA A 375 18.10 -36.37 5.30
CA ALA A 375 19.38 -36.25 5.99
C ALA A 375 20.26 -35.20 5.31
N VAL A 376 20.21 -35.12 3.99
CA VAL A 376 20.95 -34.09 3.26
C VAL A 376 20.36 -32.71 3.55
N ILE A 377 19.04 -32.63 3.63
CA ILE A 377 18.37 -31.35 3.91
C ILE A 377 18.75 -30.85 5.29
N ASN A 378 18.62 -31.71 6.30
CA ASN A 378 18.97 -31.31 7.65
C ASN A 378 20.44 -30.93 7.75
N ALA A 379 21.30 -31.63 6.99
CA ALA A 379 22.71 -31.27 7.00
C ALA A 379 22.95 -29.91 6.36
N LEU A 380 22.25 -29.63 5.24
CA LEU A 380 22.42 -28.34 4.58
C LEU A 380 21.94 -27.20 5.47
N TYR A 381 20.83 -27.41 6.19
CA TYR A 381 20.31 -26.35 7.05
C TYR A 381 21.30 -26.04 8.17
N LEU A 382 21.82 -27.07 8.83
CA LEU A 382 22.78 -26.84 9.90
C LEU A 382 24.06 -26.21 9.37
N GLU A 383 24.41 -26.48 8.11
CA GLU A 383 25.62 -25.94 7.52
C GLU A 383 25.48 -24.47 7.16
N SER A 384 24.31 -24.05 6.66
CA SER A 384 24.22 -22.76 5.98
C SER A 384 22.98 -21.94 6.27
N GLY A 385 21.95 -22.49 6.95
CA GLY A 385 20.73 -21.77 7.17
C GLY A 385 19.71 -21.87 6.06
N VAL A 386 20.05 -22.50 4.94
CA VAL A 386 19.12 -22.72 3.84
C VAL A 386 18.17 -23.85 4.21
N ARG A 387 16.86 -23.64 3.98
CA ARG A 387 15.85 -24.64 4.25
C ARG A 387 15.26 -25.14 2.94
N ALA A 388 15.39 -26.45 2.69
CA ALA A 388 14.80 -27.11 1.53
C ALA A 388 13.83 -28.19 2.01
N VAL A 389 13.25 -28.91 1.05
CA VAL A 389 12.16 -29.84 1.31
C VAL A 389 12.46 -31.18 0.65
N GLU A 390 11.88 -32.24 1.20
CA GLU A 390 12.11 -33.61 0.73
C GLU A 390 11.00 -34.03 -0.22
N ILE A 391 11.40 -34.62 -1.35
CA ILE A 391 10.43 -35.19 -2.29
C ILE A 391 10.84 -36.64 -2.57
N GLY A 392 10.54 -37.54 -1.63
CA GLY A 392 10.91 -38.92 -1.78
C GLY A 392 10.04 -39.84 -0.94
N SER A 393 10.66 -40.84 -0.28
CA SER A 393 9.89 -41.78 0.52
C SER A 393 9.12 -41.08 1.65
N PHE A 394 9.70 -40.01 2.20
CA PHE A 394 9.09 -39.31 3.32
C PHE A 394 7.77 -38.66 2.90
N LEU A 395 7.83 -37.80 1.88
CA LEU A 395 6.62 -37.18 1.36
C LEU A 395 5.66 -38.19 0.77
N LEU A 396 6.17 -39.31 0.25
CA LEU A 396 5.33 -40.28 -0.45
C LEU A 396 4.27 -40.86 0.49
N GLY A 397 4.62 -41.10 1.74
CA GLY A 397 3.67 -41.62 2.70
C GLY A 397 3.50 -43.13 2.57
N ARG A 398 2.34 -43.59 3.01
CA ARG A 398 2.03 -45.01 3.03
C ARG A 398 0.82 -45.30 2.17
N ASP A 399 0.71 -46.56 1.75
CA ASP A 399 -0.41 -47.01 0.94
C ASP A 399 -1.67 -47.13 1.79
N PRO A 400 -2.77 -46.49 1.40
CA PRO A 400 -3.99 -46.56 2.23
C PRO A 400 -4.56 -47.96 2.37
N ALA A 401 -4.32 -48.85 1.39
CA ALA A 401 -4.90 -50.18 1.45
C ALA A 401 -4.07 -51.13 2.32
N THR A 402 -2.74 -51.05 2.20
CA THR A 402 -1.85 -51.96 2.92
C THR A 402 -1.25 -51.34 4.18
N GLY A 403 -1.01 -50.04 4.18
CA GLY A 403 -0.48 -49.36 5.34
C GLY A 403 1.02 -49.30 5.44
N GLU A 404 1.75 -49.72 4.42
CA GLU A 404 3.20 -49.74 4.45
C GLU A 404 3.75 -48.66 3.52
N GLN A 405 5.05 -48.44 3.63
CA GLN A 405 5.73 -47.40 2.85
C GLN A 405 5.46 -47.58 1.36
N LYS A 406 5.02 -46.51 0.72
CA LYS A 406 4.89 -46.52 -0.73
C LYS A 406 6.26 -46.61 -1.39
N HIS A 407 6.37 -47.46 -2.41
CA HIS A 407 7.64 -47.62 -3.10
C HIS A 407 8.01 -46.32 -3.81
N ALA A 408 9.22 -45.85 -3.56
CA ALA A 408 9.71 -44.58 -4.10
C ALA A 408 10.76 -44.88 -5.17
N ASP A 409 10.49 -44.45 -6.40
CA ASP A 409 11.49 -44.51 -7.45
C ASP A 409 12.50 -43.38 -7.34
N MET A 410 12.19 -42.32 -6.59
CA MET A 410 13.00 -41.13 -6.52
C MET A 410 13.19 -40.71 -5.08
N GLU A 411 14.37 -40.16 -4.77
CA GLU A 411 14.68 -39.59 -3.46
C GLU A 411 15.30 -38.21 -3.71
N PHE A 412 14.45 -37.21 -3.88
CA PHE A 412 14.88 -35.87 -4.26
C PHE A 412 14.91 -34.93 -3.06
N MET A 413 15.95 -34.09 -3.01
CA MET A 413 15.96 -32.88 -2.20
C MET A 413 15.61 -31.72 -3.13
N ARG A 414 14.48 -31.07 -2.86
CA ARG A 414 13.99 -30.01 -3.74
C ARG A 414 14.49 -28.66 -3.25
N LEU A 415 15.31 -28.02 -4.08
CA LEU A 415 15.72 -26.64 -3.87
C LEU A 415 14.71 -25.77 -4.61
N THR A 416 13.68 -25.31 -3.90
CA THR A 416 12.52 -24.69 -4.52
C THR A 416 12.71 -23.18 -4.58
N ILE A 417 12.51 -22.61 -5.77
CA ILE A 417 12.85 -21.21 -6.04
C ILE A 417 11.56 -20.41 -6.15
N ALA A 418 11.32 -19.53 -5.17
CA ALA A 418 10.24 -18.56 -5.27
C ALA A 418 10.50 -17.61 -6.44
N ARG A 419 9.41 -17.13 -7.05
CA ARG A 419 9.51 -16.33 -8.27
C ARG A 419 9.82 -14.87 -7.94
N ARG A 420 10.88 -14.34 -8.58
CA ARG A 420 11.27 -12.93 -8.52
C ARG A 420 11.65 -12.49 -7.11
N VAL A 421 12.25 -13.40 -6.33
CA VAL A 421 12.54 -13.14 -4.92
C VAL A 421 14.03 -13.18 -4.63
N TYR A 422 14.76 -14.10 -5.25
CA TYR A 422 16.18 -14.29 -4.97
C TYR A 422 16.99 -14.03 -6.23
N THR A 423 18.13 -13.37 -6.07
CA THR A 423 19.03 -13.07 -7.17
C THR A 423 19.95 -14.26 -7.42
N ASN A 424 20.69 -14.19 -8.53
CA ASN A 424 21.62 -15.26 -8.86
C ASN A 424 22.78 -15.33 -7.87
N ASP A 425 23.01 -14.29 -7.09
CA ASP A 425 24.00 -14.36 -6.03
C ASP A 425 23.48 -15.12 -4.83
N HIS A 426 22.16 -15.20 -4.65
CA HIS A 426 21.60 -16.16 -3.71
C HIS A 426 21.78 -17.58 -4.22
N MET A 427 21.56 -17.79 -5.53
CA MET A 427 21.82 -19.09 -6.12
C MET A 427 23.25 -19.54 -5.88
N ASP A 428 24.20 -18.60 -5.96
CA ASP A 428 25.59 -18.93 -5.70
C ASP A 428 25.80 -19.38 -4.25
N TYR A 429 25.17 -18.69 -3.30
CA TYR A 429 25.30 -19.09 -1.90
C TYR A 429 24.76 -20.50 -1.68
N ILE A 430 23.56 -20.78 -2.21
CA ILE A 430 22.99 -22.11 -2.07
C ILE A 430 23.92 -23.15 -2.69
N ALA A 431 24.47 -22.85 -3.86
CA ALA A 431 25.34 -23.79 -4.55
C ALA A 431 26.55 -24.14 -3.71
N ASP A 432 27.32 -23.11 -3.32
CA ASP A 432 28.55 -23.35 -2.57
C ASP A 432 28.27 -24.05 -1.25
N ALA A 433 27.16 -23.71 -0.60
CA ALA A 433 26.79 -24.35 0.66
C ALA A 433 26.64 -25.86 0.49
N LEU A 434 25.99 -26.29 -0.59
CA LEU A 434 25.82 -27.73 -0.80
C LEU A 434 27.13 -28.38 -1.22
N ILE A 435 27.89 -27.72 -2.10
CA ILE A 435 29.16 -28.26 -2.56
C ILE A 435 30.12 -28.46 -1.39
N GLY A 436 30.05 -27.60 -0.38
CA GLY A 436 30.90 -27.73 0.79
C GLY A 436 30.59 -28.91 1.68
N LEU A 437 29.54 -29.68 1.38
CA LEU A 437 29.17 -30.84 2.16
C LEU A 437 29.62 -32.16 1.53
N LYS A 438 30.54 -32.11 0.56
CA LYS A 438 30.93 -33.32 -0.15
C LYS A 438 31.58 -34.33 0.79
N GLU A 439 32.55 -33.89 1.58
CA GLU A 439 33.23 -34.81 2.49
C GLU A 439 32.36 -35.24 3.67
N LYS A 440 31.07 -34.87 3.71
CA LYS A 440 30.19 -35.26 4.79
C LYS A 440 28.99 -36.09 4.35
N PHE A 441 28.71 -36.17 3.05
CA PHE A 441 27.55 -36.92 2.55
C PHE A 441 27.57 -38.35 3.05
N ALA A 442 28.66 -39.09 2.75
CA ALA A 442 28.75 -40.49 3.13
C ALA A 442 28.64 -40.71 4.63
N THR A 443 28.90 -39.68 5.43
CA THR A 443 28.86 -39.79 6.88
C THR A 443 27.45 -39.66 7.44
N LEU A 444 26.51 -39.11 6.67
CA LEU A 444 25.16 -38.90 7.16
C LEU A 444 24.44 -40.23 7.38
N LYS A 445 23.39 -40.18 8.21
CA LYS A 445 22.55 -41.36 8.42
C LYS A 445 21.08 -40.93 8.42
N GLY A 446 20.21 -41.92 8.29
CA GLY A 446 18.80 -41.68 8.10
C GLY A 446 18.07 -41.30 9.37
N LEU A 447 16.75 -41.17 9.23
CA LEU A 447 15.88 -40.71 10.30
C LEU A 447 14.85 -41.78 10.60
N GLU A 448 14.23 -41.67 11.78
CA GLU A 448 13.11 -42.54 12.14
C GLU A 448 12.05 -41.72 12.85
N PHE A 449 10.81 -42.22 12.81
CA PHE A 449 9.67 -41.46 13.28
C PHE A 449 9.59 -41.44 14.79
N GLU A 450 9.43 -40.25 15.34
CA GLU A 450 9.05 -40.03 16.72
C GLU A 450 7.57 -39.68 16.87
N TYR A 451 6.98 -39.07 15.85
CA TYR A 451 5.55 -38.85 15.77
C TYR A 451 5.17 -38.82 14.30
N GLU A 452 4.28 -39.73 13.89
CA GLU A 452 3.88 -39.82 12.48
C GLU A 452 2.39 -39.60 12.33
N PRO A 453 1.95 -38.61 11.56
CA PRO A 453 0.53 -38.49 11.21
C PRO A 453 0.15 -39.52 10.16
N PRO A 454 -1.12 -39.92 10.10
CA PRO A 454 -1.54 -40.89 9.07
C PRO A 454 -1.79 -40.27 7.69
N VAL A 455 -1.96 -38.94 7.62
CA VAL A 455 -2.26 -38.27 6.36
C VAL A 455 -1.29 -37.11 6.20
N LEU A 456 -0.61 -37.05 5.05
CA LEU A 456 0.34 -36.00 4.75
C LEU A 456 1.36 -35.84 5.88
N ARG A 457 2.04 -36.96 6.17
CA ARG A 457 2.84 -37.07 7.38
C ARG A 457 4.01 -36.10 7.41
N HIS A 458 4.60 -35.78 6.24
CA HIS A 458 5.87 -35.07 6.23
C HIS A 458 5.75 -33.62 6.68
N PHE A 459 4.54 -33.07 6.75
CA PHE A 459 4.38 -31.67 7.16
C PHE A 459 4.63 -31.49 8.66
N THR A 460 4.10 -32.37 9.50
CA THR A 460 4.15 -32.18 10.94
C THR A 460 4.79 -33.35 11.69
N ALA A 461 5.33 -34.33 10.99
CA ALA A 461 5.99 -35.45 11.66
C ALA A 461 7.23 -34.96 12.40
N ARG A 462 7.49 -35.57 13.56
CA ARG A 462 8.72 -35.33 14.30
C ARG A 462 9.62 -36.54 14.17
N LEU A 463 10.85 -36.31 13.72
CA LEU A 463 11.80 -37.38 13.41
C LEU A 463 12.91 -37.42 14.46
N LYS A 464 13.61 -38.55 14.48
CA LYS A 464 14.72 -38.79 15.38
C LYS A 464 15.89 -39.32 14.56
N PRO A 465 17.07 -38.73 14.65
CA PRO A 465 18.21 -39.21 13.85
C PRO A 465 18.67 -40.59 14.33
N ILE A 466 18.80 -41.51 13.38
CA ILE A 466 19.30 -42.86 13.67
C ILE A 466 20.81 -42.77 13.85
N GLU A 467 21.29 -43.03 15.06
CA GLU A 467 22.72 -42.94 15.36
C GLU A 467 23.40 -44.29 15.20
N ALA B 2 -34.08 8.84 17.44
CA ALA B 2 -32.88 8.11 17.06
C ALA B 2 -31.65 8.96 17.36
N LYS B 3 -30.63 8.34 17.94
CA LYS B 3 -29.44 9.05 18.43
C LYS B 3 -28.23 8.69 17.58
N ARG B 4 -27.63 9.69 16.95
CA ARG B 4 -26.40 9.50 16.19
CA ARG B 4 -26.40 9.51 16.20
C ARG B 4 -25.19 9.54 17.13
N ILE B 5 -24.24 8.65 16.87
CA ILE B 5 -22.99 8.59 17.63
C ILE B 5 -21.84 8.87 16.67
N VAL B 6 -20.91 9.73 17.10
CA VAL B 6 -19.79 10.19 16.29
C VAL B 6 -18.75 9.09 16.15
N GLU B 7 -18.13 9.01 14.98
CA GLU B 7 -17.08 8.04 14.74
C GLU B 7 -15.89 8.29 15.67
N PRO B 8 -15.32 7.24 16.26
CA PRO B 8 -14.08 7.42 17.03
C PRO B 8 -12.86 7.29 16.13
N PHE B 9 -13.01 7.77 14.90
CA PHE B 9 -11.95 7.73 13.91
C PHE B 9 -12.31 8.76 12.83
N ARG B 10 -11.42 8.91 11.85
CA ARG B 10 -11.73 9.68 10.65
C ARG B 10 -11.33 8.87 9.43
N ILE B 11 -11.75 9.36 8.27
CA ILE B 11 -11.58 8.63 7.03
C ILE B 11 -10.18 8.85 6.50
N LYS B 12 -9.49 7.77 6.16
CA LYS B 12 -8.18 7.88 5.54
C LYS B 12 -8.16 7.49 4.07
N MET B 13 -9.10 6.66 3.62
N MET B 13 -9.12 6.68 3.62
CA MET B 13 -9.20 6.27 2.23
CA MET B 13 -9.21 6.32 2.22
C MET B 13 -10.68 6.04 1.90
C MET B 13 -10.65 6.01 1.89
N VAL B 14 -11.08 6.39 0.68
CA VAL B 14 -12.47 6.25 0.26
C VAL B 14 -12.55 5.29 -0.92
N GLU B 15 -13.78 4.82 -1.16
CA GLU B 15 -14.13 4.01 -2.32
C GLU B 15 -15.44 4.53 -2.87
N LYS B 16 -15.48 4.82 -4.17
CA LYS B 16 -16.66 5.42 -4.77
C LYS B 16 -17.82 4.42 -4.86
N ILE B 17 -19.03 4.90 -4.56
CA ILE B 17 -20.25 4.12 -4.75
C ILE B 17 -21.17 4.90 -5.67
N ARG B 18 -22.16 4.19 -6.22
CA ARG B 18 -22.96 4.74 -7.29
C ARG B 18 -24.37 4.15 -7.22
N VAL B 19 -25.36 4.97 -7.53
CA VAL B 19 -26.76 4.54 -7.58
C VAL B 19 -27.06 4.07 -9.00
N PRO B 20 -27.40 2.81 -9.22
CA PRO B 20 -27.85 2.37 -10.54
C PRO B 20 -29.29 2.78 -10.80
N SER B 21 -29.58 3.05 -12.07
CA SER B 21 -30.93 3.47 -12.44
C SER B 21 -31.94 2.38 -12.14
N ARG B 22 -33.22 2.76 -12.14
CA ARG B 22 -34.29 1.78 -11.96
C ARG B 22 -34.24 0.71 -13.04
N GLU B 23 -34.00 1.11 -14.29
CA GLU B 23 -33.91 0.15 -15.38
C GLU B 23 -32.79 -0.86 -15.14
N GLU B 24 -31.64 -0.38 -14.66
CA GLU B 24 -30.53 -1.30 -14.36
C GLU B 24 -30.89 -2.28 -13.26
N ARG B 25 -31.69 -1.86 -12.27
CA ARG B 25 -31.99 -2.74 -11.15
C ARG B 25 -33.03 -3.80 -11.52
N GLU B 26 -34.07 -3.41 -12.25
CA GLU B 26 -35.09 -4.38 -12.65
C GLU B 26 -34.51 -5.40 -13.63
N ALA B 27 -33.69 -4.95 -14.58
CA ALA B 27 -33.03 -5.88 -15.50
C ALA B 27 -32.10 -6.82 -14.75
N ALA B 28 -31.34 -6.28 -13.79
CA ALA B 28 -30.35 -7.08 -13.07
C ALA B 28 -31.01 -8.13 -12.18
N LEU B 29 -32.08 -7.75 -11.47
CA LEU B 29 -32.73 -8.70 -10.58
C LEU B 29 -33.46 -9.80 -11.35
N LYS B 30 -34.02 -9.49 -12.52
CA LYS B 30 -34.57 -10.52 -13.38
C LYS B 30 -33.46 -11.44 -13.88
N GLU B 31 -32.33 -10.87 -14.29
CA GLU B 31 -31.21 -11.68 -14.73
C GLU B 31 -30.66 -12.54 -13.59
N ALA B 32 -30.78 -12.06 -12.35
CA ALA B 32 -30.24 -12.75 -11.19
C ALA B 32 -31.18 -13.79 -10.61
N GLY B 33 -32.22 -14.17 -11.35
CA GLY B 33 -33.17 -15.16 -10.84
C GLY B 33 -33.91 -14.73 -9.60
N TYR B 34 -34.16 -13.43 -9.46
CA TYR B 34 -34.86 -12.84 -8.32
C TYR B 34 -34.18 -13.22 -6.99
N ASN B 35 -32.87 -13.44 -7.05
CA ASN B 35 -32.05 -13.67 -5.87
C ASN B 35 -30.96 -12.61 -5.86
N PRO B 36 -31.02 -11.61 -4.97
CA PRO B 36 -29.99 -10.56 -5.00
C PRO B 36 -28.58 -11.08 -4.79
N PHE B 37 -28.42 -12.28 -4.25
CA PHE B 37 -27.08 -12.88 -4.12
C PHE B 37 -26.40 -13.04 -5.48
N LEU B 38 -27.18 -13.21 -6.53
CA LEU B 38 -26.65 -13.36 -7.89
C LEU B 38 -26.50 -12.01 -8.60
N LEU B 39 -26.74 -10.90 -7.91
CA LEU B 39 -26.54 -9.59 -8.52
C LEU B 39 -25.05 -9.20 -8.52
N PRO B 40 -24.60 -8.46 -9.52
CA PRO B 40 -23.24 -7.93 -9.49
C PRO B 40 -23.15 -6.71 -8.59
N SER B 41 -21.93 -6.46 -8.10
CA SER B 41 -21.73 -5.34 -7.20
C SER B 41 -21.98 -4.01 -7.89
N SER B 42 -21.73 -3.94 -9.20
CA SER B 42 -21.95 -2.70 -9.94
C SER B 42 -23.42 -2.33 -10.01
N ALA B 43 -24.32 -3.32 -9.92
CA ALA B 43 -25.75 -3.06 -9.90
C ALA B 43 -26.28 -2.74 -8.51
N VAL B 44 -25.41 -2.55 -7.52
CA VAL B 44 -25.82 -2.30 -6.14
C VAL B 44 -25.31 -0.95 -5.70
N TYR B 45 -26.13 -0.24 -4.92
CA TYR B 45 -25.73 1.02 -4.32
C TYR B 45 -25.10 0.75 -2.95
N ILE B 46 -25.91 0.76 -1.90
CA ILE B 46 -25.46 0.41 -0.56
C ILE B 46 -25.68 -1.09 -0.37
N ASP B 47 -24.61 -1.82 -0.10
CA ASP B 47 -24.66 -3.27 0.00
C ASP B 47 -24.79 -3.66 1.46
N LEU B 48 -25.97 -4.17 1.84
CA LEU B 48 -26.25 -4.64 3.19
C LEU B 48 -26.45 -6.15 3.22
N LEU B 49 -25.89 -6.85 2.23
CA LEU B 49 -26.01 -8.29 2.16
C LEU B 49 -25.39 -8.97 3.38
N THR B 50 -24.25 -8.47 3.85
CA THR B 50 -23.53 -9.12 4.94
C THR B 50 -22.59 -8.14 5.59
N ASP B 51 -22.21 -8.46 6.83
CA ASP B 51 -21.12 -7.78 7.52
C ASP B 51 -19.84 -8.61 7.52
N SER B 52 -19.80 -9.68 6.70
CA SER B 52 -18.66 -10.59 6.66
C SER B 52 -17.72 -10.17 5.54
N GLY B 53 -16.49 -9.79 5.91
CA GLY B 53 -15.44 -9.56 4.95
C GLY B 53 -15.51 -8.24 4.22
N THR B 54 -16.49 -7.39 4.52
CA THR B 54 -16.68 -6.12 3.83
C THR B 54 -16.27 -4.94 4.70
N ASN B 55 -15.60 -5.18 5.82
CA ASN B 55 -15.26 -4.11 6.74
C ASN B 55 -14.10 -3.27 6.20
N ALA B 56 -13.99 -2.06 6.73
CA ALA B 56 -12.89 -1.15 6.41
C ALA B 56 -11.81 -1.31 7.48
N MET B 57 -10.59 -1.60 7.05
CA MET B 57 -9.50 -1.77 7.99
C MET B 57 -8.87 -0.42 8.33
N SER B 58 -8.04 -0.42 9.37
CA SER B 58 -7.34 0.80 9.76
C SER B 58 -6.06 0.94 8.93
N ASP B 59 -5.38 2.07 9.13
CA ASP B 59 -4.05 2.21 8.54
C ASP B 59 -3.04 1.28 9.19
N HIS B 60 -3.26 0.95 10.47
CA HIS B 60 -2.36 0.01 11.15
C HIS B 60 -2.50 -1.39 10.59
N GLN B 61 -3.73 -1.81 10.25
CA GLN B 61 -3.93 -3.14 9.68
C GLN B 61 -3.27 -3.23 8.31
N TRP B 62 -3.46 -2.23 7.46
CA TRP B 62 -2.81 -2.21 6.17
C TRP B 62 -1.29 -2.18 6.33
N ALA B 63 -0.79 -1.47 7.35
CA ALA B 63 0.65 -1.44 7.58
C ALA B 63 1.16 -2.79 8.05
N ALA B 64 0.38 -3.49 8.88
CA ALA B 64 0.74 -4.84 9.28
C ALA B 64 0.80 -5.77 8.08
N MET B 65 -0.10 -5.58 7.12
CA MET B 65 -0.14 -6.48 5.96
C MET B 65 1.10 -6.37 5.12
N ILE B 66 1.61 -5.16 4.91
CA ILE B 66 2.70 -5.04 3.96
C ILE B 66 4.06 -5.48 4.55
N THR B 67 4.22 -5.49 5.86
CA THR B 67 5.34 -6.18 6.47
C THR B 67 5.00 -7.62 6.84
N GLY B 68 3.87 -8.13 6.36
CA GLY B 68 3.50 -9.51 6.64
C GLY B 68 4.55 -10.49 6.13
N ASP B 69 4.72 -11.58 6.88
CA ASP B 69 5.72 -12.60 6.59
C ASP B 69 5.05 -13.73 5.80
N GLU B 70 5.39 -13.83 4.52
CA GLU B 70 4.73 -14.77 3.63
C GLU B 70 5.39 -16.15 3.61
N ALA B 71 6.28 -16.42 4.56
CA ALA B 71 6.94 -17.73 4.65
C ALA B 71 5.92 -18.84 4.69
N TYR B 72 6.24 -19.96 4.03
CA TYR B 72 5.29 -21.06 4.00
C TYR B 72 5.10 -21.66 5.39
N ALA B 73 6.19 -21.86 6.12
CA ALA B 73 6.15 -22.48 7.44
C ALA B 73 6.81 -21.56 8.45
N GLY B 74 6.17 -21.40 9.61
CA GLY B 74 6.75 -20.65 10.70
C GLY B 74 6.70 -19.15 10.58
N SER B 75 5.72 -18.61 9.84
CA SER B 75 5.61 -17.17 9.63
C SER B 75 5.63 -16.44 10.96
N ARG B 76 6.33 -15.30 10.98
CA ARG B 76 6.41 -14.50 12.20
CA ARG B 76 6.41 -14.50 12.19
C ARG B 76 5.03 -14.13 12.71
N ASN B 77 4.09 -13.89 11.79
CA ASN B 77 2.74 -13.50 12.17
C ASN B 77 1.96 -14.65 12.80
N TYR B 78 2.30 -15.91 12.48
CA TYR B 78 1.65 -17.03 13.14
C TYR B 78 1.90 -17.01 14.65
N TYR B 79 3.13 -16.70 15.06
CA TYR B 79 3.44 -16.64 16.49
C TYR B 79 2.81 -15.41 17.14
N ASP B 80 2.76 -14.29 16.42
CA ASP B 80 1.99 -13.14 16.90
C ASP B 80 0.53 -13.52 17.10
N LEU B 81 -0.04 -14.25 16.16
CA LEU B 81 -1.44 -14.69 16.28
C LEU B 81 -1.61 -15.63 17.46
N LYS B 82 -0.65 -16.53 17.67
CA LYS B 82 -0.72 -17.47 18.79
C LYS B 82 -0.70 -16.71 20.12
N ASP B 83 0.23 -15.76 20.26
CA ASP B 83 0.30 -14.99 21.50
C ASP B 83 -0.95 -14.17 21.71
N LYS B 84 -1.53 -13.64 20.62
CA LYS B 84 -2.73 -12.82 20.74
C LYS B 84 -3.89 -13.63 21.31
N ALA B 85 -4.06 -14.88 20.87
CA ALA B 85 -5.14 -15.71 21.37
C ALA B 85 -4.92 -16.11 22.82
N LYS B 86 -3.66 -16.31 23.22
CA LYS B 86 -3.36 -16.57 24.62
C LYS B 86 -3.61 -15.35 25.48
N GLU B 87 -3.40 -14.15 24.92
CA GLU B 87 -3.72 -12.93 25.65
C GLU B 87 -5.22 -12.75 25.78
N LEU B 88 -5.95 -12.93 24.68
CA LEU B 88 -7.37 -12.59 24.68
C LEU B 88 -8.22 -13.67 25.32
N PHE B 89 -8.00 -14.93 24.93
CA PHE B 89 -8.86 -16.04 25.33
C PHE B 89 -8.22 -16.97 26.35
N ASN B 90 -6.92 -16.81 26.64
CA ASN B 90 -6.17 -17.71 27.51
C ASN B 90 -6.14 -19.13 26.94
N TYR B 91 -6.17 -19.25 25.61
CA TYR B 91 -6.09 -20.54 24.95
C TYR B 91 -4.66 -20.80 24.50
N ASP B 92 -4.23 -22.05 24.57
CA ASP B 92 -2.82 -22.37 24.40
C ASP B 92 -2.48 -22.90 23.02
N TYR B 93 -3.47 -23.15 22.17
CA TYR B 93 -3.23 -23.63 20.81
C TYR B 93 -4.08 -22.83 19.84
N ILE B 94 -3.53 -22.57 18.65
CA ILE B 94 -4.26 -21.93 17.57
C ILE B 94 -4.00 -22.67 16.27
N ILE B 95 -4.99 -22.64 15.38
CA ILE B 95 -4.85 -23.09 14.00
C ILE B 95 -5.54 -22.06 13.12
N PRO B 96 -4.81 -21.34 12.27
CA PRO B 96 -5.47 -20.42 11.33
C PRO B 96 -6.28 -21.17 10.30
N ALA B 97 -7.31 -20.51 9.79
CA ALA B 97 -8.13 -21.05 8.71
C ALA B 97 -8.50 -19.89 7.79
N HIS B 98 -8.93 -20.22 6.57
CA HIS B 98 -9.12 -19.14 5.60
C HIS B 98 -10.36 -18.31 5.94
N GLN B 99 -11.36 -18.92 6.57
CA GLN B 99 -12.49 -18.16 7.11
C GLN B 99 -13.29 -19.06 8.06
N GLY B 100 -14.51 -18.66 8.40
CA GLY B 100 -15.23 -19.34 9.45
C GLY B 100 -15.60 -20.78 9.12
N ARG B 101 -16.15 -21.00 7.92
CA ARG B 101 -16.53 -22.36 7.57
C ARG B 101 -15.32 -23.26 7.35
N GLY B 102 -14.15 -22.69 7.05
CA GLY B 102 -12.94 -23.49 7.05
C GLY B 102 -12.56 -23.92 8.46
N ALA B 103 -12.79 -23.05 9.44
CA ALA B 103 -12.52 -23.40 10.83
C ALA B 103 -13.46 -24.48 11.32
N GLU B 104 -14.73 -24.42 10.94
CA GLU B 104 -15.68 -25.46 11.32
C GLU B 104 -15.34 -26.78 10.65
N ASN B 105 -14.92 -26.72 9.38
CA ASN B 105 -14.53 -27.94 8.68
C ASN B 105 -13.30 -28.58 9.29
N ILE B 106 -12.40 -27.78 9.88
CA ILE B 106 -11.26 -28.36 10.59
C ILE B 106 -11.73 -29.07 11.85
N LEU B 107 -12.52 -28.36 12.67
CA LEU B 107 -12.79 -28.81 14.03
C LEU B 107 -13.99 -29.76 14.14
N PHE B 108 -15.09 -29.50 13.42
CA PHE B 108 -16.30 -30.30 13.63
C PHE B 108 -16.11 -31.76 13.23
N PRO B 109 -15.55 -32.09 12.06
CA PRO B 109 -15.31 -33.52 11.79
C PRO B 109 -14.34 -34.17 12.76
N VAL B 110 -13.40 -33.40 13.32
CA VAL B 110 -12.49 -33.95 14.32
C VAL B 110 -13.23 -34.20 15.63
N LEU B 111 -14.18 -33.33 15.96
CA LEU B 111 -14.97 -33.55 17.17
C LEU B 111 -15.81 -34.81 17.05
N LEU B 112 -16.36 -35.08 15.86
CA LEU B 112 -17.16 -36.29 15.68
C LEU B 112 -16.31 -37.55 15.78
N LYS B 113 -15.12 -37.54 15.17
CA LYS B 113 -14.26 -38.72 15.21
C LYS B 113 -13.75 -39.00 16.62
N TYR B 114 -13.51 -37.95 17.40
CA TYR B 114 -13.04 -38.12 18.78
C TYR B 114 -14.12 -38.78 19.64
N LYS B 115 -15.36 -38.31 19.53
CA LYS B 115 -16.45 -38.94 20.27
C LYS B 115 -16.66 -40.38 19.80
N GLN B 116 -16.48 -40.64 18.51
CA GLN B 116 -16.66 -41.99 17.99
C GLN B 116 -15.52 -42.93 18.39
N LYS B 117 -14.31 -42.41 18.50
CA LYS B 117 -13.17 -43.24 18.92
C LYS B 117 -13.45 -43.96 20.22
N GLU B 118 -14.31 -43.38 21.05
CA GLU B 118 -14.66 -43.93 22.35
C GLU B 118 -15.90 -44.81 22.30
N GLY B 119 -16.38 -45.16 21.11
CA GLY B 119 -17.56 -45.98 20.98
C GLY B 119 -18.87 -45.26 21.12
N LYS B 120 -18.85 -43.93 21.22
CA LYS B 120 -20.04 -43.13 21.39
C LYS B 120 -20.52 -42.58 20.05
N ALA B 121 -21.44 -41.61 20.09
CA ALA B 121 -21.93 -40.92 18.90
C ALA B 121 -22.56 -41.88 17.89
N LYS B 122 -23.27 -42.89 18.41
CA LYS B 122 -24.01 -43.79 17.53
C LYS B 122 -25.11 -43.04 16.78
N ASN B 123 -25.77 -42.10 17.45
CA ASN B 123 -26.74 -41.18 16.82
C ASN B 123 -26.30 -39.77 17.19
N PRO B 124 -25.31 -39.23 16.48
CA PRO B 124 -24.66 -38.00 16.93
C PRO B 124 -25.49 -36.75 16.67
N VAL B 125 -25.29 -35.76 17.54
CA VAL B 125 -26.00 -34.50 17.46
C VAL B 125 -25.08 -33.37 17.91
N PHE B 126 -25.28 -32.20 17.34
CA PHE B 126 -24.71 -30.95 17.85
C PHE B 126 -25.83 -30.12 18.42
N ILE B 127 -25.55 -29.43 19.52
CA ILE B 127 -26.54 -28.59 20.20
C ILE B 127 -25.98 -27.19 20.33
N SER B 128 -26.77 -26.20 19.93
CA SER B 128 -26.38 -24.81 19.99
C SER B 128 -27.57 -23.97 20.41
N ASN B 129 -27.31 -22.73 20.82
CA ASN B 129 -28.41 -21.79 20.92
C ASN B 129 -29.02 -21.55 19.54
N PHE B 130 -28.18 -21.42 18.51
CA PHE B 130 -28.64 -21.51 17.13
C PHE B 130 -27.45 -21.68 16.19
N HIS B 131 -27.42 -22.78 15.44
CA HIS B 131 -26.45 -22.93 14.37
C HIS B 131 -26.80 -21.99 13.22
N PHE B 132 -25.84 -21.19 12.77
CA PHE B 132 -26.05 -20.46 11.53
C PHE B 132 -25.88 -21.43 10.35
N ASP B 133 -26.05 -20.92 9.13
CA ASP B 133 -26.36 -21.82 8.03
C ASP B 133 -25.17 -22.68 7.62
N THR B 134 -23.96 -22.10 7.54
CA THR B 134 -22.81 -22.94 7.22
C THR B 134 -22.43 -23.81 8.41
N THR B 135 -22.64 -23.30 9.62
CA THR B 135 -22.44 -24.12 10.81
C THR B 135 -23.36 -25.32 10.80
N ALA B 136 -24.67 -25.08 10.63
CA ALA B 136 -25.63 -26.18 10.54
C ALA B 136 -25.32 -27.11 9.37
N ALA B 137 -24.80 -26.56 8.27
CA ALA B 137 -24.53 -27.39 7.10
C ALA B 137 -23.37 -28.35 7.35
N HIS B 138 -22.33 -27.90 8.06
CA HIS B 138 -21.20 -28.79 8.34
C HIS B 138 -21.59 -29.88 9.33
N VAL B 139 -22.40 -29.56 10.34
CA VAL B 139 -22.91 -30.60 11.22
C VAL B 139 -23.70 -31.63 10.43
N GLU B 140 -24.52 -31.17 9.48
CA GLU B 140 -25.31 -32.11 8.68
C GLU B 140 -24.46 -32.84 7.66
N LEU B 141 -23.41 -32.19 7.13
CA LEU B 141 -22.53 -32.84 6.17
C LEU B 141 -21.81 -34.05 6.76
N ASN B 142 -21.63 -34.07 8.08
CA ASN B 142 -20.93 -35.15 8.76
C ASN B 142 -21.87 -36.15 9.41
N GLY B 143 -23.16 -36.12 9.04
CA GLY B 143 -24.10 -37.12 9.52
C GLY B 143 -24.65 -36.89 10.92
N CYS B 144 -24.63 -35.65 11.40
CA CYS B 144 -25.17 -35.31 12.71
C CYS B 144 -26.36 -34.37 12.58
N LYS B 145 -27.17 -34.30 13.64
CA LYS B 145 -28.27 -33.35 13.71
C LYS B 145 -27.81 -32.07 14.40
N ALA B 146 -28.25 -30.93 13.87
CA ALA B 146 -27.94 -29.64 14.45
C ALA B 146 -29.20 -29.13 15.15
N ILE B 147 -29.20 -29.17 16.48
CA ILE B 147 -30.35 -28.82 17.29
C ILE B 147 -30.16 -27.41 17.83
N ASN B 148 -31.22 -26.60 17.74
CA ASN B 148 -31.19 -25.19 18.14
C ASN B 148 -32.18 -25.00 19.29
N ILE B 149 -31.70 -24.46 20.41
CA ILE B 149 -32.52 -24.31 21.61
C ILE B 149 -32.43 -22.89 22.15
N VAL B 150 -32.41 -21.89 21.27
CA VAL B 150 -32.42 -20.50 21.72
C VAL B 150 -33.67 -20.24 22.56
N THR B 151 -33.57 -19.32 23.50
CA THR B 151 -34.71 -18.95 24.33
C THR B 151 -35.87 -18.50 23.45
N GLU B 152 -37.07 -18.95 23.81
CA GLU B 152 -38.28 -18.59 23.08
C GLU B 152 -38.55 -17.09 23.08
N LYS B 153 -37.90 -16.34 23.97
CA LYS B 153 -38.03 -14.89 23.96
C LYS B 153 -37.50 -14.28 22.67
N ALA B 154 -36.63 -14.99 21.94
CA ALA B 154 -36.14 -14.50 20.66
C ALA B 154 -37.21 -14.55 19.58
N PHE B 155 -38.29 -15.29 19.80
CA PHE B 155 -39.37 -15.35 18.82
C PHE B 155 -40.38 -14.23 19.01
N ASP B 156 -40.36 -13.55 20.14
CA ASP B 156 -41.22 -12.40 20.41
C ASP B 156 -40.42 -11.15 20.05
N SER B 157 -40.50 -10.76 18.78
CA SER B 157 -39.57 -9.77 18.24
C SER B 157 -39.79 -8.39 18.85
N GLU B 158 -41.04 -7.99 19.02
CA GLU B 158 -41.32 -6.65 19.53
C GLU B 158 -41.23 -6.57 21.05
N THR B 159 -41.06 -7.69 21.74
CA THR B 159 -40.90 -7.69 23.19
C THR B 159 -39.41 -7.60 23.51
N TYR B 160 -39.03 -6.60 24.31
CA TYR B 160 -37.64 -6.43 24.69
C TYR B 160 -37.18 -7.57 25.60
N ASP B 161 -35.90 -7.94 25.46
CA ASP B 161 -35.25 -8.86 26.38
C ASP B 161 -33.75 -8.62 26.30
N ASP B 162 -33.07 -8.76 27.44
CA ASP B 162 -31.64 -8.44 27.51
C ASP B 162 -30.79 -9.45 26.73
N TRP B 163 -31.22 -10.71 26.67
CA TRP B 163 -30.38 -11.79 26.16
C TRP B 163 -31.19 -12.71 25.25
N LYS B 164 -31.61 -12.18 24.09
CA LYS B 164 -32.40 -12.99 23.17
C LYS B 164 -31.56 -14.04 22.44
N GLY B 165 -30.28 -14.16 22.76
CA GLY B 165 -29.45 -15.23 22.25
C GLY B 165 -29.21 -16.36 23.23
N ASP B 166 -29.78 -16.28 24.43
CA ASP B 166 -29.52 -17.27 25.47
C ASP B 166 -29.94 -18.68 25.03
N PHE B 167 -29.17 -19.66 25.49
CA PHE B 167 -29.66 -21.04 25.48
C PHE B 167 -30.92 -21.15 26.34
N ASP B 168 -31.74 -22.16 26.03
CA ASP B 168 -32.81 -22.59 26.91
C ASP B 168 -32.25 -23.70 27.79
N ILE B 169 -31.91 -23.36 29.04
CA ILE B 169 -31.30 -24.34 29.93
C ILE B 169 -32.20 -25.55 30.11
N LYS B 170 -33.51 -25.34 30.12
CA LYS B 170 -34.43 -26.47 30.25
C LYS B 170 -34.34 -27.39 29.03
N LYS B 171 -34.35 -26.81 27.83
CA LYS B 171 -34.20 -27.62 26.63
C LYS B 171 -32.81 -28.27 26.56
N LEU B 172 -31.79 -27.57 27.04
CA LEU B 172 -30.44 -28.15 27.08
C LEU B 172 -30.43 -29.42 27.92
N LYS B 173 -30.97 -29.34 29.15
CA LYS B 173 -31.05 -30.51 30.00
C LYS B 173 -31.96 -31.59 29.40
N GLU B 174 -33.07 -31.18 28.78
CA GLU B 174 -33.97 -32.16 28.17
C GLU B 174 -33.31 -32.87 27.00
N ASN B 175 -32.56 -32.12 26.17
CA ASN B 175 -31.88 -32.75 25.04
C ASN B 175 -30.75 -33.66 25.51
N ILE B 176 -30.10 -33.30 26.62
CA ILE B 176 -29.04 -34.16 27.17
C ILE B 176 -29.62 -35.49 27.61
N ALA B 177 -30.84 -35.48 28.16
CA ALA B 177 -31.45 -36.72 28.62
C ALA B 177 -32.09 -37.49 27.49
N GLN B 178 -32.67 -36.80 26.50
CA GLN B 178 -33.31 -37.48 25.38
C GLN B 178 -32.29 -38.18 24.49
N HIS B 179 -31.14 -37.55 24.27
CA HIS B 179 -30.11 -38.11 23.39
C HIS B 179 -28.98 -38.82 24.12
N GLY B 180 -28.66 -38.39 25.34
CA GLY B 180 -27.53 -38.95 26.05
C GLY B 180 -26.27 -38.18 25.78
N ALA B 181 -25.44 -38.00 26.81
CA ALA B 181 -24.18 -37.27 26.65
C ALA B 181 -23.26 -37.95 25.64
N ASP B 182 -23.38 -39.26 25.47
CA ASP B 182 -22.57 -39.99 24.51
C ASP B 182 -22.94 -39.67 23.06
N ASN B 183 -24.13 -39.12 22.82
CA ASN B 183 -24.54 -38.75 21.49
C ASN B 183 -24.30 -37.28 21.17
N ILE B 184 -24.02 -36.44 22.16
CA ILE B 184 -23.80 -35.02 21.94
C ILE B 184 -22.31 -34.83 21.63
N VAL B 185 -22.00 -34.64 20.35
CA VAL B 185 -20.61 -34.49 19.93
C VAL B 185 -20.00 -33.22 20.53
N ALA B 186 -20.74 -32.12 20.43
CA ALA B 186 -20.29 -30.87 21.02
C ALA B 186 -21.48 -29.93 21.18
N ILE B 187 -21.33 -28.99 22.13
CA ILE B 187 -22.23 -27.86 22.25
C ILE B 187 -21.55 -26.65 21.64
N VAL B 188 -22.26 -25.92 20.79
CA VAL B 188 -21.73 -24.74 20.11
C VAL B 188 -22.47 -23.51 20.64
N SER B 189 -21.75 -22.63 21.32
CA SER B 189 -22.30 -21.36 21.79
C SER B 189 -21.99 -20.29 20.75
N THR B 190 -23.03 -19.71 20.16
CA THR B 190 -22.86 -18.72 19.11
C THR B 190 -23.03 -17.32 19.70
N VAL B 191 -21.96 -16.52 19.67
CA VAL B 191 -21.95 -15.19 20.27
C VAL B 191 -21.50 -14.18 19.23
N THR B 192 -22.33 -13.18 18.95
CA THR B 192 -23.73 -13.07 19.35
C THR B 192 -24.52 -14.11 18.56
N CYS B 193 -25.74 -14.42 18.97
CA CYS B 193 -26.55 -15.39 18.24
C CYS B 193 -27.05 -14.73 16.96
N ASN B 194 -26.40 -15.07 15.85
CA ASN B 194 -26.70 -14.42 14.57
C ASN B 194 -28.14 -14.70 14.12
N SER B 195 -28.59 -15.95 14.27
CA SER B 195 -29.92 -16.31 13.77
C SER B 195 -31.03 -15.65 14.58
N ALA B 196 -30.77 -15.36 15.86
CA ALA B 196 -31.76 -14.70 16.71
C ALA B 196 -31.82 -13.19 16.50
N GLY B 197 -31.04 -12.65 15.56
CA GLY B 197 -31.00 -11.22 15.33
C GLY B 197 -29.73 -10.56 15.82
N GLY B 198 -28.63 -11.29 15.84
CA GLY B 198 -27.42 -10.76 16.43
C GLY B 198 -27.56 -10.46 17.90
N GLN B 199 -28.35 -11.24 18.62
CA GLN B 199 -28.70 -10.98 20.02
C GLN B 199 -27.74 -11.68 20.95
N PRO B 200 -27.38 -11.05 22.07
CA PRO B 200 -26.28 -11.53 22.89
C PRO B 200 -26.68 -12.68 23.80
N VAL B 201 -25.65 -13.39 24.28
CA VAL B 201 -25.78 -14.44 25.28
C VAL B 201 -25.12 -13.95 26.56
N SER B 202 -25.85 -14.05 27.68
CA SER B 202 -25.34 -13.50 28.94
C SER B 202 -24.18 -14.35 29.48
N MET B 203 -23.37 -13.72 30.32
CA MET B 203 -22.25 -14.43 30.93
C MET B 203 -22.74 -15.61 31.77
N SER B 204 -23.75 -15.38 32.61
CA SER B 204 -24.25 -16.46 33.46
C SER B 204 -24.88 -17.57 32.63
N ASN B 205 -25.49 -17.23 31.49
CA ASN B 205 -25.97 -18.27 30.58
C ASN B 205 -24.81 -19.07 30.00
N LEU B 206 -23.74 -18.38 29.59
CA LEU B 206 -22.54 -19.08 29.14
C LEU B 206 -21.96 -19.94 30.26
N LYS B 207 -21.95 -19.40 31.49
CA LYS B 207 -21.38 -20.13 32.61
C LYS B 207 -22.19 -21.37 32.94
N GLU B 208 -23.52 -21.25 32.94
CA GLU B 208 -24.37 -22.39 33.26
C GLU B 208 -24.25 -23.50 32.23
N VAL B 209 -24.17 -23.13 30.94
CA VAL B 209 -24.09 -24.13 29.88
C VAL B 209 -22.76 -24.89 29.94
N TYR B 210 -21.67 -24.17 30.21
CA TYR B 210 -20.37 -24.84 30.32
C TYR B 210 -20.32 -25.79 31.51
N GLU B 211 -20.88 -25.39 32.65
CA GLU B 211 -20.90 -26.25 33.81
C GLU B 211 -21.78 -27.48 33.58
N ILE B 212 -22.89 -27.32 32.87
CA ILE B 212 -23.74 -28.46 32.55
C ILE B 212 -23.00 -29.42 31.63
N ALA B 213 -22.27 -28.88 30.65
CA ALA B 213 -21.57 -29.73 29.70
C ALA B 213 -20.38 -30.44 30.36
N LYS B 214 -19.60 -29.72 31.18
CA LYS B 214 -18.45 -30.35 31.83
C LYS B 214 -18.90 -31.47 32.76
N GLN B 215 -20.05 -31.29 33.41
CA GLN B 215 -20.67 -32.37 34.17
C GLN B 215 -20.75 -33.65 33.36
N HIS B 216 -21.14 -33.54 32.08
CA HIS B 216 -21.40 -34.70 31.24
C HIS B 216 -20.27 -35.01 30.27
N GLY B 217 -19.12 -34.36 30.43
CA GLY B 217 -18.00 -34.61 29.52
C GLY B 217 -18.27 -34.16 28.10
N ILE B 218 -18.95 -33.03 27.94
CA ILE B 218 -19.37 -32.55 26.63
C ILE B 218 -18.47 -31.38 26.23
N PHE B 219 -17.85 -31.49 25.05
CA PHE B 219 -16.97 -30.45 24.53
C PHE B 219 -17.78 -29.23 24.12
N VAL B 220 -17.33 -28.05 24.53
CA VAL B 220 -18.00 -26.79 24.23
C VAL B 220 -17.15 -26.01 23.24
N VAL B 221 -17.74 -25.62 22.12
CA VAL B 221 -17.10 -24.77 21.12
C VAL B 221 -17.83 -23.43 21.12
N MET B 222 -17.05 -22.35 21.23
CA MET B 222 -17.60 -21.00 21.15
C MET B 222 -17.48 -20.53 19.70
N ASP B 223 -18.60 -20.51 18.98
CA ASP B 223 -18.64 -19.87 17.68
C ASP B 223 -18.49 -18.36 17.87
N SER B 224 -17.41 -17.78 17.35
CA SER B 224 -16.93 -16.49 17.84
C SER B 224 -16.82 -15.43 16.75
N ALA B 225 -17.61 -15.53 15.69
CA ALA B 225 -17.59 -14.50 14.66
C ALA B 225 -17.78 -13.10 15.24
N ARG B 226 -18.71 -12.96 16.19
CA ARG B 226 -19.07 -11.65 16.74
C ARG B 226 -18.98 -11.64 18.26
N PHE B 227 -17.84 -12.10 18.78
CA PHE B 227 -17.64 -12.22 20.22
C PHE B 227 -17.40 -10.87 20.89
N CYS B 228 -16.84 -9.90 20.17
CA CYS B 228 -16.63 -8.58 20.75
C CYS B 228 -17.95 -7.84 20.92
N GLU B 229 -18.86 -8.00 19.96
CA GLU B 229 -20.16 -7.39 20.12
C GLU B 229 -20.93 -8.04 21.26
N ASN B 230 -20.74 -9.35 21.46
CA ASN B 230 -21.35 -9.98 22.62
C ASN B 230 -20.76 -9.45 23.91
N ALA B 231 -19.44 -9.29 23.97
CA ALA B 231 -18.81 -8.75 25.16
C ALA B 231 -19.37 -7.37 25.49
N TYR B 232 -19.59 -6.55 24.45
CA TYR B 232 -20.14 -5.21 24.69
C TYR B 232 -21.51 -5.28 25.36
N PHE B 233 -22.38 -6.21 24.92
CA PHE B 233 -23.72 -6.28 25.50
C PHE B 233 -23.69 -6.80 26.94
N ILE B 234 -22.72 -7.67 27.27
CA ILE B 234 -22.61 -8.14 28.65
C ILE B 234 -22.17 -7.01 29.55
N LYS B 235 -21.25 -6.15 29.07
CA LYS B 235 -20.88 -4.98 29.85
C LYS B 235 -22.02 -3.98 29.93
N ALA B 236 -22.80 -3.86 28.84
CA ALA B 236 -23.86 -2.86 28.83
C ALA B 236 -25.05 -3.27 29.68
N ARG B 237 -25.28 -4.57 29.85
CA ARG B 237 -26.51 -5.08 30.45
C ARG B 237 -26.33 -5.94 31.69
N ASP B 238 -25.12 -6.45 31.98
CA ASP B 238 -24.92 -7.23 33.20
C ASP B 238 -24.27 -6.38 34.29
N PRO B 239 -24.98 -6.13 35.40
CA PRO B 239 -24.41 -5.27 36.46
C PRO B 239 -23.08 -5.74 37.02
N LYS B 240 -22.81 -7.05 36.99
CA LYS B 240 -21.54 -7.56 37.49
C LYS B 240 -20.35 -7.05 36.69
N TYR B 241 -20.55 -6.72 35.41
CA TYR B 241 -19.47 -6.30 34.53
C TYR B 241 -19.60 -4.84 34.11
N LYS B 242 -20.26 -4.02 34.92
CA LYS B 242 -20.44 -2.61 34.57
C LYS B 242 -19.11 -1.87 34.52
N ASN B 243 -18.22 -2.15 35.46
CA ASN B 243 -16.93 -1.46 35.54
C ASN B 243 -15.77 -2.31 35.01
N ALA B 244 -16.08 -3.36 34.25
CA ALA B 244 -15.03 -4.19 33.66
C ALA B 244 -14.65 -3.65 32.29
N THR B 245 -13.45 -4.00 31.86
CA THR B 245 -13.04 -3.67 30.49
C THR B 245 -13.57 -4.73 29.53
N ILE B 246 -13.58 -4.39 28.24
CA ILE B 246 -14.05 -5.34 27.23
C ILE B 246 -13.21 -6.60 27.25
N LYS B 247 -11.89 -6.46 27.44
CA LYS B 247 -11.02 -7.63 27.47
C LYS B 247 -11.26 -8.48 28.73
N GLU B 248 -11.57 -7.86 29.86
CA GLU B 248 -11.91 -8.64 31.04
C GLU B 248 -13.20 -9.42 30.84
N VAL B 249 -14.14 -8.86 30.08
CA VAL B 249 -15.38 -9.57 29.78
C VAL B 249 -15.11 -10.75 28.85
N ILE B 250 -14.32 -10.51 27.79
CA ILE B 250 -13.97 -11.57 26.85
C ILE B 250 -13.25 -12.70 27.59
N PHE B 251 -12.25 -12.34 28.40
CA PHE B 251 -11.47 -13.32 29.15
C PHE B 251 -12.38 -14.23 29.98
N ASP B 252 -13.44 -13.66 30.55
CA ASP B 252 -14.39 -14.48 31.30
C ASP B 252 -15.27 -15.32 30.37
N MET B 253 -15.68 -14.75 29.23
CA MET B 253 -16.50 -15.50 28.28
C MET B 253 -15.85 -16.83 27.93
N TYR B 254 -14.54 -16.84 27.68
CA TYR B 254 -13.85 -18.01 27.18
C TYR B 254 -13.35 -18.93 28.28
N LYS B 255 -13.63 -18.63 29.55
CA LYS B 255 -13.57 -19.65 30.59
C LYS B 255 -14.69 -20.68 30.43
N TYR B 256 -15.70 -20.38 29.62
CA TYR B 256 -16.87 -21.21 29.47
C TYR B 256 -16.94 -21.86 28.09
N ALA B 257 -15.78 -22.20 27.54
CA ALA B 257 -15.68 -23.00 26.33
C ALA B 257 -14.37 -23.78 26.39
N ASP B 258 -14.30 -24.86 25.62
CA ASP B 258 -13.07 -25.61 25.44
C ASP B 258 -12.32 -25.24 24.17
N ALA B 259 -12.99 -24.57 23.24
CA ALA B 259 -12.39 -24.20 21.97
C ALA B 259 -13.26 -23.14 21.33
N LEU B 260 -12.74 -22.52 20.27
CA LEU B 260 -13.51 -21.57 19.50
C LEU B 260 -13.30 -21.84 18.02
N THR B 261 -14.33 -21.58 17.23
CA THR B 261 -14.21 -21.43 15.79
C THR B 261 -14.65 -20.01 15.47
N MET B 262 -13.75 -19.24 14.87
CA MET B 262 -14.00 -17.82 14.66
C MET B 262 -13.95 -17.52 13.17
N SER B 263 -14.95 -16.80 12.68
CA SER B 263 -14.84 -16.11 11.41
C SER B 263 -14.28 -14.74 11.69
N ALA B 264 -13.03 -14.51 11.28
CA ALA B 264 -12.39 -13.23 11.58
C ALA B 264 -12.83 -12.13 10.63
N LYS B 265 -13.65 -12.46 9.62
CA LYS B 265 -14.21 -11.48 8.71
C LYS B 265 -15.29 -10.62 9.36
N LYS B 266 -15.60 -10.86 10.64
CA LYS B 266 -16.62 -10.10 11.33
C LYS B 266 -15.92 -9.16 12.31
N ASP B 267 -15.88 -9.46 13.60
CA ASP B 267 -15.45 -8.51 14.62
C ASP B 267 -13.96 -8.14 14.53
N PRO B 268 -13.04 -9.07 14.13
CA PRO B 268 -11.64 -8.65 13.96
C PRO B 268 -11.40 -7.76 12.73
N LEU B 269 -12.47 -7.35 12.06
CA LEU B 269 -12.41 -6.25 11.09
C LEU B 269 -11.55 -6.59 9.89
N LEU B 270 -11.79 -7.75 9.30
CA LEU B 270 -11.00 -8.25 8.18
C LEU B 270 -11.86 -8.44 6.95
N ASN B 271 -11.18 -8.58 5.80
CA ASN B 271 -11.84 -8.93 4.54
C ASN B 271 -11.74 -10.42 4.23
N ILE B 272 -10.96 -11.16 5.00
CA ILE B 272 -10.73 -12.60 4.84
C ILE B 272 -10.09 -13.09 6.13
N GLY B 273 -10.28 -14.35 6.48
CA GLY B 273 -9.61 -14.89 7.65
C GLY B 273 -10.47 -15.63 8.66
N GLY B 274 -9.92 -16.72 9.23
CA GLY B 274 -10.59 -17.49 10.24
C GLY B 274 -9.61 -18.05 11.25
N LEU B 275 -10.13 -18.58 12.35
CA LEU B 275 -9.28 -19.03 13.44
C LEU B 275 -9.91 -20.19 14.20
N VAL B 276 -9.07 -21.18 14.54
CA VAL B 276 -9.39 -22.20 15.53
C VAL B 276 -8.46 -22.01 16.71
N ALA B 277 -9.00 -22.06 17.92
CA ALA B 277 -8.18 -21.92 19.12
C ALA B 277 -8.69 -22.88 20.18
N ILE B 278 -7.80 -23.71 20.70
CA ILE B 278 -8.15 -24.75 21.65
C ILE B 278 -7.56 -24.40 23.01
N ARG B 279 -8.34 -24.65 24.06
CA ARG B 279 -7.99 -24.18 25.40
C ARG B 279 -6.76 -24.90 25.95
N ASP B 280 -6.86 -26.21 26.13
CA ASP B 280 -5.73 -26.96 26.65
C ASP B 280 -5.70 -28.41 26.19
N ASN B 281 -6.67 -28.86 25.41
CA ASN B 281 -6.74 -30.26 24.97
C ASN B 281 -5.78 -30.43 23.79
N GLU B 282 -4.56 -30.86 24.11
CA GLU B 282 -3.55 -31.08 23.07
C GLU B 282 -3.93 -32.21 22.13
N GLU B 283 -4.82 -33.12 22.54
CA GLU B 283 -5.22 -34.20 21.66
C GLU B 283 -6.13 -33.69 20.55
N ILE B 284 -7.13 -32.89 20.90
CA ILE B 284 -7.99 -32.30 19.88
C ILE B 284 -7.17 -31.42 18.93
N PHE B 285 -6.19 -30.71 19.48
CA PHE B 285 -5.32 -29.85 18.67
C PHE B 285 -4.59 -30.66 17.61
N THR B 286 -3.93 -31.75 18.01
CA THR B 286 -3.15 -32.55 17.07
C THR B 286 -4.05 -33.15 15.97
N LEU B 287 -5.21 -33.66 16.37
CA LEU B 287 -6.17 -34.17 15.39
C LEU B 287 -6.63 -33.08 14.44
N ALA B 288 -6.87 -31.87 14.96
CA ALA B 288 -7.30 -30.76 14.11
C ALA B 288 -6.20 -30.30 13.17
N ARG B 289 -4.94 -30.38 13.61
CA ARG B 289 -3.82 -30.06 12.73
C ARG B 289 -3.75 -31.04 11.57
N GLN B 290 -4.03 -32.33 11.82
CA GLN B 290 -3.96 -33.31 10.75
C GLN B 290 -5.07 -33.11 9.73
N ARG B 291 -6.20 -32.52 10.12
CA ARG B 291 -7.25 -32.23 9.16
C ARG B 291 -7.03 -30.89 8.46
N CYS B 292 -6.31 -29.97 9.12
CA CYS B 292 -6.06 -28.66 8.52
C CYS B 292 -5.22 -28.79 7.26
N VAL B 293 -4.26 -29.73 7.25
CA VAL B 293 -3.29 -29.79 6.15
C VAL B 293 -3.95 -30.10 4.81
N PRO B 294 -4.76 -31.15 4.65
CA PRO B 294 -5.36 -31.39 3.34
C PRO B 294 -6.45 -30.40 2.97
N MET B 295 -7.11 -29.79 3.96
CA MET B 295 -8.30 -29.00 3.68
C MET B 295 -8.01 -27.51 3.52
N GLU B 296 -7.13 -26.95 4.36
CA GLU B 296 -6.86 -25.52 4.37
C GLU B 296 -5.45 -25.20 3.92
N GLY B 297 -4.45 -25.75 4.58
CA GLY B 297 -3.06 -25.49 4.25
C GLY B 297 -2.18 -26.01 5.36
N PHE B 298 -0.89 -25.67 5.27
CA PHE B 298 0.00 -26.02 6.36
C PHE B 298 -0.48 -25.36 7.66
N VAL B 299 -0.06 -25.93 8.79
CA VAL B 299 -0.66 -25.56 10.07
C VAL B 299 -0.34 -24.13 10.50
N THR B 300 0.67 -23.49 9.90
CA THR B 300 1.07 -22.15 10.32
C THR B 300 0.55 -21.04 9.41
N TYR B 301 -0.39 -21.35 8.51
CA TYR B 301 -1.04 -20.29 7.74
C TYR B 301 -2.47 -20.71 7.41
N GLY B 302 -2.70 -22.02 7.28
CA GLY B 302 -4.03 -22.58 7.13
C GLY B 302 -4.93 -21.90 6.12
N GLY B 303 -4.39 -21.62 4.95
CA GLY B 303 -5.16 -21.00 3.89
C GLY B 303 -5.18 -19.49 3.90
N LEU B 304 -4.36 -18.85 4.73
CA LEU B 304 -4.22 -17.39 4.75
C LEU B 304 -2.82 -16.98 4.31
N ALA B 305 -2.75 -15.92 3.52
CA ALA B 305 -1.47 -15.27 3.31
C ALA B 305 -0.92 -14.75 4.63
N GLY B 306 0.40 -14.62 4.72
CA GLY B 306 1.01 -14.03 5.89
C GLY B 306 0.45 -12.65 6.20
N ARG B 307 0.20 -11.85 5.17
CA ARG B 307 -0.32 -10.49 5.39
C ARG B 307 -1.69 -10.50 6.05
N ASP B 308 -2.50 -11.52 5.78
CA ASP B 308 -3.84 -11.58 6.38
C ASP B 308 -3.78 -12.04 7.83
N MET B 309 -2.86 -12.96 8.14
CA MET B 309 -2.60 -13.25 9.55
C MET B 309 -2.12 -12.00 10.27
N ALA B 310 -1.30 -11.19 9.59
CA ALA B 310 -0.83 -9.94 10.18
C ALA B 310 -1.98 -9.00 10.48
N ALA B 311 -2.91 -8.85 9.53
CA ALA B 311 -4.07 -8.01 9.76
C ALA B 311 -4.96 -8.56 10.87
N MET B 312 -4.97 -9.88 11.07
CA MET B 312 -5.81 -10.45 12.11
C MET B 312 -5.28 -10.13 13.50
N VAL B 313 -3.96 -10.11 13.69
CA VAL B 313 -3.42 -9.74 14.99
C VAL B 313 -3.80 -8.31 15.35
N GLN B 314 -3.75 -7.41 14.37
CA GLN B 314 -4.09 -6.03 14.65
C GLN B 314 -5.60 -5.85 14.77
N GLY B 315 -6.36 -6.46 13.87
CA GLY B 315 -7.82 -6.34 13.94
C GLY B 315 -8.41 -6.95 15.20
N LEU B 316 -7.81 -8.04 15.71
CA LEU B 316 -8.29 -8.62 16.95
C LEU B 316 -8.24 -7.61 18.09
N GLU B 317 -7.16 -6.83 18.17
CA GLU B 317 -7.06 -5.79 19.19
C GLU B 317 -8.08 -4.68 18.94
N GLU B 318 -8.13 -4.16 17.72
CA GLU B 318 -9.04 -3.06 17.43
C GLU B 318 -10.50 -3.44 17.65
N GLY B 319 -10.84 -4.71 17.45
CA GLY B 319 -12.23 -5.12 17.60
C GLY B 319 -12.74 -5.05 19.01
N THR B 320 -11.83 -5.06 19.99
CA THR B 320 -12.19 -5.04 21.40
C THR B 320 -12.36 -3.64 21.95
N GLU B 321 -12.04 -2.61 21.18
CA GLU B 321 -12.01 -1.26 21.72
C GLU B 321 -13.42 -0.74 21.94
N GLU B 322 -13.71 -0.37 23.20
CA GLU B 322 -15.08 -0.05 23.59
C GLU B 322 -15.61 1.17 22.84
N GLU B 323 -14.78 2.20 22.66
CA GLU B 323 -15.26 3.39 21.98
C GLU B 323 -15.65 3.08 20.54
N TYR B 324 -14.94 2.16 19.87
CA TYR B 324 -15.38 1.72 18.56
C TYR B 324 -16.65 0.88 18.65
N LEU B 325 -16.71 -0.05 19.63
CA LEU B 325 -17.88 -0.91 19.76
C LEU B 325 -19.13 -0.11 20.09
N HIS B 326 -18.99 0.95 20.89
CA HIS B 326 -20.11 1.82 21.19
C HIS B 326 -20.64 2.53 19.93
N TYR B 327 -19.74 3.01 19.06
CA TYR B 327 -20.18 3.68 17.84
CA TYR B 327 -20.19 3.68 17.84
C TYR B 327 -20.81 2.69 16.85
N ARG B 328 -20.16 1.54 16.66
CA ARG B 328 -20.66 0.56 15.70
C ARG B 328 -22.03 0.05 16.11
N ILE B 329 -22.15 -0.41 17.36
CA ILE B 329 -23.42 -0.94 17.85
C ILE B 329 -24.45 0.18 17.95
N GLY B 330 -24.01 1.40 18.27
CA GLY B 330 -24.91 2.53 18.27
C GLY B 330 -25.42 2.92 16.90
N GLN B 331 -24.59 2.72 15.86
CA GLN B 331 -25.08 2.98 14.51
C GLN B 331 -26.17 1.99 14.12
N VAL B 332 -26.03 0.73 14.53
CA VAL B 332 -27.06 -0.26 14.24
C VAL B 332 -28.34 0.12 14.95
N LYS B 333 -28.24 0.52 16.23
CA LYS B 333 -29.41 0.95 16.98
C LYS B 333 -30.05 2.18 16.33
N TYR B 334 -29.23 3.11 15.86
CA TYR B 334 -29.76 4.31 15.21
C TYR B 334 -30.64 3.96 14.01
N LEU B 335 -30.16 3.04 13.15
CA LEU B 335 -30.99 2.60 12.04
C LEU B 335 -32.27 1.93 12.54
N GLY B 336 -32.16 1.12 13.60
CA GLY B 336 -33.34 0.49 14.15
C GLY B 336 -34.34 1.51 14.66
N ASP B 337 -33.87 2.48 15.44
CA ASP B 337 -34.78 3.48 16.00
C ASP B 337 -35.42 4.33 14.91
N ARG B 338 -34.69 4.60 13.82
CA ARG B 338 -35.31 5.31 12.70
C ARG B 338 -36.46 4.50 12.12
N LEU B 339 -36.26 3.19 11.94
CA LEU B 339 -37.31 2.35 11.40
C LEU B 339 -38.45 2.17 12.39
N ARG B 340 -38.11 1.98 13.67
CA ARG B 340 -39.13 1.81 14.70
C ARG B 340 -40.00 3.06 14.81
N GLU B 341 -39.40 4.25 14.80
CA GLU B 341 -40.16 5.49 14.94
C GLU B 341 -41.16 5.68 13.80
N ALA B 342 -40.92 5.05 12.65
CA ALA B 342 -41.87 5.07 11.54
C ALA B 342 -42.80 3.86 11.54
N GLY B 343 -42.80 3.07 12.61
CA GLY B 343 -43.73 1.97 12.74
C GLY B 343 -43.32 0.68 12.08
N ILE B 344 -42.09 0.58 11.57
CA ILE B 344 -41.57 -0.64 10.96
C ILE B 344 -41.15 -1.62 12.06
N PRO B 345 -41.71 -2.84 12.08
CA PRO B 345 -41.37 -3.81 13.13
C PRO B 345 -39.99 -4.43 12.90
N ILE B 346 -39.18 -4.46 13.97
CA ILE B 346 -37.85 -5.03 13.95
C ILE B 346 -37.66 -5.91 15.17
N GLN B 347 -36.67 -6.79 15.10
CA GLN B 347 -36.26 -7.52 16.30
C GLN B 347 -35.75 -6.53 17.33
N TYR B 348 -36.47 -6.38 18.44
CA TYR B 348 -36.19 -5.35 19.43
C TYR B 348 -35.72 -5.97 20.73
N PRO B 349 -34.57 -5.55 21.28
CA PRO B 349 -33.67 -4.50 20.80
C PRO B 349 -32.86 -4.97 19.60
N THR B 350 -32.24 -4.03 18.88
CA THR B 350 -31.41 -4.40 17.75
C THR B 350 -30.14 -5.10 18.23
N GLY B 351 -29.62 -5.98 17.38
CA GLY B 351 -28.40 -6.69 17.66
C GLY B 351 -27.16 -5.84 17.43
N GLY B 352 -26.01 -6.53 17.41
CA GLY B 352 -24.75 -5.82 17.32
C GLY B 352 -24.33 -5.47 15.91
N HIS B 353 -24.79 -6.24 14.91
CA HIS B 353 -24.27 -6.10 13.56
C HIS B 353 -25.32 -5.82 12.50
N ALA B 354 -26.61 -5.88 12.83
CA ALA B 354 -27.63 -5.65 11.81
C ALA B 354 -28.95 -5.33 12.49
N VAL B 355 -29.85 -4.74 11.70
CA VAL B 355 -31.24 -4.57 12.09
C VAL B 355 -32.05 -5.63 11.34
N PHE B 356 -32.85 -6.38 12.08
CA PHE B 356 -33.64 -7.48 11.52
C PHE B 356 -35.09 -7.04 11.44
N VAL B 357 -35.57 -6.75 10.23
CA VAL B 357 -36.93 -6.32 10.01
C VAL B 357 -37.85 -7.54 10.03
N ASP B 358 -38.85 -7.53 10.90
CA ASP B 358 -39.75 -8.66 11.09
C ASP B 358 -40.78 -8.65 9.97
N CYS B 359 -40.52 -9.42 8.91
CA CYS B 359 -41.42 -9.48 7.78
C CYS B 359 -42.62 -10.38 8.03
N LYS B 360 -42.60 -11.16 9.11
CA LYS B 360 -43.81 -11.89 9.50
C LYS B 360 -44.90 -10.92 9.96
N LYS B 361 -44.50 -9.77 10.52
CA LYS B 361 -45.42 -8.71 10.91
C LYS B 361 -45.60 -7.64 9.85
N LEU B 362 -44.87 -7.73 8.73
CA LEU B 362 -44.87 -6.69 7.71
C LEU B 362 -45.62 -7.07 6.45
N VAL B 363 -45.62 -8.36 6.08
CA VAL B 363 -46.31 -8.86 4.90
C VAL B 363 -47.01 -10.17 5.26
N PRO B 364 -48.05 -10.15 6.09
CA PRO B 364 -48.67 -11.41 6.54
C PRO B 364 -49.44 -12.15 5.46
N GLN B 365 -49.71 -11.52 4.31
CA GLN B 365 -50.40 -12.21 3.23
C GLN B 365 -49.53 -13.25 2.54
N ILE B 366 -48.21 -13.19 2.73
CA ILE B 366 -47.28 -14.13 2.10
C ILE B 366 -46.92 -15.19 3.15
N PRO B 367 -47.24 -16.45 2.92
CA PRO B 367 -46.88 -17.49 3.90
C PRO B 367 -45.39 -17.77 3.88
N GLY B 368 -44.87 -18.17 5.06
CA GLY B 368 -43.43 -18.33 5.23
C GLY B 368 -42.80 -19.24 4.20
N ASP B 369 -43.53 -20.28 3.78
N ASP B 369 -43.53 -20.28 3.78
CA ASP B 369 -43.07 -21.19 2.74
CA ASP B 369 -43.04 -21.18 2.74
C ASP B 369 -42.84 -20.48 1.41
C ASP B 369 -42.81 -20.47 1.43
N GLN B 370 -43.34 -19.26 1.26
CA GLN B 370 -43.13 -18.45 0.07
C GLN B 370 -42.17 -17.29 0.31
N PHE B 371 -41.43 -17.32 1.43
CA PHE B 371 -40.33 -16.40 1.75
C PHE B 371 -40.79 -14.95 1.75
N PRO B 372 -41.59 -14.53 2.74
CA PRO B 372 -42.06 -13.14 2.75
C PRO B 372 -40.94 -12.13 2.88
N ALA B 373 -39.88 -12.45 3.63
CA ALA B 373 -38.79 -11.51 3.79
C ALA B 373 -38.08 -11.26 2.46
N GLN B 374 -37.93 -12.31 1.65
CA GLN B 374 -37.35 -12.12 0.31
C GLN B 374 -38.21 -11.20 -0.54
N ALA B 375 -39.53 -11.25 -0.36
CA ALA B 375 -40.42 -10.34 -1.08
C ALA B 375 -40.13 -8.88 -0.72
N VAL B 376 -39.99 -8.59 0.57
CA VAL B 376 -39.64 -7.24 1.01
C VAL B 376 -38.27 -6.83 0.48
N ILE B 377 -37.34 -7.78 0.39
CA ILE B 377 -35.97 -7.48 -0.03
C ILE B 377 -35.92 -7.10 -1.50
N ASN B 378 -36.49 -7.94 -2.37
CA ASN B 378 -36.49 -7.64 -3.79
C ASN B 378 -37.23 -6.34 -4.07
N ALA B 379 -38.22 -6.00 -3.23
CA ALA B 379 -38.93 -4.74 -3.37
C ALA B 379 -38.05 -3.57 -2.93
N LEU B 380 -37.37 -3.71 -1.79
CA LEU B 380 -36.47 -2.65 -1.33
C LEU B 380 -35.34 -2.40 -2.33
N TYR B 381 -34.77 -3.48 -2.88
CA TYR B 381 -33.71 -3.31 -3.87
C TYR B 381 -34.21 -2.59 -5.11
N LEU B 382 -35.33 -3.06 -5.67
CA LEU B 382 -35.88 -2.44 -6.87
C LEU B 382 -36.21 -0.96 -6.65
N GLU B 383 -36.54 -0.59 -5.41
CA GLU B 383 -36.92 0.78 -5.11
C GLU B 383 -35.72 1.70 -4.89
N SER B 384 -34.60 1.19 -4.37
CA SER B 384 -33.53 2.07 -3.93
C SER B 384 -32.11 1.62 -4.26
N GLY B 385 -31.88 0.40 -4.73
CA GLY B 385 -30.52 -0.06 -4.94
C GLY B 385 -29.85 -0.64 -3.71
N VAL B 386 -30.49 -0.60 -2.55
CA VAL B 386 -29.97 -1.25 -1.36
C VAL B 386 -30.23 -2.75 -1.47
N ARG B 387 -29.18 -3.54 -1.27
CA ARG B 387 -29.26 -5.00 -1.31
C ARG B 387 -29.21 -5.55 0.10
N ALA B 388 -30.29 -6.22 0.52
CA ALA B 388 -30.36 -6.88 1.82
C ALA B 388 -30.38 -8.40 1.64
N VAL B 389 -30.54 -9.13 2.75
CA VAL B 389 -30.48 -10.58 2.74
C VAL B 389 -31.58 -11.15 3.63
N GLU B 390 -32.00 -12.38 3.34
CA GLU B 390 -33.11 -13.02 4.05
C GLU B 390 -32.59 -13.91 5.16
N ILE B 391 -33.24 -13.85 6.31
CA ILE B 391 -32.91 -14.73 7.43
C ILE B 391 -34.21 -15.32 7.96
N GLY B 392 -34.65 -16.40 7.33
CA GLY B 392 -35.89 -17.08 7.66
C GLY B 392 -35.97 -18.42 6.98
N SER B 393 -37.14 -18.78 6.46
CA SER B 393 -37.33 -20.11 5.88
C SER B 393 -36.43 -20.34 4.67
N PHE B 394 -36.20 -19.29 3.87
CA PHE B 394 -35.29 -19.39 2.74
C PHE B 394 -33.90 -19.81 3.22
N LEU B 395 -33.33 -19.07 4.18
CA LEU B 395 -32.04 -19.44 4.75
C LEU B 395 -32.11 -20.72 5.57
N LEU B 396 -33.27 -21.05 6.15
CA LEU B 396 -33.36 -22.26 6.96
C LEU B 396 -33.29 -23.52 6.12
N GLY B 397 -33.83 -23.48 4.91
CA GLY B 397 -33.68 -24.65 4.07
C GLY B 397 -34.56 -25.80 4.54
N ARG B 398 -34.25 -26.97 3.99
CA ARG B 398 -35.01 -28.17 4.28
C ARG B 398 -34.30 -29.00 5.35
N ASP B 399 -35.08 -29.81 6.06
CA ASP B 399 -34.54 -30.76 7.03
C ASP B 399 -33.98 -31.96 6.28
N PRO B 400 -32.72 -32.35 6.53
CA PRO B 400 -32.15 -33.49 5.80
C PRO B 400 -32.93 -34.78 5.98
N ALA B 401 -33.60 -34.97 7.12
CA ALA B 401 -34.33 -36.21 7.38
C ALA B 401 -35.65 -36.25 6.62
N THR B 402 -36.41 -35.17 6.65
CA THR B 402 -37.74 -35.15 6.05
C THR B 402 -37.72 -34.65 4.60
N GLY B 403 -36.71 -33.88 4.20
CA GLY B 403 -36.74 -33.26 2.89
C GLY B 403 -37.78 -32.18 2.73
N GLU B 404 -38.46 -31.79 3.81
CA GLU B 404 -39.46 -30.74 3.79
C GLU B 404 -38.91 -29.48 4.45
N GLN B 405 -39.69 -28.41 4.36
CA GLN B 405 -39.27 -27.12 4.89
C GLN B 405 -39.02 -27.20 6.39
N LYS B 406 -37.88 -26.67 6.83
CA LYS B 406 -37.64 -26.55 8.26
C LYS B 406 -38.57 -25.50 8.86
N HIS B 407 -39.11 -25.80 10.04
CA HIS B 407 -39.98 -24.86 10.71
C HIS B 407 -39.21 -23.61 11.09
N ALA B 408 -39.70 -22.45 10.67
CA ALA B 408 -39.09 -21.17 10.98
C ALA B 408 -39.95 -20.44 12.01
N ASP B 409 -39.31 -20.00 13.10
CA ASP B 409 -39.99 -19.18 14.08
C ASP B 409 -39.78 -17.69 13.84
N MET B 410 -38.94 -17.32 12.88
CA MET B 410 -38.64 -15.93 12.58
C MET B 410 -38.46 -15.75 11.08
N GLU B 411 -39.15 -14.75 10.52
CA GLU B 411 -38.96 -14.32 9.14
C GLU B 411 -38.38 -12.92 9.17
N PHE B 412 -37.09 -12.79 8.84
CA PHE B 412 -36.35 -11.56 8.99
C PHE B 412 -35.76 -11.11 7.66
N MET B 413 -35.86 -9.82 7.37
CA MET B 413 -35.00 -9.16 6.39
C MET B 413 -33.85 -8.50 7.14
N ARG B 414 -32.63 -8.95 6.88
CA ARG B 414 -31.47 -8.47 7.63
C ARG B 414 -30.82 -7.32 6.87
N LEU B 415 -30.76 -6.16 7.52
CA LEU B 415 -30.03 -5.00 7.01
C LEU B 415 -28.66 -5.05 7.70
N THR B 416 -27.72 -5.76 7.08
CA THR B 416 -26.43 -6.07 7.68
C THR B 416 -25.45 -4.94 7.40
N ILE B 417 -24.82 -4.43 8.45
CA ILE B 417 -23.98 -3.23 8.37
C ILE B 417 -22.51 -3.64 8.51
N ALA B 418 -21.72 -3.36 7.48
CA ALA B 418 -20.27 -3.54 7.58
C ALA B 418 -19.68 -2.53 8.55
N ARG B 419 -18.54 -2.88 9.12
CA ARG B 419 -17.95 -2.07 10.19
C ARG B 419 -17.06 -0.97 9.62
N ARG B 420 -17.33 0.27 10.04
CA ARG B 420 -16.50 1.44 9.72
C ARG B 420 -16.56 1.80 8.24
N VAL B 421 -17.63 1.39 7.57
CA VAL B 421 -17.80 1.56 6.13
C VAL B 421 -18.80 2.66 5.81
N TYR B 422 -19.94 2.66 6.49
CA TYR B 422 -21.03 3.56 6.18
C TYR B 422 -21.27 4.54 7.33
N THR B 423 -21.69 5.74 6.97
CA THR B 423 -22.02 6.76 7.96
C THR B 423 -23.51 6.73 8.27
N ASN B 424 -23.91 7.49 9.29
CA ASN B 424 -25.32 7.58 9.64
C ASN B 424 -26.14 8.24 8.53
N ASP B 425 -25.51 9.01 7.64
CA ASP B 425 -26.25 9.50 6.49
C ASP B 425 -26.59 8.37 5.52
N HIS B 426 -25.69 7.38 5.39
CA HIS B 426 -26.05 6.17 4.67
C HIS B 426 -27.20 5.44 5.36
N MET B 427 -27.18 5.39 6.70
CA MET B 427 -28.29 4.80 7.44
C MET B 427 -29.60 5.51 7.15
N ASP B 428 -29.56 6.85 7.08
CA ASP B 428 -30.77 7.61 6.78
C ASP B 428 -31.33 7.22 5.42
N TYR B 429 -30.46 7.11 4.41
CA TYR B 429 -30.93 6.69 3.09
C TYR B 429 -31.58 5.31 3.16
N ILE B 430 -30.99 4.39 3.92
CA ILE B 430 -31.54 3.04 4.03
C ILE B 430 -32.90 3.08 4.70
N ALA B 431 -33.01 3.81 5.82
CA ALA B 431 -34.29 3.88 6.54
C ALA B 431 -35.36 4.56 5.69
N ASP B 432 -35.01 5.68 5.06
CA ASP B 432 -35.97 6.38 4.22
C ASP B 432 -36.47 5.51 3.08
N ALA B 433 -35.62 4.63 2.55
CA ALA B 433 -36.03 3.76 1.46
C ALA B 433 -37.07 2.75 1.91
N LEU B 434 -36.83 2.09 3.05
CA LEU B 434 -37.76 1.10 3.56
C LEU B 434 -39.05 1.75 4.07
N ILE B 435 -38.95 2.95 4.64
CA ILE B 435 -40.14 3.67 5.07
C ILE B 435 -41.03 4.00 3.86
N GLY B 436 -40.41 4.28 2.71
CA GLY B 436 -41.14 4.70 1.53
C GLY B 436 -41.97 3.58 0.92
N LEU B 437 -41.90 2.38 1.49
CA LEU B 437 -42.60 1.23 0.96
C LEU B 437 -43.83 0.84 1.76
N LYS B 438 -44.24 1.67 2.74
CA LYS B 438 -45.32 1.28 3.63
C LYS B 438 -46.60 0.93 2.89
N GLU B 439 -46.91 1.67 1.82
CA GLU B 439 -48.16 1.46 1.11
C GLU B 439 -48.15 0.22 0.22
N LYS B 440 -46.97 -0.32 -0.09
CA LYS B 440 -46.86 -1.43 -1.03
C LYS B 440 -46.56 -2.77 -0.36
N PHE B 441 -46.51 -2.82 0.97
CA PHE B 441 -46.23 -4.09 1.64
C PHE B 441 -47.36 -5.09 1.44
N ALA B 442 -48.61 -4.66 1.64
CA ALA B 442 -49.76 -5.55 1.55
C ALA B 442 -49.98 -6.08 0.13
N THR B 443 -49.21 -5.62 -0.85
CA THR B 443 -49.36 -6.05 -2.23
C THR B 443 -48.19 -6.90 -2.72
N LEU B 444 -47.17 -7.11 -1.88
CA LEU B 444 -46.03 -7.91 -2.31
C LEU B 444 -46.41 -9.38 -2.42
N LYS B 445 -45.65 -10.11 -3.23
CA LYS B 445 -45.96 -11.49 -3.60
C LYS B 445 -44.81 -12.42 -3.22
N GLY B 446 -45.16 -13.66 -2.90
CA GLY B 446 -44.16 -14.66 -2.60
C GLY B 446 -43.34 -15.06 -3.81
N LEU B 447 -42.44 -16.01 -3.58
CA LEU B 447 -41.53 -16.49 -4.63
C LEU B 447 -41.52 -18.02 -4.64
N GLU B 448 -41.29 -18.57 -5.83
CA GLU B 448 -41.24 -20.01 -6.04
C GLU B 448 -39.88 -20.42 -6.59
N PHE B 449 -39.44 -21.62 -6.22
CA PHE B 449 -38.14 -22.10 -6.68
C PHE B 449 -38.17 -22.40 -8.17
N GLU B 450 -37.15 -21.91 -8.87
CA GLU B 450 -36.81 -22.37 -10.21
C GLU B 450 -35.66 -23.36 -10.20
N TYR B 451 -34.64 -23.11 -9.40
CA TYR B 451 -33.54 -24.04 -9.17
C TYR B 451 -33.20 -23.99 -7.69
N GLU B 452 -33.14 -25.16 -7.05
CA GLU B 452 -32.92 -25.23 -5.61
C GLU B 452 -31.75 -26.16 -5.29
N PRO B 453 -30.62 -25.65 -4.82
CA PRO B 453 -29.56 -26.53 -4.35
C PRO B 453 -30.02 -27.33 -3.15
N PRO B 454 -29.48 -28.54 -2.95
CA PRO B 454 -29.87 -29.34 -1.78
C PRO B 454 -29.20 -28.90 -0.48
N VAL B 455 -28.09 -28.16 -0.56
CA VAL B 455 -27.39 -27.66 0.61
C VAL B 455 -27.18 -26.17 0.41
N LEU B 456 -27.55 -25.38 1.41
CA LEU B 456 -27.40 -23.92 1.37
C LEU B 456 -28.03 -23.35 0.10
N ARG B 457 -29.34 -23.56 -0.02
CA ARG B 457 -30.05 -23.19 -1.24
C ARG B 457 -30.03 -21.68 -1.46
N HIS B 458 -30.15 -20.90 -0.39
CA HIS B 458 -30.40 -19.47 -0.48
C HIS B 458 -29.25 -18.70 -1.12
N PHE B 459 -28.09 -19.31 -1.32
CA PHE B 459 -26.96 -18.58 -1.89
C PHE B 459 -27.01 -18.51 -3.40
N THR B 460 -27.45 -19.58 -4.07
CA THR B 460 -27.40 -19.65 -5.52
C THR B 460 -28.73 -20.02 -6.15
N ALA B 461 -29.80 -20.14 -5.37
CA ALA B 461 -31.11 -20.49 -5.91
C ALA B 461 -31.67 -19.34 -6.74
N ARG B 462 -32.38 -19.70 -7.81
CA ARG B 462 -33.08 -18.74 -8.65
C ARG B 462 -34.58 -18.88 -8.39
N LEU B 463 -35.26 -17.74 -8.24
CA LEU B 463 -36.65 -17.71 -7.79
C LEU B 463 -37.55 -17.13 -8.87
N LYS B 464 -38.83 -17.52 -8.82
CA LYS B 464 -39.90 -17.01 -9.67
C LYS B 464 -40.93 -16.28 -8.82
N PRO B 465 -41.26 -15.04 -9.13
CA PRO B 465 -42.34 -14.36 -8.38
C PRO B 465 -43.67 -15.07 -8.60
N ILE B 466 -44.34 -15.41 -7.50
CA ILE B 466 -45.63 -16.08 -7.59
C ILE B 466 -46.66 -15.11 -8.14
N GLU B 467 -47.46 -15.57 -9.10
CA GLU B 467 -48.44 -14.73 -9.75
C GLU B 467 -49.79 -14.82 -9.06
N ALA C 2 36.81 -9.38 -9.99
CA ALA C 2 35.61 -8.70 -9.49
C ALA C 2 34.80 -9.64 -8.62
N LYS C 3 34.47 -9.17 -7.42
CA LYS C 3 33.81 -9.98 -6.40
C LYS C 3 32.36 -9.55 -6.25
N ARG C 4 31.43 -10.49 -6.48
CA ARG C 4 30.02 -10.24 -6.26
CA ARG C 4 30.02 -10.23 -6.26
C ARG C 4 29.67 -10.44 -4.79
N ILE C 5 28.85 -9.53 -4.25
CA ILE C 5 28.37 -9.62 -2.88
C ILE C 5 26.87 -9.86 -2.93
N VAL C 6 26.39 -10.75 -2.05
CA VAL C 6 24.98 -11.15 -2.03
C VAL C 6 24.17 -10.13 -1.24
N GLU C 7 22.93 -9.93 -1.68
CA GLU C 7 22.03 -8.98 -1.04
C GLU C 7 21.71 -9.44 0.38
N PRO C 8 21.83 -8.56 1.38
CA PRO C 8 21.37 -8.91 2.73
C PRO C 8 19.86 -8.69 2.85
N PHE C 9 19.13 -9.07 1.80
CA PHE C 9 17.69 -8.94 1.74
C PHE C 9 17.22 -9.80 0.58
N ARG C 10 15.91 -9.96 0.46
CA ARG C 10 15.32 -10.55 -0.72
C ARG C 10 14.31 -9.57 -1.30
N ILE C 11 13.86 -9.86 -2.52
CA ILE C 11 12.93 -8.98 -3.22
C ILE C 11 11.53 -9.22 -2.71
N LYS C 12 10.77 -8.13 -2.53
CA LYS C 12 9.35 -8.21 -2.19
C LYS C 12 8.43 -7.61 -3.24
N MET C 13 8.93 -6.72 -4.10
CA MET C 13 8.10 -6.14 -5.14
C MET C 13 8.98 -5.72 -6.30
N VAL C 14 8.44 -5.83 -7.52
CA VAL C 14 9.20 -5.61 -8.74
C VAL C 14 8.47 -4.61 -9.63
N GLU C 15 9.22 -3.99 -10.54
CA GLU C 15 8.63 -3.22 -11.63
C GLU C 15 9.35 -3.56 -12.92
N LYS C 16 8.57 -3.71 -14.00
CA LYS C 16 9.11 -4.14 -15.27
C LYS C 16 10.04 -3.09 -15.87
N ILE C 17 11.10 -3.55 -16.54
CA ILE C 17 11.92 -2.72 -17.40
C ILE C 17 12.00 -3.40 -18.76
N ARG C 18 12.37 -2.61 -19.78
CA ARG C 18 12.46 -3.14 -21.14
C ARG C 18 13.63 -2.50 -21.86
N VAL C 19 14.07 -3.17 -22.92
CA VAL C 19 15.12 -2.66 -23.80
C VAL C 19 14.45 -2.01 -25.01
N PRO C 20 14.51 -0.69 -25.15
CA PRO C 20 14.07 -0.07 -26.41
C PRO C 20 14.95 -0.52 -27.57
N SER C 21 14.38 -0.54 -28.76
CA SER C 21 15.14 -0.91 -29.94
C SER C 21 16.19 0.15 -30.25
N ARG C 22 17.15 -0.22 -31.11
N ARG C 22 17.18 -0.24 -31.06
CA ARG C 22 18.21 0.73 -31.48
CA ARG C 22 18.20 0.71 -31.51
C ARG C 22 17.66 1.88 -32.31
C ARG C 22 17.57 1.90 -32.20
N GLU C 23 16.58 1.65 -33.05
CA GLU C 23 15.94 2.74 -33.79
C GLU C 23 15.15 3.66 -32.85
N GLU C 24 14.57 3.10 -31.78
CA GLU C 24 13.88 3.93 -30.79
C GLU C 24 14.86 4.86 -30.08
N ARG C 25 16.05 4.37 -29.76
CA ARG C 25 16.99 5.16 -28.97
C ARG C 25 17.60 6.28 -29.80
N GLU C 26 17.90 6.03 -31.07
CA GLU C 26 18.46 7.08 -31.91
C GLU C 26 17.43 8.16 -32.23
N ALA C 27 16.17 7.77 -32.45
CA ALA C 27 15.11 8.75 -32.63
C ALA C 27 14.90 9.57 -31.37
N ALA C 28 14.87 8.90 -30.21
CA ALA C 28 14.58 9.59 -28.95
C ALA C 28 15.75 10.48 -28.53
N LEU C 29 16.99 10.05 -28.78
CA LEU C 29 18.13 10.89 -28.40
C LEU C 29 18.22 12.13 -29.28
N LYS C 30 17.85 12.01 -30.56
CA LYS C 30 17.83 13.18 -31.43
C LYS C 30 16.70 14.13 -31.07
N GLU C 31 15.52 13.60 -30.75
CA GLU C 31 14.43 14.45 -30.29
C GLU C 31 14.79 15.15 -28.98
N ALA C 32 15.55 14.49 -28.11
CA ALA C 32 15.97 15.06 -26.84
C ALA C 32 17.15 16.02 -26.97
N GLY C 33 17.51 16.44 -28.18
CA GLY C 33 18.63 17.34 -28.36
C GLY C 33 19.94 16.81 -27.87
N TYR C 34 20.16 15.49 -27.95
CA TYR C 34 21.39 14.83 -27.54
C TYR C 34 21.73 15.07 -26.07
N ASN C 35 20.71 15.39 -25.27
CA ASN C 35 20.84 15.48 -23.82
C ASN C 35 19.98 14.40 -23.19
N PRO C 36 20.57 13.37 -22.57
CA PRO C 36 19.76 12.26 -22.03
C PRO C 36 18.82 12.69 -20.92
N PHE C 37 19.06 13.83 -20.27
CA PHE C 37 18.12 14.35 -19.28
C PHE C 37 16.74 14.57 -19.88
N LEU C 38 16.67 14.92 -21.16
CA LEU C 38 15.40 15.20 -21.83
C LEU C 38 14.78 13.95 -22.44
N LEU C 39 15.31 12.76 -22.14
CA LEU C 39 14.72 11.51 -22.58
C LEU C 39 13.59 11.08 -21.64
N PRO C 40 12.50 10.54 -22.17
CA PRO C 40 11.50 9.91 -21.31
C PRO C 40 12.01 8.61 -20.74
N SER C 41 11.50 8.24 -19.56
CA SER C 41 11.93 7.00 -18.93
C SER C 41 11.57 5.77 -19.76
N SER C 42 10.57 5.87 -20.64
CA SER C 42 10.22 4.73 -21.47
C SER C 42 11.26 4.44 -22.54
N ALA C 43 12.15 5.40 -22.82
CA ALA C 43 13.23 5.21 -23.76
C ALA C 43 14.50 4.72 -23.09
N VAL C 44 14.46 4.39 -21.80
CA VAL C 44 15.62 4.02 -21.03
C VAL C 44 15.44 2.61 -20.51
N TYR C 45 16.52 1.83 -20.52
CA TYR C 45 16.51 0.46 -20.04
C TYR C 45 16.94 0.44 -18.59
N ILE C 46 18.25 0.46 -18.36
CA ILE C 46 18.84 0.61 -17.04
C ILE C 46 19.17 2.08 -16.86
N ASP C 47 18.55 2.72 -15.88
CA ASP C 47 18.71 4.15 -15.66
C ASP C 47 19.79 4.38 -14.61
N LEU C 48 20.93 4.95 -15.05
CA LEU C 48 22.06 5.28 -14.18
C LEU C 48 22.28 6.79 -14.11
N LEU C 49 21.21 7.56 -14.29
CA LEU C 49 21.32 9.01 -14.28
C LEU C 49 21.65 9.53 -12.89
N THR C 50 21.14 8.90 -11.85
CA THR C 50 21.32 9.38 -10.49
C THR C 50 20.95 8.29 -9.50
N ASP C 51 21.45 8.45 -8.27
CA ASP C 51 21.02 7.66 -7.13
C ASP C 51 20.12 8.47 -6.21
N SER C 52 19.59 9.58 -6.69
CA SER C 52 18.79 10.49 -5.89
C SER C 52 17.32 10.21 -6.18
N GLY C 53 16.60 9.72 -5.17
CA GLY C 53 15.17 9.55 -5.30
C GLY C 53 14.73 8.32 -6.07
N THR C 54 15.66 7.46 -6.49
CA THR C 54 15.36 6.27 -7.26
C THR C 54 15.53 4.99 -6.46
N ASN C 55 15.77 5.09 -5.16
CA ASN C 55 16.07 3.92 -4.34
C ASN C 55 14.81 3.09 -4.07
N ALA C 56 15.03 1.81 -3.81
CA ALA C 56 13.95 0.89 -3.44
C ALA C 56 13.82 0.86 -1.93
N MET C 57 12.62 1.19 -1.44
CA MET C 57 12.37 1.22 -0.02
C MET C 57 12.08 -0.18 0.50
N SER C 58 12.14 -0.33 1.82
CA SER C 58 11.84 -1.59 2.46
C SER C 58 10.35 -1.70 2.76
N ASP C 59 9.92 -2.91 3.13
CA ASP C 59 8.53 -3.07 3.58
C ASP C 59 8.28 -2.23 4.82
N HIS C 60 9.24 -2.14 5.73
CA HIS C 60 9.05 -1.30 6.91
C HIS C 60 8.84 0.16 6.52
N GLN C 61 9.53 0.62 5.48
CA GLN C 61 9.38 2.01 5.06
C GLN C 61 7.99 2.28 4.49
N TRP C 62 7.48 1.36 3.67
CA TRP C 62 6.13 1.53 3.15
C TRP C 62 5.07 1.44 4.25
N ALA C 63 5.31 0.62 5.28
CA ALA C 63 4.37 0.56 6.40
C ALA C 63 4.37 1.87 7.17
N ALA C 64 5.55 2.45 7.39
CA ALA C 64 5.64 3.74 8.06
C ALA C 64 4.86 4.80 7.30
N MET C 65 4.90 4.73 5.96
CA MET C 65 4.16 5.71 5.16
C MET C 65 2.66 5.55 5.33
N ILE C 66 2.19 4.31 5.46
CA ILE C 66 0.75 4.04 5.53
C ILE C 66 0.15 4.58 6.83
N THR C 67 0.87 4.46 7.94
CA THR C 67 0.42 5.06 9.20
C THR C 67 1.02 6.45 9.42
N GLY C 68 1.58 7.07 8.38
CA GLY C 68 2.13 8.40 8.55
C GLY C 68 1.06 9.42 8.88
N ASP C 69 1.43 10.40 9.71
CA ASP C 69 0.51 11.42 10.21
C ASP C 69 0.55 12.63 9.28
N GLU C 70 -0.53 12.85 8.53
CA GLU C 70 -0.59 13.93 7.55
C GLU C 70 -1.00 15.27 8.15
N ALA C 71 -1.10 15.37 9.48
CA ALA C 71 -1.44 16.62 10.15
C ALA C 71 -0.59 17.77 9.61
N TYR C 72 -1.18 18.95 9.55
CA TYR C 72 -0.44 20.09 9.04
C TYR C 72 0.57 20.61 10.05
N ALA C 73 0.23 20.59 11.33
CA ALA C 73 1.09 21.11 12.38
C ALA C 73 1.21 20.08 13.50
N GLY C 74 2.45 19.80 13.90
CA GLY C 74 2.68 18.89 15.02
C GLY C 74 2.56 17.42 14.68
N SER C 75 2.83 17.04 13.44
CA SER C 75 2.74 15.64 13.03
C SER C 75 3.56 14.76 13.96
N ARG C 76 3.02 13.58 14.25
CA ARG C 76 3.72 12.62 15.09
CA ARG C 76 3.73 12.61 15.08
C ARG C 76 5.09 12.27 14.51
N ASN C 77 5.22 12.26 13.18
CA ASN C 77 6.48 11.90 12.55
C ASN C 77 7.51 13.02 12.55
N TYR C 78 7.09 14.28 12.71
CA TYR C 78 8.08 15.33 12.94
C TYR C 78 8.82 15.10 14.25
N TYR C 79 8.09 14.73 15.31
CA TYR C 79 8.74 14.47 16.59
C TYR C 79 9.60 13.22 16.53
N ASP C 80 9.20 12.23 15.72
CA ASP C 80 10.05 11.06 15.51
C ASP C 80 11.34 11.44 14.80
N LEU C 81 11.22 12.23 13.73
CA LEU C 81 12.39 12.68 12.98
C LEU C 81 13.32 13.50 13.86
N LYS C 82 12.76 14.34 14.73
CA LYS C 82 13.58 15.13 15.65
C LYS C 82 14.30 14.22 16.64
N ASP C 83 13.65 13.16 17.10
CA ASP C 83 14.31 12.23 18.00
C ASP C 83 15.42 11.47 17.31
N LYS C 84 15.18 11.07 16.04
CA LYS C 84 16.19 10.31 15.30
C LYS C 84 17.43 11.15 15.02
N ALA C 85 17.24 12.45 14.78
CA ALA C 85 18.40 13.32 14.54
C ALA C 85 19.19 13.53 15.82
N LYS C 86 18.51 13.66 16.95
CA LYS C 86 19.21 13.72 18.23
C LYS C 86 20.00 12.45 18.50
N GLU C 87 19.45 11.30 18.09
CA GLU C 87 20.14 10.02 18.31
C GLU C 87 21.37 9.90 17.41
N LEU C 88 21.22 10.18 16.12
CA LEU C 88 22.29 9.91 15.17
C LEU C 88 23.40 10.95 15.24
N PHE C 89 23.04 12.23 15.31
CA PHE C 89 24.02 13.31 15.19
C PHE C 89 24.26 14.04 16.50
N ASN C 90 23.40 13.86 17.49
CA ASN C 90 23.40 14.61 18.73
C ASN C 90 23.04 16.08 18.51
N TYR C 91 22.34 16.38 17.43
CA TYR C 91 21.86 17.73 17.16
C TYR C 91 20.48 17.92 17.78
N ASP C 92 20.19 19.15 18.19
CA ASP C 92 18.98 19.43 18.96
C ASP C 92 17.85 20.03 18.15
N TYR C 93 18.09 20.48 16.92
CA TYR C 93 17.07 21.18 16.14
C TYR C 93 16.99 20.59 14.75
N ILE C 94 15.77 20.47 14.22
CA ILE C 94 15.54 19.96 12.87
C ILE C 94 14.51 20.82 12.16
N ILE C 95 14.67 20.91 10.85
CA ILE C 95 13.70 21.55 9.95
C ILE C 95 13.62 20.66 8.71
N PRO C 96 12.54 19.91 8.51
CA PRO C 96 12.42 19.13 7.28
C PRO C 96 12.36 20.03 6.05
N ALA C 97 12.74 19.45 4.91
CA ALA C 97 12.67 20.11 3.62
C ALA C 97 12.25 19.09 2.58
N HIS C 98 11.77 19.59 1.43
CA HIS C 98 11.25 18.66 0.43
C HIS C 98 12.37 17.87 -0.24
N GLN C 99 13.58 18.43 -0.31
CA GLN C 99 14.78 17.68 -0.71
C GLN C 99 16.01 18.55 -0.43
N GLY C 100 17.15 18.13 -0.99
CA GLY C 100 18.44 18.70 -0.59
C GLY C 100 18.59 20.16 -0.96
N ARG C 101 18.21 20.55 -2.18
CA ARG C 101 18.33 21.94 -2.57
C ARG C 101 17.28 22.83 -1.89
N GLY C 102 16.27 22.26 -1.26
CA GLY C 102 15.39 23.01 -0.39
C GLY C 102 16.03 23.25 0.95
N ALA C 103 16.75 22.24 1.44
CA ALA C 103 17.52 22.41 2.67
C ALA C 103 18.55 23.53 2.52
N GLU C 104 19.26 23.54 1.40
CA GLU C 104 20.27 24.58 1.18
C GLU C 104 19.62 25.95 1.01
N ASN C 105 18.48 26.00 0.32
CA ASN C 105 17.76 27.26 0.18
C ASN C 105 17.24 27.78 1.51
N ILE C 106 17.02 26.90 2.50
CA ILE C 106 16.64 27.36 3.84
C ILE C 106 17.86 27.92 4.58
N LEU C 107 18.97 27.17 4.58
CA LEU C 107 20.07 27.42 5.49
C LEU C 107 21.11 28.41 4.96
N PHE C 108 21.45 28.34 3.66
CA PHE C 108 22.56 29.17 3.18
C PHE C 108 22.21 30.65 3.17
N PRO C 109 21.04 31.10 2.68
CA PRO C 109 20.70 32.52 2.83
C PRO C 109 20.68 32.97 4.28
N VAL C 110 20.30 32.07 5.21
CA VAL C 110 20.28 32.43 6.62
C VAL C 110 21.69 32.62 7.16
N LEU C 111 22.63 31.76 6.76
CA LEU C 111 24.00 31.91 7.23
C LEU C 111 24.63 33.19 6.70
N LEU C 112 24.30 33.56 5.45
CA LEU C 112 24.85 34.77 4.87
C LEU C 112 24.35 36.01 5.60
N LYS C 113 23.07 36.06 5.95
CA LYS C 113 22.56 37.20 6.72
C LYS C 113 23.13 37.21 8.13
N TYR C 114 23.36 36.04 8.72
CA TYR C 114 23.95 35.99 10.05
C TYR C 114 25.39 36.50 10.03
N LYS C 115 26.12 36.21 8.95
CA LYS C 115 27.49 36.69 8.84
C LYS C 115 27.54 38.19 8.61
N GLN C 116 26.48 38.77 8.07
CA GLN C 116 26.42 40.20 7.79
C GLN C 116 25.93 41.03 8.97
N LYS C 117 25.56 40.40 10.08
CA LYS C 117 25.03 41.13 11.22
C LYS C 117 26.02 42.17 11.74
N GLU C 118 27.31 41.82 11.79
CA GLU C 118 28.33 42.75 12.24
C GLU C 118 29.06 43.42 11.08
N GLY C 119 28.34 43.73 9.99
CA GLY C 119 28.98 44.32 8.83
C GLY C 119 30.01 43.46 8.14
N LYS C 120 30.10 42.17 8.48
CA LYS C 120 31.07 41.28 7.85
C LYS C 120 30.53 40.75 6.52
N ALA C 121 31.22 39.76 5.94
CA ALA C 121 30.82 39.17 4.65
C ALA C 121 30.65 40.23 3.56
N LYS C 122 31.58 41.19 3.53
CA LYS C 122 31.56 42.20 2.47
C LYS C 122 31.87 41.60 1.11
N ASN C 123 32.72 40.58 1.07
CA ASN C 123 32.98 39.80 -0.15
C ASN C 123 32.82 38.34 0.23
N PRO C 124 31.58 37.87 0.34
CA PRO C 124 31.33 36.57 0.96
C PRO C 124 31.76 35.39 0.09
N VAL C 125 32.23 34.34 0.74
CA VAL C 125 32.60 33.09 0.06
C VAL C 125 32.18 31.91 0.91
N PHE C 126 31.91 30.79 0.23
CA PHE C 126 31.76 29.49 0.84
C PHE C 126 32.95 28.64 0.44
N ILE C 127 33.49 27.89 1.38
CA ILE C 127 34.65 27.02 1.13
C ILE C 127 34.24 25.58 1.38
N SER C 128 34.44 24.73 0.39
CA SER C 128 34.09 23.32 0.50
C SER C 128 35.21 22.48 -0.06
N ASN C 129 35.22 21.20 0.31
CA ASN C 129 36.07 20.26 -0.42
C ASN C 129 35.60 20.17 -1.86
N PHE C 130 34.29 20.20 -2.08
CA PHE C 130 33.71 20.45 -3.40
C PHE C 130 32.21 20.70 -3.30
N HIS C 131 31.76 21.85 -3.82
CA HIS C 131 30.33 22.12 -3.93
C HIS C 131 29.78 21.39 -5.14
N PHE C 132 28.79 20.52 -4.93
CA PHE C 132 28.10 19.94 -6.07
C PHE C 132 27.21 20.99 -6.72
N ASP C 133 26.60 20.64 -7.85
CA ASP C 133 26.14 21.67 -8.78
C ASP C 133 25.01 22.52 -8.18
N THR C 134 24.06 21.90 -7.50
CA THR C 134 22.99 22.68 -6.87
CA THR C 134 23.00 22.69 -6.89
C THR C 134 23.50 23.39 -5.63
N THR C 135 24.49 22.82 -4.94
CA THR C 135 25.07 23.48 -3.78
C THR C 135 25.80 24.76 -4.19
N ALA C 136 26.64 24.66 -5.22
CA ALA C 136 27.33 25.84 -5.73
C ALA C 136 26.34 26.84 -6.32
N ALA C 137 25.24 26.36 -6.90
CA ALA C 137 24.26 27.25 -7.51
C ALA C 137 23.57 28.12 -6.48
N HIS C 138 23.23 27.55 -5.32
CA HIS C 138 22.64 28.35 -4.26
C HIS C 138 23.67 29.29 -3.62
N VAL C 139 24.90 28.82 -3.44
CA VAL C 139 25.97 29.70 -2.99
C VAL C 139 26.10 30.90 -3.91
N GLU C 140 26.06 30.67 -5.24
CA GLU C 140 26.19 31.75 -6.20
C GLU C 140 24.91 32.59 -6.29
N LEU C 141 23.74 31.96 -6.17
CA LEU C 141 22.48 32.69 -6.22
C LEU C 141 22.43 33.82 -5.21
N ASN C 142 23.05 33.62 -4.04
CA ASN C 142 23.05 34.61 -2.97
C ASN C 142 24.26 35.54 -3.03
N GLY C 143 24.93 35.64 -4.18
CA GLY C 143 26.01 36.58 -4.35
C GLY C 143 27.35 36.20 -3.76
N CYS C 144 27.57 34.92 -3.50
CA CYS C 144 28.82 34.44 -2.93
C CYS C 144 29.60 33.62 -3.95
N LYS C 145 30.86 33.36 -3.61
CA LYS C 145 31.73 32.53 -4.43
C LYS C 145 31.84 31.14 -3.83
N ALA C 146 31.73 30.11 -4.68
CA ALA C 146 31.86 28.72 -4.26
C ALA C 146 33.29 28.26 -4.52
N ILE C 147 34.05 28.03 -3.45
CA ILE C 147 35.45 27.65 -3.54
C ILE C 147 35.57 26.17 -3.20
N ASN C 148 36.26 25.43 -4.06
CA ASN C 148 36.50 24.00 -3.88
C ASN C 148 37.99 23.77 -3.67
N ILE C 149 38.33 23.06 -2.59
CA ILE C 149 39.73 22.84 -2.24
C ILE C 149 39.97 21.37 -1.91
N VAL C 150 39.38 20.47 -2.71
CA VAL C 150 39.61 19.05 -2.48
C VAL C 150 41.08 18.74 -2.70
N THR C 151 41.56 17.69 -2.02
CA THR C 151 42.95 17.26 -2.19
C THR C 151 43.24 17.02 -3.66
N GLU C 152 44.44 17.43 -4.09
CA GLU C 152 44.87 17.23 -5.47
C GLU C 152 44.95 15.76 -5.83
N LYS C 153 44.99 14.87 -4.83
CA LYS C 153 45.01 13.44 -5.11
C LYS C 153 43.78 13.00 -5.89
N ALA C 154 42.66 13.70 -5.71
CA ALA C 154 41.44 13.34 -6.41
C ALA C 154 41.55 13.53 -7.91
N PHE C 155 42.50 14.33 -8.38
CA PHE C 155 42.63 14.57 -9.81
C PHE C 155 43.48 13.52 -10.50
N ASP C 156 44.03 12.58 -9.74
CA ASP C 156 44.81 11.47 -10.28
C ASP C 156 43.94 10.22 -10.17
N SER C 157 43.24 9.89 -11.25
CA SER C 157 42.24 8.82 -11.22
C SER C 157 42.87 7.48 -10.84
N GLU C 158 43.92 7.08 -11.57
CA GLU C 158 44.49 5.75 -11.41
C GLU C 158 45.24 5.58 -10.09
N THR C 159 45.59 6.66 -9.41
CA THR C 159 46.42 6.58 -8.22
C THR C 159 45.52 6.43 -7.00
N TYR C 160 45.53 5.23 -6.40
CA TYR C 160 44.71 4.96 -5.23
C TYR C 160 45.04 5.93 -4.10
N ASP C 161 44.01 6.32 -3.34
CA ASP C 161 44.19 7.00 -2.07
C ASP C 161 42.97 6.75 -1.20
N ASP C 162 43.20 6.63 0.12
CA ASP C 162 42.13 6.29 1.04
C ASP C 162 41.05 7.36 1.08
N TRP C 163 41.42 8.63 0.95
CA TRP C 163 40.53 9.76 1.22
C TRP C 163 40.64 10.77 0.09
N LYS C 164 40.20 10.40 -1.11
CA LYS C 164 40.23 11.35 -2.22
C LYS C 164 39.21 12.48 -2.07
N GLY C 165 38.40 12.46 -1.02
CA GLY C 165 37.48 13.53 -0.71
C GLY C 165 37.96 14.51 0.34
N ASP C 166 39.23 14.45 0.72
CA ASP C 166 39.74 15.30 1.79
C ASP C 166 39.81 16.76 1.36
N PHE C 167 39.56 17.65 2.32
CA PHE C 167 39.96 19.05 2.18
C PHE C 167 41.48 19.13 2.06
N ASP C 168 41.95 20.01 1.18
CA ASP C 168 43.36 20.41 1.20
C ASP C 168 43.54 21.38 2.36
N ILE C 169 44.23 20.94 3.41
CA ILE C 169 44.32 21.74 4.63
C ILE C 169 45.13 23.01 4.38
N LYS C 170 46.19 22.91 3.56
CA LYS C 170 46.99 24.08 3.23
C LYS C 170 46.17 25.10 2.45
N LYS C 171 45.32 24.65 1.52
CA LYS C 171 44.49 25.58 0.79
C LYS C 171 43.44 26.24 1.68
N LEU C 172 42.95 25.50 2.69
CA LEU C 172 41.98 26.07 3.62
C LEU C 172 42.57 27.25 4.38
N LYS C 173 43.76 27.05 4.97
CA LYS C 173 44.41 28.12 5.71
C LYS C 173 44.77 29.29 4.79
N GLU C 174 45.12 29.02 3.54
CA GLU C 174 45.48 30.11 2.63
C GLU C 174 44.24 30.87 2.18
N ASN C 175 43.13 30.17 1.92
CA ASN C 175 41.89 30.84 1.60
C ASN C 175 41.40 31.68 2.77
N ILE C 176 41.51 31.14 4.00
CA ILE C 176 41.16 31.92 5.18
C ILE C 176 42.03 33.16 5.27
N ALA C 177 43.30 33.03 4.90
CA ALA C 177 44.22 34.18 4.95
C ALA C 177 43.90 35.21 3.87
N GLN C 178 43.62 34.74 2.65
CA GLN C 178 43.35 35.66 1.53
C GLN C 178 42.04 36.39 1.73
N HIS C 179 40.95 35.64 1.90
CA HIS C 179 39.63 36.26 2.00
C HIS C 179 39.38 36.87 3.37
N GLY C 180 39.94 36.29 4.42
CA GLY C 180 39.63 36.73 5.76
C GLY C 180 38.49 35.94 6.36
N ALA C 181 38.59 35.63 7.66
CA ALA C 181 37.54 34.86 8.32
C ALA C 181 36.19 35.57 8.26
N ASP C 182 36.18 36.90 8.15
CA ASP C 182 34.92 37.64 8.10
C ASP C 182 34.21 37.48 6.76
N ASN C 183 34.90 37.00 5.73
CA ASN C 183 34.29 36.82 4.42
C ASN C 183 33.83 35.39 4.16
N ILE C 184 34.28 34.43 4.97
CA ILE C 184 33.91 33.03 4.80
C ILE C 184 32.60 32.82 5.56
N VAL C 185 31.49 32.81 4.82
CA VAL C 185 30.18 32.65 5.45
C VAL C 185 30.08 31.30 6.15
N ALA C 186 30.57 30.25 5.49
CA ALA C 186 30.55 28.92 6.07
C ALA C 186 31.50 28.03 5.29
N ILE C 187 31.94 26.96 5.95
CA ILE C 187 32.65 25.86 5.32
C ILE C 187 31.68 24.71 5.16
N VAL C 188 31.65 24.11 3.98
CA VAL C 188 30.72 23.02 3.66
C VAL C 188 31.53 21.75 3.44
N SER C 189 31.43 20.80 4.37
CA SER C 189 32.09 19.51 4.24
C SER C 189 31.11 18.54 3.59
N THR C 190 31.40 18.13 2.35
CA THR C 190 30.52 17.22 1.63
C THR C 190 30.98 15.79 1.83
N VAL C 191 30.14 14.96 2.46
CA VAL C 191 30.45 13.56 2.72
C VAL C 191 29.36 12.68 2.14
N THR C 192 29.74 11.80 1.21
CA THR C 192 31.04 11.72 0.55
C THR C 192 31.15 12.88 -0.44
N CYS C 193 32.32 13.06 -1.04
CA CYS C 193 32.52 14.13 -2.02
C CYS C 193 32.02 13.65 -3.38
N ASN C 194 30.80 14.06 -3.75
CA ASN C 194 30.19 13.56 -4.97
C ASN C 194 31.00 13.94 -6.20
N SER C 195 31.51 15.17 -6.25
CA SER C 195 32.23 15.65 -7.44
C SER C 195 33.58 14.97 -7.61
N ALA C 196 34.23 14.60 -6.49
CA ALA C 196 35.49 13.87 -6.58
C ALA C 196 35.30 12.40 -6.94
N GLY C 197 34.06 11.91 -6.97
CA GLY C 197 33.79 10.53 -7.30
C GLY C 197 33.13 9.76 -6.16
N GLY C 198 32.38 10.45 -5.32
CA GLY C 198 31.82 9.80 -4.14
C GLY C 198 32.89 9.33 -3.17
N GLN C 199 34.00 10.04 -3.11
CA GLN C 199 35.21 9.72 -2.36
C GLN C 199 35.12 10.29 -0.95
N PRO C 200 35.57 9.52 0.04
CA PRO C 200 35.26 9.87 1.43
C PRO C 200 36.25 10.84 2.05
N VAL C 201 35.81 11.43 3.16
CA VAL C 201 36.58 12.37 3.96
C VAL C 201 36.90 11.67 5.28
N SER C 202 38.18 11.59 5.61
CA SER C 202 38.59 10.91 6.83
C SER C 202 38.06 11.65 8.07
N MET C 203 38.06 10.94 9.20
CA MET C 203 37.67 11.58 10.45
C MET C 203 38.68 12.64 10.88
N SER C 204 39.96 12.42 10.57
CA SER C 204 40.98 13.39 10.94
CA SER C 204 40.99 13.38 10.94
C SER C 204 40.87 14.65 10.08
N ASN C 205 40.56 14.50 8.80
CA ASN C 205 40.36 15.66 7.94
C ASN C 205 39.14 16.46 8.40
N LEU C 206 38.03 15.77 8.67
CA LEU C 206 36.85 16.45 9.22
C LEU C 206 37.17 17.12 10.54
N LYS C 207 37.96 16.45 11.38
CA LYS C 207 38.28 17.01 12.69
C LYS C 207 39.16 18.25 12.57
N GLU C 208 40.15 18.22 11.67
CA GLU C 208 41.05 19.37 11.55
C GLU C 208 40.38 20.55 10.87
N VAL C 209 39.50 20.29 9.91
CA VAL C 209 38.76 21.38 9.27
C VAL C 209 37.87 22.09 10.29
N TYR C 210 37.20 21.33 11.15
CA TYR C 210 36.35 21.94 12.17
C TYR C 210 37.17 22.71 13.19
N GLU C 211 38.36 22.22 13.53
CA GLU C 211 39.21 22.94 14.48
C GLU C 211 39.71 24.25 13.89
N ILE C 212 40.13 24.24 12.62
CA ILE C 212 40.59 25.47 11.98
C ILE C 212 39.43 26.45 11.81
N ALA C 213 38.23 25.94 11.53
CA ALA C 213 37.07 26.82 11.42
C ALA C 213 36.65 27.38 12.77
N LYS C 214 36.80 26.59 13.85
CA LYS C 214 36.49 27.12 15.17
C LYS C 214 37.53 28.12 15.64
N GLN C 215 38.79 27.91 15.25
CA GLN C 215 39.83 28.88 15.56
C GLN C 215 39.49 30.26 15.03
N HIS C 216 38.77 30.34 13.91
CA HIS C 216 38.44 31.61 13.27
C HIS C 216 36.96 31.96 13.39
N GLY C 217 36.19 31.24 14.21
CA GLY C 217 34.77 31.50 14.36
C GLY C 217 33.93 31.27 13.13
N ILE C 218 34.26 30.25 12.35
CA ILE C 218 33.57 30.00 11.07
C ILE C 218 32.58 28.85 11.25
N PHE C 219 31.40 29.02 10.65
CA PHE C 219 30.34 28.02 10.71
C PHE C 219 30.66 26.88 9.75
N VAL C 220 30.39 25.65 10.18
CA VAL C 220 30.64 24.46 9.36
C VAL C 220 29.31 23.77 9.10
N VAL C 221 29.01 23.51 7.82
CA VAL C 221 27.83 22.76 7.41
C VAL C 221 28.30 21.45 6.77
N MET C 222 27.77 20.34 7.27
CA MET C 222 28.02 19.03 6.67
C MET C 222 26.96 18.77 5.61
N ASP C 223 27.39 18.69 4.34
CA ASP C 223 26.50 18.24 3.27
C ASP C 223 26.40 16.73 3.37
N SER C 224 25.26 16.24 3.90
CA SER C 224 25.14 14.89 4.40
C SER C 224 24.32 13.98 3.50
N ALA C 225 24.31 14.24 2.19
CA ALA C 225 23.56 13.38 1.28
C ALA C 225 24.00 11.93 1.40
N ARG C 226 25.31 11.68 1.46
CA ARG C 226 25.84 10.32 1.47
C ARG C 226 26.76 10.11 2.69
N PHE C 227 26.25 10.44 3.88
CA PHE C 227 27.06 10.38 5.09
C PHE C 227 27.27 8.96 5.59
N CYS C 228 26.33 8.05 5.30
CA CYS C 228 26.51 6.66 5.72
C CYS C 228 27.58 5.97 4.90
N GLU C 229 27.62 6.25 3.59
CA GLU C 229 28.68 5.69 2.76
C GLU C 229 30.03 6.27 3.15
N ASN C 230 30.06 7.55 3.55
CA ASN C 230 31.31 8.11 4.09
C ASN C 230 31.68 7.41 5.40
N ALA C 231 30.70 7.20 6.28
CA ALA C 231 30.97 6.54 7.54
C ALA C 231 31.46 5.12 7.33
N TYR C 232 30.91 4.44 6.32
CA TYR C 232 31.37 3.09 6.03
C TYR C 232 32.84 3.09 5.62
N PHE C 233 33.25 4.05 4.79
CA PHE C 233 34.64 4.12 4.35
C PHE C 233 35.58 4.45 5.51
N ILE C 234 35.13 5.24 6.47
CA ILE C 234 35.95 5.52 7.65
C ILE C 234 36.21 4.24 8.43
N LYS C 235 35.16 3.46 8.68
CA LYS C 235 35.34 2.19 9.38
C LYS C 235 36.19 1.22 8.58
N ALA C 236 36.16 1.30 7.25
CA ALA C 236 36.93 0.37 6.44
C ALA C 236 38.40 0.76 6.34
N ARG C 237 38.71 2.05 6.35
CA ARG C 237 40.06 2.51 6.05
C ARG C 237 40.76 3.21 7.19
N ASP C 238 40.05 3.60 8.25
CA ASP C 238 40.70 4.20 9.41
C ASP C 238 40.89 3.14 10.47
N PRO C 239 42.13 2.78 10.82
CA PRO C 239 42.33 1.77 11.87
C PRO C 239 41.69 2.13 13.20
N LYS C 240 41.52 3.43 13.48
CA LYS C 240 40.95 3.83 14.76
C LYS C 240 39.52 3.35 14.91
N TYR C 241 38.80 3.16 13.80
CA TYR C 241 37.39 2.81 13.82
C TYR C 241 37.13 1.40 13.29
N LYS C 242 38.17 0.56 13.23
CA LYS C 242 38.02 -0.79 12.70
C LYS C 242 36.98 -1.60 13.48
N ASN C 243 36.84 -1.33 14.78
CA ASN C 243 35.93 -2.08 15.63
C ASN C 243 34.73 -1.27 16.10
N ALA C 244 34.50 -0.11 15.51
CA ALA C 244 33.37 0.72 15.88
C ALA C 244 32.15 0.36 15.02
N THR C 245 30.97 0.67 15.53
CA THR C 245 29.75 0.53 14.75
C THR C 245 29.58 1.75 13.85
N ILE C 246 28.79 1.59 12.79
CA ILE C 246 28.57 2.69 11.85
C ILE C 246 27.94 3.88 12.57
N LYS C 247 27.02 3.62 13.51
CA LYS C 247 26.42 4.71 14.27
C LYS C 247 27.44 5.40 15.15
N GLU C 248 28.48 4.69 15.58
CA GLU C 248 29.55 5.35 16.32
C GLU C 248 30.40 6.23 15.40
N VAL C 249 30.65 5.77 14.17
CA VAL C 249 31.39 6.58 13.20
C VAL C 249 30.61 7.86 12.89
N ILE C 250 29.32 7.72 12.58
CA ILE C 250 28.49 8.89 12.29
C ILE C 250 28.49 9.84 13.48
N PHE C 251 28.36 9.31 14.70
CA PHE C 251 28.27 10.15 15.89
C PHE C 251 29.55 10.94 16.13
N ASP C 252 30.70 10.38 15.76
CA ASP C 252 31.94 11.16 15.82
C ASP C 252 32.06 12.14 14.67
N MET C 253 31.54 11.79 13.48
CA MET C 253 31.62 12.69 12.34
C MET C 253 31.00 14.03 12.67
N TYR C 254 29.82 14.03 13.29
CA TYR C 254 29.05 15.25 13.46
C TYR C 254 29.45 16.03 14.69
N LYS C 255 30.48 15.59 15.41
CA LYS C 255 31.15 16.47 16.36
C LYS C 255 31.96 17.54 15.65
N TYR C 256 32.16 17.41 14.35
CA TYR C 256 33.01 18.30 13.56
C TYR C 256 32.19 19.08 12.55
N ALA C 257 30.97 19.44 12.93
CA ALA C 257 30.16 20.37 12.17
C ALA C 257 29.23 21.09 13.14
N ASP C 258 28.60 22.16 12.65
CA ASP C 258 27.66 22.93 13.44
C ASP C 258 26.22 22.77 12.97
N ALA C 259 26.01 22.28 11.76
CA ALA C 259 24.69 22.07 11.19
C ALA C 259 24.85 21.16 9.99
N LEU C 260 23.72 20.65 9.49
CA LEU C 260 23.77 19.80 8.31
C LEU C 260 22.62 20.16 7.38
N THR C 261 22.89 20.04 6.08
CA THR C 261 21.87 19.97 5.05
C THR C 261 21.95 18.58 4.43
N MET C 262 20.84 17.88 4.41
CA MET C 262 20.80 16.51 3.93
C MET C 262 19.77 16.39 2.82
N SER C 263 20.18 15.78 1.72
CA SER C 263 19.25 15.22 0.74
C SER C 263 18.95 13.81 1.19
N ALA C 264 17.73 13.58 1.70
CA ALA C 264 17.36 12.26 2.15
C ALA C 264 17.04 11.31 1.00
N LYS C 265 17.07 11.80 -0.23
CA LYS C 265 16.90 10.96 -1.42
C LYS C 265 18.11 10.09 -1.70
N LYS C 266 19.17 10.15 -0.87
CA LYS C 266 20.37 9.37 -1.10
C LYS C 266 20.45 8.31 -0.02
N ASP C 267 21.30 8.45 1.00
CA ASP C 267 21.54 7.36 1.93
C ASP C 267 20.34 6.96 2.79
N PRO C 268 19.42 7.86 3.18
CA PRO C 268 18.19 7.41 3.86
C PRO C 268 17.26 6.57 2.99
N LEU C 269 17.61 6.31 1.73
CA LEU C 269 16.91 5.33 0.89
C LEU C 269 15.48 5.77 0.57
N LEU C 270 15.33 7.02 0.16
CA LEU C 270 14.02 7.59 -0.09
C LEU C 270 13.83 7.95 -1.56
N ASN C 271 12.57 8.21 -1.91
CA ASN C 271 12.20 8.74 -3.22
C ASN C 271 12.03 10.25 -3.21
N ILE C 272 11.93 10.85 -2.02
CA ILE C 272 11.79 12.29 -1.85
C ILE C 272 12.17 12.60 -0.41
N GLY C 273 12.65 13.83 -0.18
CA GLY C 273 12.93 14.22 1.19
C GLY C 273 14.26 14.90 1.43
N GLY C 274 14.26 15.86 2.35
CA GLY C 274 15.46 16.57 2.74
C GLY C 274 15.37 16.93 4.20
N LEU C 275 16.47 17.45 4.73
CA LEU C 275 16.53 17.72 6.16
C LEU C 275 17.59 18.77 6.45
N VAL C 276 17.22 19.72 7.31
CA VAL C 276 18.17 20.60 7.97
C VAL C 276 18.20 20.22 9.44
N ALA C 277 19.40 20.17 10.01
CA ALA C 277 19.55 19.95 11.43
C ALA C 277 20.65 20.85 11.95
N ILE C 278 20.48 21.36 13.17
CA ILE C 278 21.37 22.36 13.74
C ILE C 278 21.78 21.91 15.13
N ARG C 279 23.08 21.96 15.41
CA ARG C 279 23.63 21.31 16.60
C ARG C 279 23.06 21.92 17.88
N ASP C 280 23.30 23.21 18.10
CA ASP C 280 22.78 23.86 19.30
C ASP C 280 22.54 25.36 19.13
N ASN C 281 22.76 25.93 17.96
CA ASN C 281 22.56 27.37 17.75
C ASN C 281 21.08 27.64 17.50
N GLU C 282 20.37 28.08 18.54
CA GLU C 282 18.94 28.33 18.41
C GLU C 282 18.63 29.53 17.53
N GLU C 283 19.51 30.54 17.52
CA GLU C 283 19.25 31.74 16.73
C GLU C 283 19.27 31.45 15.24
N ILE C 284 20.26 30.66 14.80
CA ILE C 284 20.28 30.24 13.40
C ILE C 284 19.10 29.33 13.11
N PHE C 285 18.70 28.52 14.07
CA PHE C 285 17.52 27.67 13.90
C PHE C 285 16.27 28.51 13.70
N THR C 286 16.08 29.52 14.56
CA THR C 286 14.90 30.36 14.48
C THR C 286 14.85 31.13 13.15
N LEU C 287 16.01 31.58 12.67
CA LEU C 287 16.05 32.28 11.39
C LEU C 287 15.77 31.34 10.24
N ALA C 288 16.33 30.13 10.28
CA ALA C 288 16.06 29.15 9.25
C ALA C 288 14.59 28.76 9.21
N ARG C 289 13.93 28.71 10.38
CA ARG C 289 12.50 28.42 10.43
C ARG C 289 11.70 29.52 9.73
N GLN C 290 12.12 30.77 9.88
CA GLN C 290 11.38 31.88 9.29
C GLN C 290 11.46 31.86 7.76
N ARG C 291 12.52 31.26 7.20
CA ARG C 291 12.63 31.14 5.75
C ARG C 291 12.03 29.85 5.23
N CYS C 292 11.96 28.81 6.07
CA CYS C 292 11.32 27.56 5.64
C CYS C 292 9.87 27.78 5.28
N VAL C 293 9.17 28.66 6.03
CA VAL C 293 7.73 28.81 5.85
C VAL C 293 7.37 29.32 4.46
N PRO C 294 7.94 30.41 3.94
CA PRO C 294 7.58 30.83 2.57
C PRO C 294 8.07 29.90 1.48
N MET C 295 9.21 29.22 1.68
CA MET C 295 9.88 28.50 0.61
C MET C 295 9.47 27.04 0.54
N GLU C 296 9.39 26.36 1.68
CA GLU C 296 9.12 24.93 1.73
C GLU C 296 7.75 24.60 2.30
N GLY C 297 7.40 25.18 3.44
CA GLY C 297 6.15 24.89 4.11
C GLY C 297 6.28 25.15 5.60
N PHE C 298 5.27 24.70 6.34
CA PHE C 298 5.30 24.87 7.78
C PHE C 298 6.46 24.08 8.39
N VAL C 299 6.93 24.55 9.55
CA VAL C 299 8.20 24.09 10.10
C VAL C 299 8.18 22.66 10.60
N THR C 300 7.00 22.05 10.78
CA THR C 300 6.91 20.66 11.20
C THR C 300 6.64 19.70 10.05
N TYR C 301 6.61 20.19 8.81
CA TYR C 301 6.62 19.30 7.65
C TYR C 301 7.49 19.77 6.49
N GLY C 302 7.69 21.08 6.31
CA GLY C 302 8.76 21.56 5.44
C GLY C 302 8.66 21.08 4.01
N GLY C 303 7.44 20.95 3.50
CA GLY C 303 7.22 20.57 2.13
C GLY C 303 7.14 19.09 1.85
N LEU C 304 7.07 18.27 2.90
CA LEU C 304 6.92 16.83 2.76
C LEU C 304 5.58 16.39 3.34
N ALA C 305 4.94 15.44 2.68
CA ALA C 305 3.80 14.78 3.31
C ALA C 305 4.28 14.06 4.56
N GLY C 306 3.37 13.88 5.51
CA GLY C 306 3.71 13.17 6.73
C GLY C 306 4.20 11.76 6.48
N ARG C 307 3.68 11.10 5.44
CA ARG C 307 4.12 9.75 5.15
C ARG C 307 5.60 9.71 4.77
N ASP C 308 6.12 10.81 4.19
CA ASP C 308 7.51 10.82 3.77
C ASP C 308 8.45 11.06 4.94
N MET C 309 8.06 11.90 5.91
CA MET C 309 8.84 11.99 7.14
C MET C 309 8.88 10.64 7.83
N ALA C 310 7.74 9.94 7.87
CA ALA C 310 7.70 8.59 8.45
C ALA C 310 8.67 7.65 7.74
N ALA C 311 8.71 7.71 6.40
CA ALA C 311 9.66 6.88 5.67
C ALA C 311 11.10 7.33 5.92
N MET C 312 11.31 8.61 6.21
CA MET C 312 12.66 9.11 6.49
C MET C 312 13.15 8.61 7.84
N VAL C 313 12.27 8.56 8.84
CA VAL C 313 12.66 8.05 10.16
C VAL C 313 13.12 6.60 10.02
N GLN C 314 12.43 5.82 9.19
CA GLN C 314 12.82 4.43 9.03
C GLN C 314 14.04 4.31 8.13
N GLY C 315 14.15 5.17 7.11
CA GLY C 315 15.29 5.10 6.21
C GLY C 315 16.59 5.54 6.86
N LEU C 316 16.52 6.52 7.76
CA LEU C 316 17.72 6.93 8.49
C LEU C 316 18.29 5.78 9.30
N GLU C 317 17.44 4.88 9.79
CA GLU C 317 17.93 3.68 10.48
C GLU C 317 18.52 2.69 9.49
N GLU C 318 17.75 2.35 8.45
CA GLU C 318 18.18 1.33 7.48
C GLU C 318 19.44 1.74 6.74
N GLY C 319 19.64 3.05 6.51
CA GLY C 319 20.82 3.50 5.78
C GLY C 319 22.13 3.31 6.53
N THR C 320 22.08 3.07 7.83
CA THR C 320 23.27 2.94 8.66
C THR C 320 23.68 1.49 8.88
N GLU C 321 22.89 0.53 8.41
CA GLU C 321 23.17 -0.88 8.67
C GLU C 321 24.41 -1.32 7.89
N GLU C 322 25.42 -1.79 8.64
CA GLU C 322 26.71 -2.10 8.04
C GLU C 322 26.61 -3.18 6.97
N GLU C 323 25.74 -4.17 7.18
CA GLU C 323 25.65 -5.27 6.23
C GLU C 323 24.99 -4.83 4.93
N TYR C 324 24.07 -3.86 4.98
CA TYR C 324 23.57 -3.26 3.74
C TYR C 324 24.63 -2.40 3.08
N LEU C 325 25.36 -1.61 3.87
CA LEU C 325 26.38 -0.73 3.29
C LEU C 325 27.47 -1.54 2.60
N HIS C 326 27.85 -2.67 3.19
CA HIS C 326 28.85 -3.56 2.58
C HIS C 326 28.40 -4.07 1.22
N TYR C 327 27.13 -4.46 1.09
CA TYR C 327 26.63 -4.93 -0.19
CA TYR C 327 26.64 -4.94 -0.20
C TYR C 327 26.52 -3.79 -1.20
N ARG C 328 25.95 -2.66 -0.78
CA ARG C 328 25.73 -1.54 -1.69
C ARG C 328 27.05 -1.04 -2.27
N ILE C 329 27.98 -0.66 -1.40
CA ILE C 329 29.28 -0.18 -1.87
C ILE C 329 30.06 -1.30 -2.54
N GLY C 330 29.91 -2.53 -2.04
CA GLY C 330 30.53 -3.66 -2.71
C GLY C 330 30.04 -3.84 -4.13
N GLN C 331 28.74 -3.56 -4.38
CA GLN C 331 28.22 -3.67 -5.73
C GLN C 331 28.85 -2.63 -6.65
N VAL C 332 28.92 -1.38 -6.19
CA VAL C 332 29.62 -0.34 -6.96
C VAL C 332 31.05 -0.76 -7.24
N LYS C 333 31.72 -1.34 -6.23
CA LYS C 333 33.09 -1.82 -6.44
C LYS C 333 33.14 -2.92 -7.48
N TYR C 334 32.11 -3.78 -7.52
CA TYR C 334 32.09 -4.86 -8.50
C TYR C 334 32.05 -4.32 -9.93
N LEU C 335 31.14 -3.35 -10.18
CA LEU C 335 31.08 -2.74 -11.51
C LEU C 335 32.39 -2.05 -11.86
N GLY C 336 33.05 -1.46 -10.86
CA GLY C 336 34.33 -0.80 -11.11
C GLY C 336 35.42 -1.79 -11.43
N ASP C 337 35.50 -2.90 -10.68
CA ASP C 337 36.52 -3.89 -10.97
C ASP C 337 36.28 -4.55 -12.33
N ARG C 338 35.03 -4.75 -12.72
CA ARG C 338 34.76 -5.33 -14.03
C ARG C 338 35.22 -4.40 -15.15
N LEU C 339 35.06 -3.09 -14.96
CA LEU C 339 35.50 -2.13 -15.97
C LEU C 339 37.02 -1.99 -15.96
N ARG C 340 37.64 -1.99 -14.78
CA ARG C 340 39.09 -1.93 -14.71
C ARG C 340 39.73 -3.15 -15.36
N GLU C 341 39.20 -4.34 -15.06
CA GLU C 341 39.73 -5.58 -15.63
C GLU C 341 39.71 -5.58 -17.16
N ALA C 342 38.84 -4.77 -17.78
CA ALA C 342 38.86 -4.56 -19.21
C ALA C 342 39.66 -3.33 -19.61
N GLY C 343 40.46 -2.78 -18.71
CA GLY C 343 41.32 -1.66 -19.03
C GLY C 343 40.61 -0.35 -19.31
N ILE C 344 39.46 -0.13 -18.70
CA ILE C 344 38.74 1.14 -18.81
C ILE C 344 39.05 1.98 -17.59
N PRO C 345 39.51 3.22 -17.75
CA PRO C 345 39.99 4.00 -16.59
C PRO C 345 38.83 4.57 -15.78
N ILE C 346 38.92 4.45 -14.47
CA ILE C 346 37.91 4.95 -13.55
C ILE C 346 38.60 5.63 -12.37
N GLN C 347 37.83 6.45 -11.65
CA GLN C 347 38.34 6.99 -10.39
C GLN C 347 38.58 5.86 -9.40
N TYR C 348 39.85 5.65 -9.04
CA TYR C 348 40.28 4.49 -8.28
C TYR C 348 40.80 4.93 -6.92
N PRO C 349 40.26 4.39 -5.81
CA PRO C 349 39.20 3.37 -5.70
C PRO C 349 37.81 3.92 -5.99
N THR C 350 36.83 3.05 -6.23
CA THR C 350 35.46 3.51 -6.45
C THR C 350 34.87 4.05 -5.15
N GLY C 351 33.96 5.01 -5.30
CA GLY C 351 33.25 5.58 -4.17
C GLY C 351 32.05 4.76 -3.74
N GLY C 352 31.18 5.39 -2.96
CA GLY C 352 30.07 4.68 -2.35
C GLY C 352 28.86 4.50 -3.25
N HIS C 353 28.62 5.44 -4.16
CA HIS C 353 27.35 5.48 -4.87
C HIS C 353 27.46 5.33 -6.39
N ALA C 354 28.66 5.38 -6.97
CA ALA C 354 28.75 5.39 -8.42
C ALA C 354 30.18 5.05 -8.85
N VAL C 355 30.29 4.59 -10.09
CA VAL C 355 31.56 4.45 -10.77
C VAL C 355 31.70 5.63 -11.73
N PHE C 356 32.83 6.32 -11.66
CA PHE C 356 33.11 7.47 -12.49
C PHE C 356 34.17 7.06 -13.51
N VAL C 357 33.78 6.99 -14.78
CA VAL C 357 34.73 6.65 -15.85
C VAL C 357 35.49 7.91 -16.26
N ASP C 358 36.81 7.81 -16.27
CA ASP C 358 37.69 8.93 -16.65
C ASP C 358 37.67 9.07 -18.17
N CYS C 359 36.87 10.02 -18.67
CA CYS C 359 36.75 10.19 -20.10
C CYS C 359 37.87 11.05 -20.68
N LYS C 360 38.64 11.76 -19.86
CA LYS C 360 39.86 12.37 -20.35
C LYS C 360 40.77 11.33 -21.00
N LYS C 361 40.84 10.14 -20.39
CA LYS C 361 41.70 9.09 -20.91
C LYS C 361 41.01 8.26 -22.01
N LEU C 362 39.68 8.15 -21.96
CA LEU C 362 38.99 7.34 -22.95
C LEU C 362 38.94 8.02 -24.31
N VAL C 363 38.73 9.34 -24.33
CA VAL C 363 38.51 10.07 -25.57
C VAL C 363 39.31 11.37 -25.56
N PRO C 364 40.65 11.32 -25.49
CA PRO C 364 41.43 12.56 -25.38
C PRO C 364 41.36 13.45 -26.63
N GLN C 365 40.84 12.95 -27.75
CA GLN C 365 40.72 13.79 -28.94
C GLN C 365 39.64 14.85 -28.78
N ILE C 366 38.71 14.67 -27.83
CA ILE C 366 37.63 15.61 -27.58
C ILE C 366 38.10 16.57 -26.49
N PRO C 367 38.26 17.86 -26.77
CA PRO C 367 38.64 18.81 -25.72
C PRO C 367 37.52 18.98 -24.69
N GLY C 368 37.92 19.29 -23.46
CA GLY C 368 36.98 19.34 -22.37
C GLY C 368 35.81 20.28 -22.63
N ASP C 369 36.09 21.41 -23.27
CA ASP C 369 35.03 22.38 -23.62
C ASP C 369 34.01 21.80 -24.60
N GLN C 370 34.31 20.67 -25.25
CA GLN C 370 33.35 19.98 -26.11
C GLN C 370 32.78 18.73 -25.45
N PHE C 371 32.95 18.60 -24.13
CA PHE C 371 32.28 17.62 -23.28
C PHE C 371 32.59 16.19 -23.72
N PRO C 372 33.83 15.73 -23.56
CA PRO C 372 34.14 14.35 -23.96
C PRO C 372 33.27 13.31 -23.25
N ALA C 373 33.01 13.49 -21.96
CA ALA C 373 32.23 12.50 -21.22
C ALA C 373 30.82 12.37 -21.80
N GLN C 374 30.20 13.50 -22.17
CA GLN C 374 28.87 13.44 -22.77
C GLN C 374 28.91 12.71 -24.12
N ALA C 375 30.05 12.74 -24.81
CA ALA C 375 30.18 11.97 -26.04
C ALA C 375 30.10 10.47 -25.74
N VAL C 376 30.80 10.02 -24.69
CA VAL C 376 30.75 8.61 -24.33
C VAL C 376 29.35 8.23 -23.86
N ILE C 377 28.64 9.17 -23.23
CA ILE C 377 27.31 8.89 -22.68
C ILE C 377 26.31 8.64 -23.80
N ASN C 378 26.23 9.55 -24.76
CA ASN C 378 25.33 9.36 -25.89
C ASN C 378 25.70 8.13 -26.69
N ALA C 379 27.00 7.78 -26.70
CA ALA C 379 27.44 6.55 -27.33
C ALA C 379 26.94 5.33 -26.57
N LEU C 380 27.11 5.33 -25.24
CA LEU C 380 26.69 4.17 -24.45
C LEU C 380 25.19 3.98 -24.52
N TYR C 381 24.42 5.07 -24.53
CA TYR C 381 22.97 4.95 -24.56
C TYR C 381 22.49 4.36 -25.88
N LEU C 382 22.97 4.91 -27.00
CA LEU C 382 22.55 4.41 -28.31
C LEU C 382 22.97 2.97 -28.50
N GLU C 383 24.03 2.53 -27.82
CA GLU C 383 24.48 1.15 -27.95
C GLU C 383 23.69 0.18 -27.09
N SER C 384 23.18 0.62 -25.94
CA SER C 384 22.66 -0.31 -24.94
C SER C 384 21.33 0.09 -24.29
N GLY C 385 20.91 1.35 -24.35
CA GLY C 385 19.76 1.75 -23.56
C GLY C 385 20.08 2.11 -22.13
N VAL C 386 21.35 2.15 -21.75
CA VAL C 386 21.77 2.61 -20.43
C VAL C 386 21.94 4.12 -20.50
N ARG C 387 21.35 4.83 -19.54
CA ARG C 387 21.45 6.27 -19.46
C ARG C 387 22.31 6.63 -18.25
N ALA C 388 23.43 7.31 -18.50
CA ALA C 388 24.32 7.81 -17.46
C ALA C 388 24.41 9.34 -17.55
N VAL C 389 25.19 9.94 -16.65
CA VAL C 389 25.26 11.39 -16.50
C VAL C 389 26.72 11.84 -16.50
N GLU C 390 26.92 13.10 -16.89
CA GLU C 390 28.25 13.70 -17.00
C GLU C 390 28.59 14.46 -15.73
N ILE C 391 29.80 14.22 -15.21
CA ILE C 391 30.34 15.02 -14.12
C ILE C 391 31.67 15.60 -14.56
N GLY C 392 31.62 16.65 -15.39
CA GLY C 392 32.81 17.29 -15.91
C GLY C 392 32.58 18.74 -16.28
N SER C 393 33.04 19.16 -17.46
CA SER C 393 32.90 20.56 -17.87
C SER C 393 31.43 20.93 -18.09
N PHE C 394 30.64 19.98 -18.61
CA PHE C 394 29.22 20.24 -18.84
C PHE C 394 28.53 20.66 -17.55
N LEU C 395 28.49 19.75 -16.57
CA LEU C 395 27.87 20.05 -15.28
C LEU C 395 28.52 21.28 -14.62
N LEU C 396 29.84 21.42 -14.74
CA LEU C 396 30.53 22.50 -14.03
C LEU C 396 30.06 23.87 -14.50
N GLY C 397 29.55 23.97 -15.73
CA GLY C 397 29.00 25.22 -16.21
C GLY C 397 30.03 26.33 -16.32
N ARG C 398 29.54 27.56 -16.28
CA ARG C 398 30.36 28.74 -16.45
C ARG C 398 30.53 29.47 -15.13
N ASP C 399 31.60 30.25 -15.06
CA ASP C 399 31.87 31.12 -13.91
C ASP C 399 30.87 32.26 -13.92
N PRO C 400 30.06 32.44 -12.87
CA PRO C 400 29.06 33.52 -12.89
C PRO C 400 29.65 34.91 -13.01
N ALA C 401 30.92 35.10 -12.61
CA ALA C 401 31.59 36.38 -12.72
C ALA C 401 32.34 36.53 -14.04
N THR C 402 32.96 35.45 -14.53
CA THR C 402 33.69 35.52 -15.79
C THR C 402 32.75 35.43 -16.99
N GLY C 403 31.90 34.41 -17.01
CA GLY C 403 31.14 34.06 -18.19
C GLY C 403 31.77 33.00 -19.06
N GLU C 404 32.98 32.54 -18.72
CA GLU C 404 33.67 31.51 -19.47
C GLU C 404 33.57 30.18 -18.73
N GLN C 405 34.11 29.13 -19.34
N GLN C 405 34.11 29.13 -19.35
CA GLN C 405 34.04 27.79 -18.77
CA GLN C 405 34.04 27.80 -18.76
C GLN C 405 34.81 27.71 -17.46
C GLN C 405 34.80 27.74 -17.44
N LYS C 406 34.18 27.13 -16.44
CA LYS C 406 34.90 26.83 -15.20
C LYS C 406 35.91 25.72 -15.48
N HIS C 407 37.11 25.87 -14.93
CA HIS C 407 38.18 24.91 -15.21
C HIS C 407 37.81 23.54 -14.66
N ALA C 408 37.86 22.54 -15.54
CA ALA C 408 37.57 21.17 -15.16
C ALA C 408 38.89 20.43 -14.94
N ASP C 409 39.05 19.88 -13.74
CA ASP C 409 40.16 19.00 -13.45
C ASP C 409 39.83 17.53 -13.70
N MET C 410 38.54 17.22 -13.89
CA MET C 410 38.07 15.85 -14.06
C MET C 410 36.93 15.84 -15.08
N GLU C 411 36.97 14.89 -16.01
CA GLU C 411 35.92 14.72 -17.02
C GLU C 411 35.33 13.31 -16.88
N PHE C 412 34.42 13.15 -15.93
CA PHE C 412 33.87 11.86 -15.56
C PHE C 412 32.55 11.59 -16.27
N MET C 413 32.34 10.34 -16.67
CA MET C 413 31.01 9.80 -16.94
C MET C 413 30.60 9.01 -15.70
N ARG C 414 29.47 9.37 -15.11
CA ARG C 414 29.05 8.80 -13.82
C ARG C 414 28.00 7.71 -14.03
N LEU C 415 28.37 6.49 -13.65
CA LEU C 415 27.44 5.36 -13.64
C LEU C 415 26.86 5.29 -12.23
N THR C 416 25.79 6.05 -12.00
CA THR C 416 25.21 6.20 -10.66
C THR C 416 24.28 5.04 -10.37
N ILE C 417 24.42 4.45 -9.18
CA ILE C 417 23.75 3.22 -8.83
C ILE C 417 22.72 3.50 -7.74
N ALA C 418 21.45 3.26 -8.06
CA ALA C 418 20.41 3.39 -7.06
C ALA C 418 20.49 2.23 -6.06
N ARG C 419 20.04 2.51 -4.84
CA ARG C 419 20.24 1.57 -3.75
C ARG C 419 19.14 0.52 -3.75
N ARG C 420 19.56 -0.75 -3.71
CA ARG C 420 18.68 -1.92 -3.61
C ARG C 420 17.72 -2.03 -4.80
N VAL C 421 18.16 -1.57 -5.97
CA VAL C 421 17.32 -1.51 -7.17
C VAL C 421 17.79 -2.52 -8.22
N TYR C 422 19.09 -2.55 -8.51
CA TYR C 422 19.65 -3.40 -9.54
C TYR C 422 20.52 -4.47 -8.92
N THR C 423 20.64 -5.59 -9.64
CA THR C 423 21.48 -6.70 -9.23
C THR C 423 22.82 -6.64 -9.95
N ASN C 424 23.73 -7.52 -9.53
CA ASN C 424 25.02 -7.61 -10.21
C ASN C 424 24.88 -8.10 -11.63
N ASP C 425 23.78 -8.77 -11.97
CA ASP C 425 23.54 -9.11 -13.36
C ASP C 425 23.22 -7.86 -14.18
N HIS C 426 22.51 -6.90 -13.58
CA HIS C 426 22.34 -5.59 -14.21
C HIS C 426 23.69 -4.90 -14.37
N MET C 427 24.56 -5.03 -13.37
CA MET C 427 25.91 -4.48 -13.46
C MET C 427 26.67 -5.10 -14.63
N ASP C 428 26.52 -6.41 -14.82
CA ASP C 428 27.22 -7.07 -15.93
C ASP C 428 26.75 -6.53 -17.28
N TYR C 429 25.46 -6.22 -17.41
CA TYR C 429 24.98 -5.60 -18.64
C TYR C 429 25.65 -4.25 -18.84
N ILE C 430 25.75 -3.46 -17.77
CA ILE C 430 26.33 -2.12 -17.88
C ILE C 430 27.79 -2.21 -18.28
N ALA C 431 28.56 -3.06 -17.59
CA ALA C 431 29.98 -3.19 -17.88
C ALA C 431 30.20 -3.71 -19.29
N ASP C 432 29.51 -4.80 -19.65
CA ASP C 432 29.67 -5.36 -20.98
C ASP C 432 29.29 -4.35 -22.06
N ALA C 433 28.33 -3.48 -21.78
CA ALA C 433 27.89 -2.52 -22.79
C ALA C 433 28.97 -1.48 -23.06
N LEU C 434 29.59 -0.95 -22.00
CA LEU C 434 30.65 0.04 -22.18
C LEU C 434 31.90 -0.61 -22.78
N ILE C 435 32.27 -1.80 -22.29
CA ILE C 435 33.44 -2.51 -22.80
C ILE C 435 33.34 -2.71 -24.32
N GLY C 436 32.13 -2.95 -24.84
CA GLY C 436 31.98 -3.19 -26.27
C GLY C 436 32.31 -2.00 -27.16
N LEU C 437 32.36 -0.80 -26.59
CA LEU C 437 32.67 0.41 -27.35
C LEU C 437 34.16 0.72 -27.39
N LYS C 438 35.02 -0.24 -27.07
CA LYS C 438 36.44 0.06 -26.95
C LYS C 438 37.06 0.43 -28.29
N GLU C 439 36.56 -0.14 -29.39
CA GLU C 439 37.06 0.19 -30.71
C GLU C 439 36.34 1.39 -31.33
N LYS C 440 35.50 2.08 -30.56
CA LYS C 440 34.72 3.20 -31.06
C LYS C 440 34.96 4.50 -30.32
N PHE C 441 35.78 4.49 -29.27
CA PHE C 441 36.02 5.72 -28.49
C PHE C 441 36.75 6.76 -29.32
N ALA C 442 37.83 6.37 -30.01
CA ALA C 442 38.56 7.32 -30.83
C ALA C 442 37.73 7.88 -31.98
N THR C 443 36.59 7.28 -32.27
CA THR C 443 35.66 7.79 -33.28
C THR C 443 34.70 8.83 -32.71
N LEU C 444 34.56 8.89 -31.39
CA LEU C 444 33.59 9.79 -30.78
C LEU C 444 33.97 11.25 -31.02
N LYS C 445 32.95 12.12 -31.00
CA LYS C 445 33.05 13.41 -31.67
C LYS C 445 33.15 14.52 -30.64
N GLY C 446 32.06 15.08 -30.18
CA GLY C 446 32.06 16.30 -29.40
C GLY C 446 30.76 17.03 -29.63
N LEU C 447 30.46 17.98 -28.73
CA LEU C 447 29.13 18.57 -28.68
C LEU C 447 29.23 20.08 -28.54
N GLU C 448 28.22 20.77 -29.10
CA GLU C 448 28.14 22.21 -29.05
C GLU C 448 26.70 22.62 -28.74
N PHE C 449 26.54 23.73 -28.04
CA PHE C 449 25.24 24.13 -27.54
C PHE C 449 24.32 24.58 -28.67
N GLU C 450 23.07 24.14 -28.59
CA GLU C 450 21.97 24.68 -29.38
C GLU C 450 21.08 25.59 -28.57
N TYR C 451 20.91 25.29 -27.28
CA TYR C 451 20.27 26.17 -26.32
C TYR C 451 20.97 25.93 -24.97
N GLU C 452 21.34 27.00 -24.28
CA GLU C 452 22.11 26.89 -23.05
C GLU C 452 21.47 27.71 -21.95
N PRO C 453 21.00 27.09 -20.86
CA PRO C 453 20.49 27.89 -19.74
C PRO C 453 21.62 28.63 -19.04
N PRO C 454 21.33 29.75 -18.40
CA PRO C 454 22.38 30.49 -17.68
C PRO C 454 22.79 29.89 -16.34
N VAL C 455 22.01 28.95 -15.79
CA VAL C 455 22.29 28.37 -14.48
C VAL C 455 21.93 26.89 -14.55
N LEU C 456 22.83 26.03 -14.08
CA LEU C 456 22.62 24.58 -14.09
C LEU C 456 22.27 24.11 -15.51
N ARG C 457 23.17 24.42 -16.44
CA ARG C 457 22.86 24.25 -17.86
C ARG C 457 22.70 22.79 -18.27
N HIS C 458 23.41 21.86 -17.61
CA HIS C 458 23.43 20.48 -18.08
C HIS C 458 22.09 19.79 -17.93
N PHE C 459 21.18 20.34 -17.12
CA PHE C 459 19.90 19.67 -16.90
C PHE C 459 18.99 19.79 -18.12
N THR C 460 18.99 20.95 -18.81
CA THR C 460 18.03 21.12 -19.89
C THR C 460 18.63 21.76 -21.15
N ALA C 461 19.95 21.71 -21.34
CA ALA C 461 20.54 22.25 -22.56
C ALA C 461 20.37 21.26 -23.71
N ARG C 462 20.16 21.80 -24.90
CA ARG C 462 20.03 20.98 -26.10
C ARG C 462 21.32 21.08 -26.90
N LEU C 463 21.89 19.94 -27.26
CA LEU C 463 23.22 19.86 -27.85
C LEU C 463 23.14 19.40 -29.30
N LYS C 464 24.18 19.74 -30.05
CA LYS C 464 24.29 19.42 -31.46
C LYS C 464 25.63 18.75 -31.70
N PRO C 465 25.67 17.57 -32.31
CA PRO C 465 26.95 16.92 -32.56
C PRO C 465 27.84 17.78 -33.45
N ILE C 466 29.15 17.70 -33.21
CA ILE C 466 30.11 18.55 -33.92
C ILE C 466 30.38 18.06 -35.35
N GLU C 467 30.11 16.78 -35.63
CA GLU C 467 30.23 16.24 -36.98
C GLU C 467 29.48 17.10 -38.00
N ALA D 2 -30.73 23.06 8.15
CA ALA D 2 -29.48 22.32 8.00
C ALA D 2 -29.74 20.98 7.32
N LYS D 3 -29.19 20.83 6.11
CA LYS D 3 -29.45 19.67 5.26
C LYS D 3 -28.19 18.83 5.15
N ARG D 4 -28.26 17.60 5.65
CA ARG D 4 -27.15 16.66 5.52
CA ARG D 4 -27.16 16.66 5.52
C ARG D 4 -27.15 16.03 4.13
N ILE D 5 -25.97 15.92 3.55
CA ILE D 5 -25.80 15.31 2.24
C ILE D 5 -24.94 14.06 2.39
N VAL D 6 -25.44 12.94 1.89
CA VAL D 6 -24.78 11.65 2.06
C VAL D 6 -23.51 11.58 1.21
N GLU D 7 -22.52 10.83 1.70
CA GLU D 7 -21.26 10.66 1.00
C GLU D 7 -21.47 9.93 -0.33
N PRO D 8 -20.89 10.42 -1.43
CA PRO D 8 -20.97 9.68 -2.69
C PRO D 8 -19.85 8.64 -2.78
N PHE D 9 -19.55 8.04 -1.63
CA PHE D 9 -18.49 7.06 -1.47
C PHE D 9 -18.75 6.32 -0.17
N ARG D 10 -17.98 5.28 0.06
CA ARG D 10 -17.99 4.61 1.36
C ARG D 10 -16.56 4.52 1.86
N ILE D 11 -16.43 4.30 3.16
CA ILE D 11 -15.12 4.30 3.80
C ILE D 11 -14.39 3.01 3.46
N LYS D 12 -13.10 3.12 3.13
CA LYS D 12 -12.26 1.97 2.88
C LYS D 12 -11.12 1.81 3.87
N MET D 13 -10.63 2.91 4.47
CA MET D 13 -9.59 2.83 5.48
C MET D 13 -9.84 3.95 6.48
N VAL D 14 -9.64 3.64 7.76
CA VAL D 14 -9.90 4.58 8.83
C VAL D 14 -8.59 4.87 9.56
N GLU D 15 -8.59 5.98 10.29
CA GLU D 15 -7.47 6.43 11.12
C GLU D 15 -8.02 6.88 12.46
N LYS D 16 -7.44 6.37 13.55
CA LYS D 16 -7.95 6.66 14.89
C LYS D 16 -7.74 8.12 15.28
N ILE D 17 -8.74 8.69 15.95
CA ILE D 17 -8.62 10.01 16.58
C ILE D 17 -9.15 9.90 18.00
N ARG D 18 -8.69 10.81 18.86
CA ARG D 18 -9.01 10.74 20.29
C ARG D 18 -9.26 12.13 20.83
N VAL D 19 -10.00 12.19 21.93
CA VAL D 19 -10.27 13.45 22.64
C VAL D 19 -9.29 13.52 23.82
N PRO D 20 -8.28 14.38 23.77
CA PRO D 20 -7.44 14.60 24.96
C PRO D 20 -8.21 15.31 26.06
N SER D 21 -7.73 15.12 27.30
CA SER D 21 -8.41 15.66 28.46
C SER D 21 -8.27 17.18 28.51
N ARG D 22 -9.03 17.79 29.42
CA ARG D 22 -9.02 19.25 29.54
C ARG D 22 -7.65 19.75 29.99
N GLU D 23 -7.05 19.09 30.98
CA GLU D 23 -5.77 19.55 31.50
C GLU D 23 -4.63 19.33 30.50
N GLU D 24 -4.78 18.34 29.60
CA GLU D 24 -3.78 18.14 28.56
C GLU D 24 -3.81 19.27 27.54
N ARG D 25 -5.00 19.76 27.21
CA ARG D 25 -5.12 20.83 26.23
C ARG D 25 -4.58 22.14 26.78
N GLU D 26 -4.87 22.44 28.05
CA GLU D 26 -4.42 23.70 28.63
C GLU D 26 -2.91 23.74 28.74
N ALA D 27 -2.30 22.65 29.25
CA ALA D 27 -0.85 22.58 29.30
C ALA D 27 -0.24 22.68 27.90
N ALA D 28 -0.89 22.07 26.91
CA ALA D 28 -0.37 22.11 25.54
C ALA D 28 -0.40 23.52 24.98
N LEU D 29 -1.50 24.24 25.17
CA LEU D 29 -1.60 25.59 24.63
C LEU D 29 -0.65 26.54 25.35
N LYS D 30 -0.47 26.38 26.65
CA LYS D 30 0.59 27.10 27.35
C LYS D 30 1.95 26.75 26.77
N GLU D 31 2.18 25.47 26.48
CA GLU D 31 3.45 25.04 25.89
C GLU D 31 3.62 25.57 24.47
N ALA D 32 2.53 25.72 23.72
CA ALA D 32 2.57 26.15 22.33
C ALA D 32 2.50 27.68 22.19
N GLY D 33 2.83 28.42 23.24
CA GLY D 33 2.78 29.88 23.16
C GLY D 33 1.42 30.42 22.82
N TYR D 34 0.34 29.74 23.22
CA TYR D 34 -1.04 30.15 22.92
C TYR D 34 -1.25 30.33 21.43
N ASN D 35 -0.48 29.60 20.63
CA ASN D 35 -0.62 29.56 19.18
C ASN D 35 -0.94 28.13 18.82
N PRO D 36 -2.17 27.82 18.40
CA PRO D 36 -2.51 26.43 18.04
C PRO D 36 -1.58 25.83 17.01
N PHE D 37 -0.95 26.66 16.17
CA PHE D 37 -0.02 26.14 15.17
C PHE D 37 1.12 25.35 15.79
N LEU D 38 1.55 25.71 16.98
CA LEU D 38 2.66 25.03 17.64
C LEU D 38 2.20 23.87 18.52
N LEU D 39 0.98 23.37 18.31
CA LEU D 39 0.48 22.21 19.04
C LEU D 39 0.87 20.92 18.32
N PRO D 40 1.11 19.84 19.07
CA PRO D 40 1.25 18.53 18.45
C PRO D 40 -0.11 17.93 18.15
N SER D 41 -0.16 17.13 17.07
CA SER D 41 -1.43 16.54 16.64
C SER D 41 -2.04 15.61 17.69
N SER D 42 -1.22 15.06 18.58
CA SER D 42 -1.76 14.22 19.65
C SER D 42 -2.55 15.01 20.67
N ALA D 43 -2.44 16.34 20.67
CA ALA D 43 -3.24 17.20 21.51
C ALA D 43 -4.50 17.71 20.82
N VAL D 44 -4.79 17.23 19.61
CA VAL D 44 -5.90 17.71 18.81
C VAL D 44 -6.85 16.56 18.55
N TYR D 45 -8.15 16.81 18.73
CA TYR D 45 -9.17 15.81 18.46
C TYR D 45 -9.60 15.88 16.99
N ILE D 46 -10.51 16.79 16.67
CA ILE D 46 -10.85 17.09 15.29
C ILE D 46 -10.01 18.30 14.87
N ASP D 47 -9.24 18.14 13.80
CA ASP D 47 -8.26 19.15 13.39
C ASP D 47 -8.85 19.94 12.23
N LEU D 48 -9.21 21.20 12.51
CA LEU D 48 -9.76 22.10 11.50
C LEU D 48 -8.77 23.19 11.11
N LEU D 49 -7.47 22.93 11.30
CA LEU D 49 -6.47 23.97 11.07
C LEU D 49 -6.35 24.32 9.59
N THR D 50 -6.54 23.35 8.70
CA THR D 50 -6.40 23.62 7.27
C THR D 50 -7.07 22.50 6.48
N ASP D 51 -7.45 22.83 5.24
CA ASP D 51 -7.85 21.84 4.26
C ASP D 51 -6.72 21.49 3.30
N SER D 52 -5.48 21.80 3.67
CA SER D 52 -4.31 21.68 2.80
C SER D 52 -3.49 20.46 3.23
N GLY D 53 -3.41 19.47 2.34
CA GLY D 53 -2.61 18.28 2.57
C GLY D 53 -3.19 17.27 3.53
N THR D 54 -4.37 17.53 4.11
CA THR D 54 -5.00 16.66 5.08
C THR D 54 -6.14 15.84 4.48
N ASN D 55 -6.32 15.91 3.16
CA ASN D 55 -7.41 15.24 2.47
C ASN D 55 -7.23 13.73 2.51
N ALA D 56 -8.34 13.03 2.33
CA ALA D 56 -8.36 11.58 2.23
C ALA D 56 -8.44 11.18 0.76
N MET D 57 -7.50 10.35 0.33
CA MET D 57 -7.40 9.94 -1.05
C MET D 57 -8.26 8.71 -1.32
N SER D 58 -8.44 8.41 -2.61
CA SER D 58 -9.21 7.25 -3.03
C SER D 58 -8.31 6.02 -3.14
N ASP D 59 -8.95 4.85 -3.29
CA ASP D 59 -8.17 3.67 -3.57
C ASP D 59 -7.49 3.78 -4.94
N HIS D 60 -8.13 4.47 -5.89
CA HIS D 60 -7.50 4.71 -7.19
C HIS D 60 -6.27 5.61 -7.06
N GLN D 61 -6.32 6.59 -6.15
CA GLN D 61 -5.14 7.44 -5.95
C GLN D 61 -3.99 6.63 -5.35
N TRP D 62 -4.28 5.83 -4.32
CA TRP D 62 -3.23 5.00 -3.72
C TRP D 62 -2.68 4.01 -4.73
N ALA D 63 -3.55 3.41 -5.55
CA ALA D 63 -3.06 2.51 -6.59
C ALA D 63 -2.12 3.24 -7.54
N ALA D 64 -2.44 4.51 -7.85
CA ALA D 64 -1.59 5.28 -8.76
C ALA D 64 -0.22 5.53 -8.17
N MET D 65 -0.16 5.77 -6.85
CA MET D 65 1.13 5.93 -6.20
CA MET D 65 1.13 5.93 -6.20
C MET D 65 1.97 4.66 -6.32
N ILE D 66 1.34 3.50 -6.18
CA ILE D 66 2.07 2.23 -6.12
C ILE D 66 2.74 1.92 -7.45
N THR D 67 2.10 2.24 -8.56
CA THR D 67 2.74 2.12 -9.86
C THR D 67 3.43 3.41 -10.31
N GLY D 68 3.58 4.39 -9.41
CA GLY D 68 4.26 5.61 -9.79
C GLY D 68 5.68 5.35 -10.27
N ASP D 69 6.11 6.14 -11.26
CA ASP D 69 7.43 6.04 -11.87
C ASP D 69 8.35 7.04 -11.18
N GLU D 70 9.31 6.54 -10.39
CA GLU D 70 10.22 7.37 -9.63
C GLU D 70 11.46 7.81 -10.42
N ALA D 71 11.49 7.53 -11.72
CA ALA D 71 12.60 7.95 -12.57
C ALA D 71 12.91 9.43 -12.39
N TYR D 72 14.21 9.75 -12.37
CA TYR D 72 14.60 11.13 -12.12
C TYR D 72 14.20 12.05 -13.26
N ALA D 73 14.37 11.61 -14.51
CA ALA D 73 14.01 12.40 -15.68
C ALA D 73 13.07 11.59 -16.56
N GLY D 74 12.03 12.25 -17.08
CA GLY D 74 11.12 11.60 -18.01
C GLY D 74 10.12 10.65 -17.38
N SER D 75 9.68 10.92 -16.16
CA SER D 75 8.73 10.04 -15.49
C SER D 75 7.44 9.93 -16.30
N ARG D 76 6.96 8.70 -16.47
CA ARG D 76 5.69 8.48 -17.16
C ARG D 76 4.59 9.36 -16.58
N ASN D 77 4.61 9.57 -15.26
CA ASN D 77 3.56 10.34 -14.63
C ASN D 77 3.65 11.83 -14.94
N TYR D 78 4.84 12.33 -15.30
CA TYR D 78 4.96 13.72 -15.74
C TYR D 78 4.19 13.96 -17.03
N TYR D 79 4.37 13.08 -18.02
CA TYR D 79 3.64 13.22 -19.28
C TYR D 79 2.15 13.04 -19.08
N ASP D 80 1.73 12.18 -18.15
CA ASP D 80 0.31 12.07 -17.82
C ASP D 80 -0.23 13.39 -17.28
N LEU D 81 0.55 14.05 -16.42
CA LEU D 81 0.14 15.33 -15.86
C LEU D 81 0.09 16.40 -16.94
N LYS D 82 1.10 16.44 -17.81
CA LYS D 82 1.08 17.35 -18.96
C LYS D 82 -0.20 17.17 -19.78
N ASP D 83 -0.51 15.93 -20.15
CA ASP D 83 -1.75 15.65 -20.88
C ASP D 83 -2.97 16.08 -20.08
N LYS D 84 -2.96 15.84 -18.77
CA LYS D 84 -4.13 16.15 -17.94
C LYS D 84 -4.39 17.66 -17.89
N ALA D 85 -3.32 18.46 -17.81
CA ALA D 85 -3.47 19.91 -17.79
C ALA D 85 -3.90 20.45 -19.15
N LYS D 86 -3.51 19.79 -20.24
CA LYS D 86 -4.02 20.17 -21.54
C LYS D 86 -5.51 19.85 -21.66
N GLU D 87 -5.96 18.78 -21.01
CA GLU D 87 -7.36 18.41 -21.07
C GLU D 87 -8.24 19.36 -20.26
N LEU D 88 -7.82 19.68 -19.04
CA LEU D 88 -8.63 20.49 -18.14
C LEU D 88 -8.59 21.97 -18.50
N PHE D 89 -7.39 22.49 -18.69
CA PHE D 89 -7.19 23.93 -18.82
C PHE D 89 -6.91 24.38 -20.24
N ASN D 90 -6.56 23.45 -21.14
CA ASN D 90 -6.13 23.76 -22.50
C ASN D 90 -4.78 24.46 -22.52
N TYR D 91 -3.92 24.14 -21.54
CA TYR D 91 -2.61 24.77 -21.39
C TYR D 91 -1.52 23.84 -21.89
N ASP D 92 -0.51 24.40 -22.58
CA ASP D 92 0.45 23.60 -23.34
C ASP D 92 1.70 23.23 -22.54
N TYR D 93 1.98 23.89 -21.42
CA TYR D 93 3.22 23.65 -20.68
C TYR D 93 2.92 23.49 -19.20
N ILE D 94 3.62 22.55 -18.56
CA ILE D 94 3.50 22.36 -17.12
C ILE D 94 4.89 22.32 -16.49
N ILE D 95 4.94 22.68 -15.21
CA ILE D 95 6.10 22.44 -14.36
C ILE D 95 5.56 21.99 -13.00
N PRO D 96 5.79 20.73 -12.61
CA PRO D 96 5.36 20.32 -11.27
C PRO D 96 6.15 21.05 -10.19
N ALA D 97 5.51 21.23 -9.04
CA ALA D 97 6.13 21.88 -7.90
C ALA D 97 5.77 21.08 -6.65
N HIS D 98 6.52 21.28 -5.57
CA HIS D 98 6.29 20.42 -4.42
C HIS D 98 5.06 20.86 -3.65
N GLN D 99 4.68 22.13 -3.73
CA GLN D 99 3.36 22.55 -3.29
C GLN D 99 3.09 23.96 -3.84
N GLY D 100 2.07 24.63 -3.30
CA GLY D 100 1.66 25.88 -3.90
C GLY D 100 2.71 26.97 -3.82
N ARG D 101 3.26 27.20 -2.62
CA ARG D 101 4.24 28.27 -2.48
C ARG D 101 5.51 27.98 -3.25
N GLY D 102 5.83 26.70 -3.46
CA GLY D 102 6.92 26.37 -4.38
C GLY D 102 6.61 26.78 -5.80
N ALA D 103 5.34 26.64 -6.20
CA ALA D 103 4.96 27.00 -7.57
C ALA D 103 4.98 28.50 -7.77
N GLU D 104 4.65 29.27 -6.73
CA GLU D 104 4.72 30.72 -6.79
C GLU D 104 6.17 31.19 -6.84
N ASN D 105 7.06 30.50 -6.13
CA ASN D 105 8.48 30.85 -6.17
C ASN D 105 9.09 30.56 -7.53
N ILE D 106 8.54 29.58 -8.27
CA ILE D 106 8.99 29.36 -9.64
C ILE D 106 8.56 30.50 -10.55
N LEU D 107 7.28 30.85 -10.51
CA LEU D 107 6.71 31.72 -11.54
C LEU D 107 6.82 33.21 -11.20
N PHE D 108 6.56 33.61 -9.96
CA PHE D 108 6.49 35.04 -9.66
C PHE D 108 7.82 35.75 -9.90
N PRO D 109 8.97 35.24 -9.44
CA PRO D 109 10.23 35.91 -9.81
C PRO D 109 10.49 35.91 -11.31
N VAL D 110 10.01 34.90 -12.02
CA VAL D 110 10.20 34.87 -13.47
C VAL D 110 9.37 35.96 -14.13
N LEU D 111 8.14 36.16 -13.66
CA LEU D 111 7.28 37.21 -14.20
C LEU D 111 7.83 38.60 -13.90
N LEU D 112 8.45 38.78 -12.72
CA LEU D 112 9.03 40.07 -12.38
C LEU D 112 10.21 40.41 -13.29
N LYS D 113 11.12 39.45 -13.48
CA LYS D 113 12.27 39.68 -14.37
C LYS D 113 11.81 39.92 -15.80
N TYR D 114 10.82 39.14 -16.27
CA TYR D 114 10.33 39.28 -17.64
C TYR D 114 9.72 40.66 -17.87
N LYS D 115 9.00 41.18 -16.88
CA LYS D 115 8.37 42.49 -17.03
C LYS D 115 9.40 43.62 -17.06
N GLN D 116 10.55 43.43 -16.43
CA GLN D 116 11.60 44.43 -16.37
C GLN D 116 12.58 44.30 -17.52
N LYS D 117 12.28 43.49 -18.54
CA LYS D 117 13.25 43.17 -19.58
C LYS D 117 13.64 44.39 -20.40
N GLU D 118 12.79 45.41 -20.48
CA GLU D 118 13.06 46.60 -21.28
C GLU D 118 13.18 47.85 -20.42
N GLY D 119 13.69 47.71 -19.20
CA GLY D 119 13.86 48.84 -18.32
C GLY D 119 12.60 49.34 -17.67
N LYS D 120 11.51 48.59 -17.73
CA LYS D 120 10.23 48.98 -17.16
C LYS D 120 10.05 48.31 -15.79
N ALA D 121 8.86 48.47 -15.23
CA ALA D 121 8.48 47.88 -13.94
C ALA D 121 9.46 48.27 -12.83
N LYS D 122 9.79 49.57 -12.78
CA LYS D 122 10.65 50.09 -11.73
C LYS D 122 9.97 50.10 -10.36
N ASN D 123 8.63 50.16 -10.35
CA ASN D 123 7.83 50.11 -9.12
C ASN D 123 6.84 48.95 -9.25
N PRO D 124 7.32 47.71 -9.19
CA PRO D 124 6.48 46.57 -9.59
C PRO D 124 5.45 46.21 -8.54
N VAL D 125 4.26 45.85 -9.02
CA VAL D 125 3.14 45.46 -8.17
C VAL D 125 2.43 44.28 -8.79
N PHE D 126 1.75 43.52 -7.93
CA PHE D 126 0.79 42.51 -8.34
C PHE D 126 -0.60 42.95 -7.89
N ILE D 127 -1.60 42.64 -8.69
CA ILE D 127 -2.99 42.99 -8.41
C ILE D 127 -3.80 41.70 -8.34
N SER D 128 -4.55 41.52 -7.26
CA SER D 128 -5.38 40.34 -7.08
C SER D 128 -6.65 40.73 -6.35
N ASN D 129 -7.70 39.92 -6.52
CA ASN D 129 -8.87 40.08 -5.67
C ASN D 129 -8.48 39.88 -4.21
N PHE D 130 -7.62 38.91 -3.95
CA PHE D 130 -6.90 38.82 -2.67
C PHE D 130 -5.75 37.82 -2.76
N HIS D 131 -4.52 38.29 -2.55
CA HIS D 131 -3.39 37.39 -2.35
C HIS D 131 -3.52 36.71 -0.99
N PHE D 132 -3.41 35.38 -0.97
CA PHE D 132 -3.28 34.72 0.32
C PHE D 132 -1.85 34.92 0.84
N ASP D 133 -1.60 34.47 2.07
CA ASP D 133 -0.43 34.97 2.80
C ASP D 133 0.89 34.56 2.13
N THR D 134 1.04 33.28 1.75
CA THR D 134 2.28 32.90 1.07
C THR D 134 2.37 33.52 -0.31
N THR D 135 1.21 33.78 -0.94
CA THR D 135 1.23 34.44 -2.24
C THR D 135 1.73 35.87 -2.12
N ALA D 136 1.16 36.65 -1.19
CA ALA D 136 1.62 38.01 -0.97
C ALA D 136 3.04 38.04 -0.45
N ALA D 137 3.45 37.00 0.30
CA ALA D 137 4.81 36.94 0.81
C ALA D 137 5.83 36.81 -0.32
N HIS D 138 5.53 36.00 -1.34
CA HIS D 138 6.44 35.88 -2.46
C HIS D 138 6.45 37.13 -3.33
N VAL D 139 5.30 37.78 -3.47
CA VAL D 139 5.28 39.09 -4.13
C VAL D 139 6.19 40.06 -3.40
N GLU D 140 6.13 40.08 -2.07
CA GLU D 140 6.89 41.06 -1.29
C GLU D 140 8.36 40.65 -1.12
N LEU D 141 8.65 39.35 -1.08
CA LEU D 141 10.04 38.92 -1.03
C LEU D 141 10.79 39.32 -2.30
N ASN D 142 10.09 39.43 -3.41
CA ASN D 142 10.70 39.89 -4.67
C ASN D 142 10.70 41.40 -4.82
N GLY D 143 10.25 42.14 -3.82
CA GLY D 143 10.31 43.58 -3.86
C GLY D 143 9.14 44.26 -4.55
N CYS D 144 7.99 43.60 -4.62
CA CYS D 144 6.79 44.19 -5.19
C CYS D 144 5.77 44.44 -4.10
N LYS D 145 4.74 45.22 -4.45
CA LYS D 145 3.59 45.43 -3.57
C LYS D 145 2.48 44.47 -3.94
N ALA D 146 1.82 43.92 -2.91
CA ALA D 146 0.70 43.01 -3.08
C ALA D 146 -0.57 43.80 -2.82
N ILE D 147 -1.29 44.12 -3.90
CA ILE D 147 -2.51 44.92 -3.83
C ILE D 147 -3.70 43.96 -3.88
N ASN D 148 -4.66 44.16 -2.98
CA ASN D 148 -5.86 43.35 -2.90
C ASN D 148 -7.08 44.24 -3.10
N ILE D 149 -7.96 43.83 -4.01
CA ILE D 149 -9.10 44.66 -4.39
C ILE D 149 -10.37 43.80 -4.47
N VAL D 150 -10.64 43.02 -3.42
CA VAL D 150 -11.84 42.19 -3.41
C VAL D 150 -13.08 43.08 -3.34
N THR D 151 -14.20 42.54 -3.83
CA THR D 151 -15.46 43.26 -3.81
C THR D 151 -15.85 43.65 -2.38
N GLU D 152 -16.38 44.86 -2.25
CA GLU D 152 -16.83 45.35 -0.95
C GLU D 152 -17.93 44.48 -0.35
N LYS D 153 -18.67 43.74 -1.19
CA LYS D 153 -19.73 42.88 -0.68
C LYS D 153 -19.19 41.74 0.18
N ALA D 154 -17.90 41.43 0.06
CA ALA D 154 -17.29 40.44 0.94
C ALA D 154 -17.20 40.93 2.39
N PHE D 155 -17.20 42.24 2.62
CA PHE D 155 -17.06 42.80 3.95
C PHE D 155 -18.38 42.83 4.70
N ASP D 156 -19.48 42.45 4.06
CA ASP D 156 -20.80 42.39 4.69
C ASP D 156 -21.12 40.92 4.90
N SER D 157 -20.74 40.40 6.07
CA SER D 157 -20.78 38.95 6.31
C SER D 157 -22.16 38.37 6.07
N GLU D 158 -23.18 38.88 6.77
CA GLU D 158 -24.48 38.22 6.80
C GLU D 158 -25.32 38.51 5.56
N THR D 159 -24.93 39.47 4.74
CA THR D 159 -25.69 39.78 3.54
C THR D 159 -25.29 38.84 2.41
N TYR D 160 -26.23 38.02 1.95
CA TYR D 160 -25.95 37.08 0.87
C TYR D 160 -25.53 37.83 -0.40
N ASP D 161 -24.57 37.24 -1.12
CA ASP D 161 -24.21 37.67 -2.46
C ASP D 161 -23.69 36.46 -3.20
N ASP D 162 -23.96 36.41 -4.51
CA ASP D 162 -23.56 35.25 -5.30
C ASP D 162 -22.05 35.12 -5.43
N TRP D 163 -21.32 36.25 -5.45
CA TRP D 163 -19.90 36.25 -5.85
C TRP D 163 -19.07 37.14 -4.93
N LYS D 164 -18.92 36.75 -3.67
CA LYS D 164 -18.14 37.56 -2.73
C LYS D 164 -16.63 37.50 -2.98
N GLY D 165 -16.16 36.77 -3.98
CA GLY D 165 -14.77 36.79 -4.35
C GLY D 165 -14.45 37.60 -5.59
N ASP D 166 -15.41 38.32 -6.15
CA ASP D 166 -15.19 39.06 -7.39
C ASP D 166 -14.13 40.13 -7.20
N PHE D 167 -13.41 40.42 -8.28
CA PHE D 167 -12.61 41.64 -8.36
C PHE D 167 -13.52 42.87 -8.31
N ASP D 168 -12.99 43.94 -7.71
CA ASP D 168 -13.62 45.26 -7.81
C ASP D 168 -13.15 45.88 -9.13
N ILE D 169 -14.00 45.80 -10.16
CA ILE D 169 -13.59 46.21 -11.49
C ILE D 169 -13.21 47.69 -11.50
N LYS D 170 -13.89 48.50 -10.70
CA LYS D 170 -13.54 49.91 -10.60
C LYS D 170 -12.15 50.09 -10.00
N LYS D 171 -11.85 49.37 -8.92
CA LYS D 171 -10.54 49.47 -8.31
C LYS D 171 -9.45 48.88 -9.20
N LEU D 172 -9.81 47.93 -10.09
CA LEU D 172 -8.83 47.39 -11.02
C LEU D 172 -8.41 48.44 -12.03
N LYS D 173 -9.39 49.11 -12.65
CA LYS D 173 -9.06 50.13 -13.64
C LYS D 173 -8.35 51.31 -13.01
N GLU D 174 -8.76 51.69 -11.79
CA GLU D 174 -8.11 52.80 -11.10
C GLU D 174 -6.65 52.47 -10.79
N ASN D 175 -6.36 51.21 -10.46
CA ASN D 175 -4.99 50.85 -10.11
C ASN D 175 -4.10 50.72 -11.35
N ILE D 176 -4.65 50.25 -12.47
CA ILE D 176 -3.89 50.29 -13.72
C ILE D 176 -3.57 51.74 -14.08
N ALA D 177 -4.46 52.67 -13.75
CA ALA D 177 -4.20 54.08 -14.06
C ALA D 177 -3.18 54.67 -13.10
N GLN D 178 -3.28 54.36 -11.82
CA GLN D 178 -2.39 54.97 -10.82
C GLN D 178 -0.97 54.43 -10.92
N HIS D 179 -0.83 53.12 -11.11
CA HIS D 179 0.50 52.49 -11.15
C HIS D 179 1.06 52.38 -12.56
N GLY D 180 0.20 52.31 -13.58
CA GLY D 180 0.65 52.13 -14.94
C GLY D 180 0.76 50.65 -15.26
N ALA D 181 0.37 50.26 -16.48
CA ALA D 181 0.46 48.86 -16.87
C ALA D 181 1.89 48.35 -16.83
N ASP D 182 2.87 49.23 -17.05
CA ASP D 182 4.27 48.82 -17.06
C ASP D 182 4.77 48.37 -15.70
N ASN D 183 4.13 48.79 -14.61
CA ASN D 183 4.53 48.39 -13.27
C ASN D 183 3.74 47.21 -12.74
N ILE D 184 2.72 46.75 -13.46
CA ILE D 184 1.88 45.65 -13.01
C ILE D 184 2.46 44.38 -13.61
N VAL D 185 3.18 43.61 -12.78
CA VAL D 185 3.85 42.42 -13.26
C VAL D 185 2.84 41.35 -13.62
N ALA D 186 1.76 41.25 -12.85
CA ALA D 186 0.72 40.26 -13.12
C ALA D 186 -0.52 40.61 -12.32
N ILE D 187 -1.66 40.19 -12.85
CA ILE D 187 -2.91 40.14 -12.10
C ILE D 187 -3.12 38.68 -11.70
N VAL D 188 -3.43 38.45 -10.43
CA VAL D 188 -3.59 37.10 -9.90
C VAL D 188 -5.06 36.91 -9.53
N SER D 189 -5.74 36.03 -10.25
CA SER D 189 -7.14 35.71 -9.94
C SER D 189 -7.16 34.49 -9.03
N THR D 190 -7.58 34.68 -7.79
CA THR D 190 -7.62 33.60 -6.82
C THR D 190 -9.01 32.96 -6.84
N VAL D 191 -9.07 31.66 -7.13
CA VAL D 191 -10.34 30.92 -7.18
C VAL D 191 -10.19 29.66 -6.35
N THR D 192 -11.07 29.47 -5.36
CA THR D 192 -11.96 30.46 -4.79
C THR D 192 -11.11 31.48 -4.04
N CYS D 193 -11.68 32.63 -3.72
CA CYS D 193 -10.94 33.67 -3.01
C CYS D 193 -10.85 33.27 -1.53
N ASN D 194 -9.73 32.64 -1.17
CA ASN D 194 -9.58 32.08 0.16
C ASN D 194 -9.76 33.13 1.25
N SER D 195 -9.21 34.32 1.04
CA SER D 195 -9.23 35.34 2.09
C SER D 195 -10.64 35.87 2.32
N ALA D 196 -11.42 36.03 1.26
CA ALA D 196 -12.80 36.50 1.40
C ALA D 196 -13.73 35.45 2.02
N GLY D 197 -13.22 34.27 2.38
CA GLY D 197 -14.04 33.24 2.96
C GLY D 197 -14.29 32.05 2.05
N GLY D 198 -13.33 31.76 1.17
CA GLY D 198 -13.56 30.76 0.14
C GLY D 198 -14.69 31.13 -0.79
N GLN D 199 -14.82 32.41 -1.09
CA GLN D 199 -15.97 32.86 -1.88
C GLN D 199 -15.64 32.87 -3.36
N PRO D 200 -16.61 32.54 -4.21
CA PRO D 200 -16.29 32.31 -5.62
C PRO D 200 -16.17 33.60 -6.42
N VAL D 201 -15.42 33.50 -7.52
CA VAL D 201 -15.34 34.53 -8.54
C VAL D 201 -16.19 34.09 -9.72
N SER D 202 -17.05 34.98 -10.22
CA SER D 202 -17.93 34.60 -11.31
C SER D 202 -17.16 34.53 -12.62
N MET D 203 -17.75 33.84 -13.59
CA MET D 203 -17.12 33.75 -14.91
C MET D 203 -17.01 35.12 -15.56
N SER D 204 -18.07 35.93 -15.48
CA SER D 204 -18.05 37.23 -16.12
C SER D 204 -17.08 38.18 -15.43
N ASN D 205 -16.90 38.04 -14.12
CA ASN D 205 -15.86 38.81 -13.44
C ASN D 205 -14.48 38.41 -13.95
N LEU D 206 -14.17 37.11 -13.93
CA LEU D 206 -12.90 36.64 -14.47
C LEU D 206 -12.73 37.05 -15.93
N LYS D 207 -13.80 36.97 -16.71
CA LYS D 207 -13.72 37.33 -18.11
C LYS D 207 -13.36 38.81 -18.28
N GLU D 208 -13.97 39.67 -17.47
CA GLU D 208 -13.73 41.11 -17.63
C GLU D 208 -12.33 41.49 -17.15
N VAL D 209 -11.84 40.83 -16.10
CA VAL D 209 -10.48 41.10 -15.62
C VAL D 209 -9.46 40.71 -16.68
N TYR D 210 -9.64 39.56 -17.33
CA TYR D 210 -8.73 39.15 -18.38
C TYR D 210 -8.76 40.11 -19.57
N GLU D 211 -9.95 40.56 -19.97
CA GLU D 211 -10.05 41.48 -21.11
C GLU D 211 -9.45 42.85 -20.77
N ILE D 212 -9.67 43.32 -19.54
CA ILE D 212 -9.03 44.55 -19.09
C ILE D 212 -7.52 44.39 -19.12
N ALA D 213 -7.02 43.26 -18.61
CA ALA D 213 -5.58 43.03 -18.59
C ALA D 213 -5.02 42.89 -20.00
N LYS D 214 -5.75 42.21 -20.90
CA LYS D 214 -5.25 42.05 -22.25
C LYS D 214 -5.14 43.39 -22.97
N GLN D 215 -6.06 44.31 -22.71
CA GLN D 215 -5.99 45.63 -23.35
C GLN D 215 -4.69 46.33 -22.98
N HIS D 216 -4.22 46.16 -21.75
CA HIS D 216 -3.00 46.78 -21.28
C HIS D 216 -1.81 45.85 -21.34
N GLY D 217 -1.97 44.66 -21.89
CA GLY D 217 -0.89 43.69 -21.97
C GLY D 217 -0.37 43.27 -20.62
N ILE D 218 -1.26 42.92 -19.69
CA ILE D 218 -0.87 42.47 -18.35
C ILE D 218 -1.09 40.97 -18.26
N PHE D 219 -0.05 40.26 -17.81
CA PHE D 219 -0.11 38.80 -17.65
C PHE D 219 -1.01 38.44 -16.49
N VAL D 220 -1.85 37.42 -16.68
CA VAL D 220 -2.83 36.99 -15.70
C VAL D 220 -2.46 35.60 -15.22
N VAL D 221 -2.42 35.42 -13.90
CA VAL D 221 -2.17 34.12 -13.28
C VAL D 221 -3.40 33.73 -12.48
N MET D 222 -3.80 32.47 -12.58
CA MET D 222 -4.90 31.93 -11.81
C MET D 222 -4.32 31.12 -10.64
N ASP D 223 -4.40 31.68 -9.44
CA ASP D 223 -4.11 30.90 -8.23
C ASP D 223 -5.22 29.88 -8.07
N SER D 224 -4.91 28.61 -8.32
CA SER D 224 -5.93 27.60 -8.60
C SER D 224 -6.05 26.54 -7.52
N ALA D 225 -5.62 26.84 -6.28
CA ALA D 225 -5.72 25.87 -5.19
C ALA D 225 -7.12 25.27 -5.10
N ARG D 226 -8.16 26.11 -5.11
CA ARG D 226 -9.52 25.63 -4.97
C ARG D 226 -10.36 25.96 -6.20
N PHE D 227 -9.86 25.57 -7.38
CA PHE D 227 -10.51 25.95 -8.64
C PHE D 227 -11.75 25.12 -8.94
N CYS D 228 -11.82 23.88 -8.44
CA CYS D 228 -13.02 23.06 -8.64
C CYS D 228 -14.18 23.56 -7.80
N GLU D 229 -13.89 23.97 -6.57
CA GLU D 229 -14.95 24.55 -5.74
C GLU D 229 -15.47 25.84 -6.36
N ASN D 230 -14.61 26.60 -7.03
CA ASN D 230 -15.09 27.77 -7.77
C ASN D 230 -15.98 27.33 -8.93
N ALA D 231 -15.53 26.32 -9.69
CA ALA D 231 -16.30 25.84 -10.83
C ALA D 231 -17.69 25.36 -10.42
N TYR D 232 -17.79 24.69 -9.26
CA TYR D 232 -19.09 24.26 -8.77
C TYR D 232 -20.01 25.44 -8.52
N PHE D 233 -19.51 26.47 -7.82
CA PHE D 233 -20.35 27.63 -7.52
C PHE D 233 -20.81 28.33 -8.80
N ILE D 234 -19.92 28.42 -9.80
CA ILE D 234 -20.34 29.00 -11.07
C ILE D 234 -21.49 28.21 -11.66
N LYS D 235 -21.42 26.88 -11.59
CA LYS D 235 -22.52 26.07 -12.14
C LYS D 235 -23.80 26.24 -11.34
N ALA D 236 -23.69 26.37 -10.01
CA ALA D 236 -24.87 26.50 -9.17
C ALA D 236 -25.56 27.85 -9.35
N ARG D 237 -24.78 28.92 -9.54
CA ARG D 237 -25.31 30.27 -9.47
C ARG D 237 -25.36 31.01 -10.79
N ASP D 238 -24.53 30.65 -11.77
CA ASP D 238 -24.55 31.35 -13.06
C ASP D 238 -25.52 30.64 -14.01
N PRO D 239 -26.61 31.30 -14.42
CA PRO D 239 -27.54 30.65 -15.35
C PRO D 239 -26.90 30.25 -16.67
N LYS D 240 -25.77 30.85 -17.03
CA LYS D 240 -25.10 30.47 -18.28
C LYS D 240 -24.50 29.07 -18.18
N TYR D 241 -24.16 28.61 -16.97
CA TYR D 241 -23.51 27.32 -16.79
C TYR D 241 -24.39 26.35 -15.99
N LYS D 242 -25.68 26.66 -15.85
CA LYS D 242 -26.59 25.77 -15.12
C LYS D 242 -26.61 24.36 -15.70
N ASN D 243 -26.59 24.24 -17.04
CA ASN D 243 -26.70 22.95 -17.69
C ASN D 243 -25.36 22.45 -18.25
N ALA D 244 -24.25 22.98 -17.77
CA ALA D 244 -22.91 22.61 -18.23
C ALA D 244 -22.25 21.66 -17.24
N THR D 245 -21.29 20.89 -17.76
CA THR D 245 -20.51 20.01 -16.88
C THR D 245 -19.50 20.84 -16.09
N ILE D 246 -18.99 20.24 -15.01
CA ILE D 246 -17.95 20.91 -14.25
C ILE D 246 -16.72 21.18 -15.12
N LYS D 247 -16.33 20.20 -15.94
CA LYS D 247 -15.14 20.39 -16.78
C LYS D 247 -15.36 21.45 -17.83
N GLU D 248 -16.59 21.59 -18.34
CA GLU D 248 -16.88 22.69 -19.27
C GLU D 248 -16.76 24.04 -18.59
N VAL D 249 -17.10 24.12 -17.30
CA VAL D 249 -16.94 25.36 -16.57
C VAL D 249 -15.46 25.67 -16.36
N ILE D 250 -14.67 24.64 -16.03
CA ILE D 250 -13.23 24.82 -15.83
C ILE D 250 -12.58 25.28 -17.12
N PHE D 251 -12.89 24.61 -18.23
CA PHE D 251 -12.34 24.97 -19.53
C PHE D 251 -12.61 26.44 -19.86
N ASP D 252 -13.76 26.97 -19.44
CA ASP D 252 -14.06 28.37 -19.71
C ASP D 252 -13.29 29.29 -18.78
N MET D 253 -13.22 28.95 -17.49
CA MET D 253 -12.50 29.77 -16.51
C MET D 253 -11.08 30.09 -16.97
N TYR D 254 -10.39 29.09 -17.52
CA TYR D 254 -8.99 29.21 -17.91
C TYR D 254 -8.80 29.78 -19.30
N LYS D 255 -9.89 30.16 -19.99
CA LYS D 255 -9.78 31.07 -21.11
C LYS D 255 -9.46 32.49 -20.67
N TYR D 256 -9.54 32.77 -19.38
CA TYR D 256 -9.37 34.11 -18.83
C TYR D 256 -8.17 34.17 -17.91
N ALA D 257 -7.11 33.46 -18.29
CA ALA D 257 -5.80 33.56 -17.65
C ALA D 257 -4.75 33.16 -18.67
N ASP D 258 -3.49 33.50 -18.37
CA ASP D 258 -2.37 33.10 -19.21
C ASP D 258 -1.52 32.00 -18.58
N ALA D 259 -1.71 31.71 -17.31
CA ALA D 259 -1.00 30.67 -16.58
C ALA D 259 -1.70 30.46 -15.25
N LEU D 260 -1.31 29.41 -14.55
CA LEU D 260 -1.84 29.15 -13.23
C LEU D 260 -0.71 28.71 -12.32
N THR D 261 -0.85 29.03 -11.03
CA THR D 261 -0.11 28.38 -9.96
C THR D 261 -1.15 27.69 -9.10
N MET D 262 -0.94 26.40 -8.83
CA MET D 262 -1.93 25.60 -8.11
C MET D 262 -1.25 24.89 -6.95
N SER D 263 -1.86 24.98 -5.78
CA SER D 263 -1.53 24.11 -4.65
C SER D 263 -2.39 22.86 -4.78
N ALA D 264 -1.78 21.76 -5.20
CA ALA D 264 -2.53 20.53 -5.42
C ALA D 264 -2.93 19.86 -4.12
N LYS D 265 -2.57 20.44 -2.98
CA LYS D 265 -2.98 19.89 -1.68
C LYS D 265 -4.40 20.27 -1.30
N LYS D 266 -5.12 21.02 -2.15
CA LYS D 266 -6.48 21.43 -1.89
C LYS D 266 -7.41 20.59 -2.75
N ASP D 267 -7.94 21.13 -3.86
CA ASP D 267 -8.99 20.48 -4.65
C ASP D 267 -8.54 19.21 -5.37
N PRO D 268 -7.27 19.09 -5.80
CA PRO D 268 -6.82 17.80 -6.35
C PRO D 268 -6.71 16.68 -5.32
N LEU D 269 -7.11 16.90 -4.06
CA LEU D 269 -7.31 15.83 -3.09
C LEU D 269 -6.00 15.12 -2.74
N LEU D 270 -4.96 15.89 -2.45
CA LEU D 270 -3.65 15.35 -2.18
C LEU D 270 -3.17 15.71 -0.77
N ASN D 271 -2.10 15.04 -0.36
CA ASN D 271 -1.38 15.36 0.87
C ASN D 271 -0.14 16.21 0.63
N ILE D 272 0.30 16.30 -0.63
CA ILE D 272 1.46 17.10 -1.02
C ILE D 272 1.35 17.34 -2.51
N GLY D 273 1.92 18.43 -2.99
CA GLY D 273 1.99 18.67 -4.43
C GLY D 273 1.52 20.02 -4.90
N GLY D 274 2.14 20.51 -5.97
CA GLY D 274 1.79 21.76 -6.60
C GLY D 274 2.03 21.68 -8.09
N LEU D 275 1.62 22.74 -8.79
CA LEU D 275 1.65 22.72 -10.25
C LEU D 275 1.74 24.13 -10.79
N VAL D 276 2.62 24.32 -11.77
CA VAL D 276 2.63 25.49 -12.63
C VAL D 276 2.19 25.04 -14.02
N ALA D 277 1.21 25.73 -14.57
CA ALA D 277 0.81 25.50 -15.96
C ALA D 277 0.84 26.83 -16.69
N ILE D 278 1.27 26.82 -17.95
CA ILE D 278 1.31 28.01 -18.79
C ILE D 278 0.52 27.74 -20.05
N ARG D 279 -0.30 28.71 -20.45
CA ARG D 279 -1.21 28.57 -21.59
C ARG D 279 -0.46 28.37 -22.89
N ASP D 280 0.30 29.38 -23.35
CA ASP D 280 1.04 29.22 -24.59
C ASP D 280 2.32 30.05 -24.68
N ASN D 281 2.72 30.75 -23.63
CA ASN D 281 3.94 31.56 -23.69
C ASN D 281 5.13 30.64 -23.40
N GLU D 282 5.81 30.19 -24.45
CA GLU D 282 6.92 29.27 -24.27
C GLU D 282 8.12 29.97 -23.66
N GLU D 283 8.25 31.29 -23.86
CA GLU D 283 9.38 32.00 -23.29
C GLU D 283 9.26 32.09 -21.78
N ILE D 284 8.06 32.35 -21.26
CA ILE D 284 7.82 32.30 -19.82
C ILE D 284 8.06 30.89 -19.30
N PHE D 285 7.61 29.89 -20.07
CA PHE D 285 7.80 28.50 -19.66
C PHE D 285 9.28 28.15 -19.54
N THR D 286 10.09 28.60 -20.50
CA THR D 286 11.52 28.30 -20.48
C THR D 286 12.19 28.95 -19.27
N LEU D 287 11.88 30.23 -19.01
CA LEU D 287 12.49 30.91 -17.86
C LEU D 287 12.02 30.29 -16.55
N ALA D 288 10.77 29.82 -16.51
CA ALA D 288 10.26 29.20 -15.29
C ALA D 288 10.93 27.84 -15.05
N ARG D 289 11.17 27.08 -16.13
CA ARG D 289 11.97 25.87 -16.03
C ARG D 289 13.34 26.16 -15.45
N GLN D 290 13.98 27.24 -15.92
CA GLN D 290 15.34 27.54 -15.49
C GLN D 290 15.41 27.84 -13.99
N ARG D 291 14.35 28.43 -13.43
CA ARG D 291 14.30 28.66 -12.00
C ARG D 291 13.84 27.44 -11.21
N CYS D 292 13.10 26.52 -11.84
CA CYS D 292 12.63 25.34 -11.14
C CYS D 292 13.78 24.45 -10.71
N VAL D 293 14.81 24.33 -11.55
CA VAL D 293 15.88 23.38 -11.28
C VAL D 293 16.62 23.69 -9.99
N PRO D 294 17.06 24.93 -9.70
CA PRO D 294 17.76 25.16 -8.43
C PRO D 294 16.86 25.15 -7.22
N MET D 295 15.60 25.59 -7.34
CA MET D 295 14.72 25.76 -6.19
C MET D 295 13.94 24.49 -5.84
N GLU D 296 13.47 23.74 -6.83
CA GLU D 296 12.54 22.63 -6.60
C GLU D 296 13.11 21.29 -6.99
N GLY D 297 13.58 21.14 -8.21
CA GLY D 297 14.05 19.87 -8.71
C GLY D 297 14.08 19.91 -10.23
N PHE D 298 14.41 18.76 -10.82
CA PHE D 298 14.39 18.67 -12.27
C PHE D 298 12.99 18.94 -12.80
N VAL D 299 12.92 19.43 -14.04
CA VAL D 299 11.67 19.97 -14.57
C VAL D 299 10.57 18.94 -14.76
N THR D 300 10.89 17.64 -14.69
CA THR D 300 9.87 16.60 -14.83
C THR D 300 9.45 15.96 -13.50
N TYR D 301 9.81 16.56 -12.36
CA TYR D 301 9.23 16.10 -11.10
C TYR D 301 9.07 17.26 -10.11
N GLY D 302 9.96 18.25 -10.20
CA GLY D 302 9.76 19.50 -9.48
C GLY D 302 9.63 19.36 -7.97
N GLY D 303 10.41 18.47 -7.37
CA GLY D 303 10.35 18.27 -5.95
C GLY D 303 9.28 17.33 -5.47
N LEU D 304 8.68 16.56 -6.38
CA LEU D 304 7.70 15.54 -6.03
C LEU D 304 8.24 14.16 -6.39
N ALA D 305 7.93 13.18 -5.55
CA ALA D 305 8.11 11.79 -5.95
C ALA D 305 7.21 11.49 -7.15
N GLY D 306 7.60 10.48 -7.92
CA GLY D 306 6.75 10.07 -9.02
C GLY D 306 5.38 9.60 -8.57
N ARG D 307 5.32 8.94 -7.40
CA ARG D 307 4.04 8.50 -6.86
C ARG D 307 3.12 9.67 -6.56
N ASP D 308 3.68 10.82 -6.17
CA ASP D 308 2.86 12.00 -5.92
C ASP D 308 2.36 12.65 -7.21
N MET D 309 3.16 12.61 -8.28
CA MET D 309 2.62 13.07 -9.56
C MET D 309 1.53 12.14 -10.06
N ALA D 310 1.67 10.84 -9.81
CA ALA D 310 0.64 9.89 -10.21
C ALA D 310 -0.67 10.18 -9.48
N ALA D 311 -0.59 10.42 -8.17
CA ALA D 311 -1.78 10.74 -7.39
C ALA D 311 -2.43 12.02 -7.89
N MET D 312 -1.61 12.99 -8.31
CA MET D 312 -2.13 14.26 -8.76
C MET D 312 -2.95 14.11 -10.04
N VAL D 313 -2.46 13.33 -11.01
CA VAL D 313 -3.23 13.07 -12.23
C VAL D 313 -4.59 12.48 -11.87
N GLN D 314 -4.62 11.53 -10.93
CA GLN D 314 -5.88 10.94 -10.53
C GLN D 314 -6.70 11.90 -9.69
N GLY D 315 -6.04 12.68 -8.82
CA GLY D 315 -6.78 13.62 -8.00
C GLY D 315 -7.43 14.73 -8.82
N LEU D 316 -6.71 15.21 -9.84
CA LEU D 316 -7.28 16.25 -10.71
C LEU D 316 -8.59 15.79 -11.35
N GLU D 317 -8.73 14.49 -11.63
CA GLU D 317 -9.98 14.01 -12.20
C GLU D 317 -11.08 13.92 -11.15
N GLU D 318 -10.78 13.30 -10.00
CA GLU D 318 -11.79 13.13 -8.95
C GLU D 318 -12.29 14.47 -8.43
N GLY D 319 -11.40 15.46 -8.32
CA GLY D 319 -11.78 16.75 -7.76
C GLY D 319 -12.80 17.51 -8.59
N THR D 320 -12.96 17.14 -9.86
CA THR D 320 -13.94 17.75 -10.74
C THR D 320 -15.29 17.03 -10.72
N GLU D 321 -15.41 15.94 -9.96
CA GLU D 321 -16.64 15.17 -9.96
C GLU D 321 -17.74 15.92 -9.21
N GLU D 322 -18.82 16.24 -9.91
CA GLU D 322 -19.86 17.07 -9.34
C GLU D 322 -20.54 16.41 -8.14
N GLU D 323 -20.67 15.07 -8.15
CA GLU D 323 -21.29 14.38 -7.03
C GLU D 323 -20.47 14.56 -5.76
N TYR D 324 -19.15 14.40 -5.86
CA TYR D 324 -18.29 14.67 -4.72
C TYR D 324 -18.35 16.15 -4.34
N LEU D 325 -18.28 17.04 -5.34
CA LEU D 325 -18.28 18.48 -5.07
C LEU D 325 -19.58 18.90 -4.39
N HIS D 326 -20.72 18.37 -4.86
CA HIS D 326 -21.99 18.67 -4.22
CA HIS D 326 -21.99 18.67 -4.22
C HIS D 326 -21.98 18.24 -2.75
N TYR D 327 -21.41 17.07 -2.46
CA TYR D 327 -21.36 16.61 -1.07
CA TYR D 327 -21.35 16.60 -1.07
C TYR D 327 -20.39 17.44 -0.25
N ARG D 328 -19.20 17.72 -0.81
CA ARG D 328 -18.16 18.42 -0.06
C ARG D 328 -18.64 19.81 0.33
N ILE D 329 -19.02 20.61 -0.66
CA ILE D 329 -19.52 21.95 -0.40
C ILE D 329 -20.80 21.90 0.41
N GLY D 330 -21.58 20.84 0.24
CA GLY D 330 -22.77 20.66 1.06
C GLY D 330 -22.46 20.38 2.51
N GLN D 331 -21.35 19.68 2.78
CA GLN D 331 -20.94 19.47 4.17
C GLN D 331 -20.51 20.78 4.81
N VAL D 332 -19.80 21.63 4.07
CA VAL D 332 -19.43 22.94 4.60
C VAL D 332 -20.67 23.77 4.85
N LYS D 333 -21.64 23.72 3.93
CA LYS D 333 -22.87 24.46 4.11
C LYS D 333 -23.65 23.97 5.32
N TYR D 334 -23.62 22.65 5.57
CA TYR D 334 -24.32 22.09 6.72
C TYR D 334 -23.74 22.63 8.03
N LEU D 335 -22.41 22.64 8.16
CA LEU D 335 -21.79 23.14 9.38
C LEU D 335 -22.17 24.61 9.61
N GLY D 336 -22.12 25.42 8.56
CA GLY D 336 -22.44 26.82 8.70
C GLY D 336 -23.90 27.05 9.03
N ASP D 337 -24.79 26.25 8.43
CA ASP D 337 -26.22 26.40 8.71
C ASP D 337 -26.52 26.10 10.17
N ARG D 338 -25.88 25.08 10.74
CA ARG D 338 -26.10 24.76 12.15
C ARG D 338 -25.70 25.93 13.03
N LEU D 339 -24.59 26.60 12.70
CA LEU D 339 -24.16 27.73 13.49
C LEU D 339 -25.05 28.95 13.23
N ARG D 340 -25.28 29.27 11.95
CA ARG D 340 -26.18 30.35 11.59
C ARG D 340 -27.58 30.18 12.19
N GLU D 341 -28.06 28.94 12.31
CA GLU D 341 -29.36 28.71 12.93
C GLU D 341 -29.33 28.95 14.43
N ALA D 342 -28.18 28.76 15.07
CA ALA D 342 -28.04 29.01 16.50
C ALA D 342 -27.55 30.43 16.79
N GLY D 343 -27.57 31.33 15.80
CA GLY D 343 -27.25 32.72 16.03
C GLY D 343 -25.79 33.09 15.95
N ILE D 344 -24.95 32.26 15.35
CA ILE D 344 -23.51 32.49 15.32
C ILE D 344 -23.15 33.14 14.00
N PRO D 345 -22.55 34.34 14.00
CA PRO D 345 -22.31 35.06 12.74
C PRO D 345 -21.20 34.40 11.94
N ILE D 346 -21.48 34.17 10.66
CA ILE D 346 -20.55 33.54 9.74
C ILE D 346 -20.62 34.28 8.41
N GLN D 347 -19.56 34.15 7.62
CA GLN D 347 -19.59 34.68 6.27
C GLN D 347 -20.66 33.95 5.48
N TYR D 348 -21.72 34.64 5.12
CA TYR D 348 -22.84 34.02 4.42
C TYR D 348 -22.90 34.53 2.99
N PRO D 349 -22.98 33.64 2.00
CA PRO D 349 -23.08 32.17 2.12
C PRO D 349 -21.73 31.52 2.40
N THR D 350 -21.74 30.29 2.91
CA THR D 350 -20.49 29.58 3.17
C THR D 350 -19.69 29.41 1.88
N GLY D 351 -18.37 29.35 2.04
CA GLY D 351 -17.48 29.06 0.94
C GLY D 351 -17.41 27.58 0.64
N GLY D 352 -16.40 27.20 -0.14
CA GLY D 352 -16.30 25.82 -0.57
C GLY D 352 -15.60 24.93 0.42
N HIS D 353 -14.63 25.47 1.16
CA HIS D 353 -13.71 24.66 1.95
C HIS D 353 -13.79 24.89 3.45
N ALA D 354 -14.56 25.86 3.92
CA ALA D 354 -14.49 26.22 5.33
C ALA D 354 -15.65 27.13 5.69
N VAL D 355 -16.06 27.07 6.96
CA VAL D 355 -16.95 28.06 7.56
C VAL D 355 -16.08 29.12 8.22
N PHE D 356 -16.42 30.39 7.98
CA PHE D 356 -15.65 31.54 8.45
C PHE D 356 -16.49 32.30 9.48
N VAL D 357 -16.22 32.06 10.76
CA VAL D 357 -16.97 32.74 11.82
C VAL D 357 -16.46 34.17 11.95
N ASP D 358 -17.38 35.12 11.76
CA ASP D 358 -17.10 36.55 11.91
C ASP D 358 -16.99 36.87 13.40
N CYS D 359 -15.75 36.96 13.90
CA CYS D 359 -15.53 37.15 15.32
C CYS D 359 -15.61 38.60 15.73
N LYS D 360 -15.45 39.54 14.80
CA LYS D 360 -15.69 40.94 15.10
C LYS D 360 -17.08 41.14 15.70
N LYS D 361 -18.09 40.51 15.11
CA LYS D 361 -19.44 40.53 15.66
C LYS D 361 -19.65 39.47 16.74
N LEU D 362 -18.68 38.58 16.94
CA LEU D 362 -18.74 37.62 18.04
C LEU D 362 -18.06 38.15 19.30
N VAL D 363 -16.93 38.83 19.15
CA VAL D 363 -16.25 39.45 20.29
C VAL D 363 -15.90 40.91 19.94
N PRO D 364 -16.86 41.84 20.08
CA PRO D 364 -16.55 43.25 19.77
C PRO D 364 -15.64 43.91 20.79
N GLN D 365 -15.47 43.33 21.97
CA GLN D 365 -14.63 43.94 23.00
C GLN D 365 -13.15 43.91 22.64
N ILE D 366 -12.72 43.00 21.77
CA ILE D 366 -11.31 42.84 21.42
C ILE D 366 -11.03 43.67 20.17
N PRO D 367 -10.09 44.61 20.22
CA PRO D 367 -9.73 45.35 19.00
C PRO D 367 -9.06 44.45 17.98
N GLY D 368 -9.10 44.89 16.72
CA GLY D 368 -8.54 44.09 15.65
C GLY D 368 -7.05 43.82 15.81
N ASP D 369 -6.31 44.80 16.32
CA ASP D 369 -4.88 44.64 16.57
C ASP D 369 -4.58 43.69 17.72
N GLN D 370 -5.58 43.33 18.53
CA GLN D 370 -5.42 42.32 19.56
C GLN D 370 -5.97 40.96 19.13
N PHE D 371 -6.27 40.79 17.83
CA PHE D 371 -6.60 39.50 17.25
C PHE D 371 -7.82 38.88 17.92
N PRO D 372 -9.03 39.38 17.63
CA PRO D 372 -10.22 38.85 18.31
C PRO D 372 -10.52 37.40 18.00
N ALA D 373 -10.21 36.93 16.78
CA ALA D 373 -10.56 35.57 16.41
C ALA D 373 -9.65 34.53 17.07
N GLN D 374 -8.37 34.85 17.26
CA GLN D 374 -7.48 33.92 17.95
C GLN D 374 -7.92 33.68 19.39
N ALA D 375 -8.58 34.67 20.00
CA ALA D 375 -9.19 34.45 21.29
C ALA D 375 -10.29 33.40 21.22
N VAL D 376 -11.14 33.49 20.19
CA VAL D 376 -12.23 32.53 20.05
C VAL D 376 -11.68 31.14 19.71
N ILE D 377 -10.60 31.09 18.93
CA ILE D 377 -10.01 29.80 18.56
C ILE D 377 -9.43 29.11 19.78
N ASN D 378 -8.57 29.81 20.52
CA ASN D 378 -8.00 29.24 21.74
C ASN D 378 -9.09 28.85 22.73
N ALA D 379 -10.17 29.63 22.79
CA ALA D 379 -11.31 29.27 23.63
C ALA D 379 -11.96 27.98 23.14
N LEU D 380 -12.16 27.86 21.83
CA LEU D 380 -12.77 26.65 21.28
C LEU D 380 -11.89 25.43 21.51
N TYR D 381 -10.56 25.59 21.41
CA TYR D 381 -9.68 24.44 21.53
C TYR D 381 -9.68 23.90 22.96
N LEU D 382 -9.49 24.77 23.94
CA LEU D 382 -9.48 24.35 25.33
C LEU D 382 -10.80 23.72 25.75
N GLU D 383 -11.87 23.98 25.00
CA GLU D 383 -13.19 23.47 25.33
C GLU D 383 -13.49 22.12 24.70
N SER D 384 -13.00 21.86 23.48
CA SER D 384 -13.43 20.69 22.73
C SER D 384 -12.31 19.88 22.07
N GLY D 385 -11.06 20.33 22.16
CA GLY D 385 -10.01 19.64 21.42
C GLY D 385 -10.07 19.86 19.93
N VAL D 386 -10.82 20.86 19.48
CA VAL D 386 -10.92 21.22 18.07
C VAL D 386 -10.00 22.40 17.82
N ARG D 387 -9.11 22.27 16.83
CA ARG D 387 -8.15 23.29 16.51
C ARG D 387 -8.55 23.99 15.21
N ALA D 388 -8.68 25.31 15.27
CA ALA D 388 -9.02 26.14 14.11
C ALA D 388 -7.89 27.13 13.82
N VAL D 389 -8.08 27.95 12.78
CA VAL D 389 -7.05 28.89 12.35
C VAL D 389 -7.70 30.25 12.09
N GLU D 390 -6.93 31.30 12.33
CA GLU D 390 -7.43 32.67 12.22
C GLU D 390 -7.12 33.24 10.85
N ILE D 391 -8.04 34.03 10.32
CA ILE D 391 -7.84 34.77 9.07
C ILE D 391 -8.28 36.20 9.34
N GLY D 392 -7.38 37.01 9.88
CA GLY D 392 -7.66 38.38 10.23
C GLY D 392 -6.38 39.18 10.33
N SER D 393 -6.24 40.01 11.36
CA SER D 393 -5.06 40.88 11.47
C SER D 393 -3.79 40.07 11.74
N PHE D 394 -3.90 38.96 12.47
CA PHE D 394 -2.76 38.08 12.72
C PHE D 394 -2.16 37.59 11.41
N LEU D 395 -2.99 36.99 10.55
CA LEU D 395 -2.50 36.43 9.30
C LEU D 395 -2.11 37.51 8.30
N LEU D 396 -2.73 38.69 8.36
CA LEU D 396 -2.37 39.77 7.43
C LEU D 396 -0.95 40.24 7.64
N GLY D 397 -0.48 40.25 8.89
CA GLY D 397 0.86 40.72 9.14
C GLY D 397 0.95 42.23 9.06
N ARG D 398 2.13 42.71 8.70
CA ARG D 398 2.41 44.14 8.64
C ARG D 398 2.78 44.55 7.22
N ASP D 399 2.52 45.80 6.89
CA ASP D 399 2.97 46.40 5.64
C ASP D 399 4.49 46.48 5.66
N PRO D 400 5.21 45.82 4.75
CA PRO D 400 6.67 45.76 4.88
C PRO D 400 7.37 47.09 4.78
N ALA D 401 6.78 48.06 4.06
CA ALA D 401 7.41 49.37 3.92
C ALA D 401 7.18 50.22 5.16
N THR D 402 5.93 50.27 5.66
CA THR D 402 5.59 51.06 6.83
C THR D 402 5.77 50.31 8.13
N GLY D 403 5.77 48.97 8.09
CA GLY D 403 6.03 48.18 9.28
C GLY D 403 4.89 48.07 10.26
N GLU D 404 3.66 48.40 9.87
CA GLU D 404 2.56 48.43 10.81
C GLU D 404 1.43 47.52 10.33
N GLN D 405 0.53 47.21 11.27
CA GLN D 405 -0.55 46.27 11.03
CA GLN D 405 -0.54 46.27 11.02
C GLN D 405 -1.30 46.62 9.75
N LYS D 406 -1.43 45.64 8.86
CA LYS D 406 -2.25 45.83 7.67
C LYS D 406 -3.72 45.86 8.09
N HIS D 407 -4.43 46.89 7.63
CA HIS D 407 -5.82 47.07 8.04
C HIS D 407 -6.66 45.87 7.61
N ALA D 408 -7.37 45.29 8.58
CA ALA D 408 -8.19 44.11 8.34
C ALA D 408 -9.66 44.53 8.29
N ASP D 409 -10.31 44.27 7.16
CA ASP D 409 -11.74 44.46 7.04
C ASP D 409 -12.55 43.28 7.57
N MET D 410 -11.91 42.13 7.80
CA MET D 410 -12.58 40.92 8.25
C MET D 410 -11.76 40.26 9.35
N GLU D 411 -12.45 39.78 10.39
CA GLU D 411 -11.82 39.09 11.51
C GLU D 411 -12.48 37.71 11.64
N PHE D 412 -11.98 36.75 10.87
CA PHE D 412 -12.58 35.43 10.76
C PHE D 412 -11.83 34.41 11.63
N MET D 413 -12.60 33.53 12.26
CA MET D 413 -12.11 32.23 12.71
C MET D 413 -12.52 31.20 11.67
N ARG D 414 -11.54 30.49 11.12
CA ARG D 414 -11.79 29.55 10.03
C ARG D 414 -11.88 28.14 10.58
N LEU D 415 -13.05 27.53 10.45
CA LEU D 415 -13.25 26.09 10.67
C LEU D 415 -13.04 25.43 9.32
N THR D 416 -11.81 24.97 9.07
CA THR D 416 -11.40 24.44 7.78
C THR D 416 -11.64 22.94 7.75
N ILE D 417 -12.32 22.47 6.70
CA ILE D 417 -12.78 21.09 6.60
C ILE D 417 -11.99 20.37 5.51
N ALA D 418 -11.23 19.36 5.91
CA ALA D 418 -10.50 18.53 4.95
C ALA D 418 -11.49 17.74 4.09
N ARG D 419 -11.04 17.37 2.89
CA ARG D 419 -11.92 16.71 1.94
C ARG D 419 -12.00 15.21 2.23
N ARG D 420 -13.22 14.72 2.45
CA ARG D 420 -13.55 13.31 2.58
C ARG D 420 -12.95 12.69 3.85
N VAL D 421 -12.87 13.46 4.93
CA VAL D 421 -12.21 13.02 6.16
C VAL D 421 -13.18 12.91 7.33
N TYR D 422 -14.08 13.86 7.47
CA TYR D 422 -14.99 13.90 8.61
C TYR D 422 -16.43 13.72 8.14
N THR D 423 -17.23 13.09 8.99
CA THR D 423 -18.63 12.89 8.66
C THR D 423 -19.45 14.08 9.18
N ASN D 424 -20.74 14.09 8.84
CA ASN D 424 -21.60 15.15 9.34
C ASN D 424 -21.81 15.04 10.84
N ASP D 425 -21.57 13.86 11.42
CA ASP D 425 -21.59 13.73 12.87
C ASP D 425 -20.35 14.37 13.50
N HIS D 426 -19.23 14.40 12.79
CA HIS D 426 -18.12 15.23 13.22
C HIS D 426 -18.49 16.70 13.15
N MET D 427 -19.24 17.10 12.11
CA MET D 427 -19.71 18.47 11.99
C MET D 427 -20.60 18.86 13.16
N ASP D 428 -21.46 17.93 13.62
CA ASP D 428 -22.32 18.20 14.76
C ASP D 428 -21.50 18.41 16.04
N TYR D 429 -20.43 17.62 16.21
CA TYR D 429 -19.54 17.83 17.36
C TYR D 429 -18.92 19.21 17.33
N ILE D 430 -18.44 19.65 16.16
CA ILE D 430 -17.84 20.97 16.03
C ILE D 430 -18.87 22.05 16.37
N ALA D 431 -20.06 21.95 15.77
CA ALA D 431 -21.08 22.98 15.95
C ALA D 431 -21.50 23.09 17.41
N ASP D 432 -21.77 21.95 18.06
CA ASP D 432 -22.22 22.00 19.45
C ASP D 432 -21.17 22.61 20.36
N ALA D 433 -19.89 22.36 20.08
CA ALA D 433 -18.82 22.94 20.89
C ALA D 433 -18.84 24.45 20.81
N LEU D 434 -18.84 25.00 19.58
CA LEU D 434 -18.85 26.45 19.42
C LEU D 434 -20.14 27.07 19.93
N ILE D 435 -21.26 26.35 19.84
CA ILE D 435 -22.53 26.84 20.38
C ILE D 435 -22.49 26.87 21.91
N GLY D 436 -21.77 25.95 22.53
CA GLY D 436 -21.70 25.93 23.98
C GLY D 436 -20.89 27.06 24.59
N LEU D 437 -20.19 27.83 23.77
CA LEU D 437 -19.35 28.93 24.25
C LEU D 437 -20.04 30.30 24.12
N LYS D 438 -21.35 30.32 23.85
CA LYS D 438 -22.01 31.58 23.55
C LYS D 438 -22.08 32.50 24.77
N GLU D 439 -22.13 31.93 25.97
N GLU D 439 -22.14 31.93 25.98
CA GLU D 439 -22.18 32.73 27.19
CA GLU D 439 -22.18 32.75 27.17
C GLU D 439 -20.80 33.19 27.65
C GLU D 439 -20.80 33.24 27.62
N LYS D 440 -19.73 32.77 26.99
CA LYS D 440 -18.38 33.11 27.39
C LYS D 440 -17.65 33.97 26.38
N PHE D 441 -18.30 34.36 25.27
CA PHE D 441 -17.63 35.17 24.25
C PHE D 441 -17.24 36.54 24.80
N ALA D 442 -18.16 37.21 25.49
CA ALA D 442 -17.93 38.57 25.96
C ALA D 442 -16.84 38.64 27.03
N THR D 443 -16.48 37.51 27.63
CA THR D 443 -15.44 37.47 28.66
C THR D 443 -14.03 37.32 28.09
N LEU D 444 -13.90 36.99 26.80
CA LEU D 444 -12.60 36.74 26.21
C LEU D 444 -11.84 38.04 25.94
N LYS D 445 -10.51 37.95 26.02
CA LYS D 445 -9.63 39.08 25.73
C LYS D 445 -8.62 38.66 24.67
N GLY D 446 -7.94 39.66 24.11
CA GLY D 446 -7.00 39.43 23.03
C GLY D 446 -5.64 38.93 23.52
N LEU D 447 -4.69 38.91 22.59
CA LEU D 447 -3.35 38.43 22.87
C LEU D 447 -2.32 39.32 22.19
N GLU D 448 -1.21 39.56 22.87
CA GLU D 448 -0.08 40.32 22.33
C GLU D 448 1.07 39.39 22.00
N PHE D 449 2.11 39.96 21.40
CA PHE D 449 3.25 39.20 20.89
C PHE D 449 4.32 39.02 21.96
N GLU D 450 4.78 37.78 22.13
CA GLU D 450 6.01 37.45 22.85
C GLU D 450 7.18 37.23 21.89
N TYR D 451 6.94 36.48 20.82
CA TYR D 451 7.89 36.33 19.72
C TYR D 451 7.14 36.54 18.42
N GLU D 452 7.60 37.49 17.61
CA GLU D 452 6.96 37.74 16.31
C GLU D 452 7.97 37.60 15.19
N PRO D 453 7.73 36.73 14.21
CA PRO D 453 8.59 36.70 13.02
C PRO D 453 8.34 37.92 12.15
N PRO D 454 9.36 38.40 11.43
CA PRO D 454 9.12 39.53 10.52
C PRO D 454 8.25 39.17 9.31
N VAL D 455 8.24 37.91 8.86
CA VAL D 455 7.41 37.49 7.73
C VAL D 455 6.56 36.30 8.16
N LEU D 456 5.32 36.27 7.68
CA LEU D 456 4.36 35.19 7.94
C LEU D 456 4.32 34.84 9.42
N ARG D 457 4.03 35.85 10.24
CA ARG D 457 4.20 35.74 11.68
C ARG D 457 3.34 34.64 12.28
N HIS D 458 2.09 34.50 11.80
CA HIS D 458 1.09 33.69 12.49
C HIS D 458 1.41 32.20 12.52
N PHE D 459 2.46 31.75 11.82
CA PHE D 459 2.80 30.33 11.80
C PHE D 459 3.59 29.92 13.03
N THR D 460 4.60 30.71 13.41
CA THR D 460 5.48 30.35 14.52
C THR D 460 5.48 31.36 15.66
N ALA D 461 4.65 32.40 15.59
CA ALA D 461 4.62 33.42 16.64
C ALA D 461 4.01 32.87 17.92
N ARG D 462 4.57 33.27 19.06
CA ARG D 462 4.01 32.95 20.36
C ARG D 462 3.31 34.16 20.92
N LEU D 463 2.18 33.94 21.60
CA LEU D 463 1.29 35.01 22.02
C LEU D 463 1.16 35.01 23.55
N LYS D 464 0.91 36.21 24.08
CA LYS D 464 0.67 36.40 25.52
C LYS D 464 -0.77 36.86 25.71
N PRO D 465 -1.62 36.07 26.35
CA PRO D 465 -3.02 36.50 26.55
C PRO D 465 -3.09 37.72 27.45
N ILE D 466 -3.72 38.78 26.93
CA ILE D 466 -3.84 40.03 27.66
C ILE D 466 -4.82 39.83 28.81
N GLU D 467 -4.33 39.92 30.04
CA GLU D 467 -5.18 39.75 31.21
C GLU D 467 -5.82 41.07 31.64
K K E . 2.13 -16.98 1.65
K K F . -14.26 -9.69 1.23
C10 YQK G . 2.00 -29.09 -1.10
C01 YQK G . -1.70 -27.89 -3.88
C02 YQK G . -0.97 -28.42 -5.08
C03 YQK G . 0.43 -28.29 -5.15
C04 YQK G . 1.17 -27.65 -4.07
C05 YQK G . 3.27 -27.21 -3.14
C06 YQK G . 2.75 -26.77 -1.79
C07 YQK G . 2.77 -27.86 -0.71
C08 YQK G . 4.16 -28.37 -0.42
C09 YQK G . 4.13 -29.74 -0.64
C11 YQK G . 5.29 -30.49 -0.45
C12 YQK G . 6.46 -29.86 -0.04
C13 YQK G . 6.48 -28.50 0.18
C14 YQK G . 5.33 -27.75 -0.01
C15 YQK G . 4.63 -27.25 -3.39
C16 YQK G . 1.07 -28.82 -6.29
C17 YQK G . 0.33 -29.44 -7.27
C18 YQK G . 1.01 -30.00 -8.49
C19 YQK G . -1.64 -29.06 -6.11
N20 YQK G . 2.48 -27.76 -4.07
N21 YQK G . 2.85 -30.13 -1.03
N22 YQK G . -0.99 -29.54 -7.16
O23 YQK G . -2.25 -24.00 -3.28
O24 YQK G . -2.98 -25.94 -1.84
O25 YQK G . -1.89 -26.48 -4.03
O26 YQK G . 0.82 -29.14 -1.42
O27 YQK G . 5.08 -28.05 -4.19
O28 YQK G . 5.48 -26.40 -2.76
O29 YQK G . 2.42 -28.72 -6.39
O30 YQK G . -0.51 -25.52 -2.01
O32 YQK G . 2.18 -27.39 0.50
P31 YQK G . -1.92 -25.48 -2.78
S DMS H . -34.89 2.55 22.61
O DMS H . -35.20 1.17 23.12
C1 DMS H . -33.74 3.36 23.75
C2 DMS H . -36.36 3.58 22.87
C10 YQK I . -22.83 -17.17 6.01
C01 YQK I . -19.29 -18.78 8.77
C02 YQK I . -20.05 -18.35 9.99
C03 YQK I . -20.88 -17.21 9.96
C04 YQK I . -21.04 -16.41 8.75
C05 YQK I . -22.27 -14.75 7.66
C06 YQK I . -21.60 -14.99 6.33
C07 YQK I . -22.43 -15.87 5.37
C08 YQK I . -23.75 -15.20 5.02
C09 YQK I . -24.74 -16.09 5.43
C11 YQK I . -26.08 -15.75 5.22
C12 YQK I . -26.41 -14.54 4.62
C13 YQK I . -25.40 -13.67 4.22
C14 YQK I . -24.07 -14.01 4.42
C15 YQK I . -23.14 -13.67 7.87
C16 YQK I . -21.57 -16.86 11.13
C17 YQK I . -21.40 -17.64 12.27
C18 YQK I . -22.13 -17.27 13.53
C19 YQK I . -19.94 -19.06 11.17
N20 YQK I . -22.02 -15.53 8.71
N21 YQK I . -24.17 -17.23 6.00
N22 YQK I . -20.61 -18.70 12.25
O23 YQK I . -16.13 -16.67 7.51
O24 YQK I . -17.13 -18.74 6.47
O25 YQK I . -18.12 -17.96 8.67
O26 YQK I . -22.07 -18.02 6.43
O27 YQK I . -23.84 -13.62 8.87
O28 YQK I . -23.21 -12.67 6.96
O29 YQK I . -22.39 -15.76 11.14
O30 YQK I . -18.52 -16.67 6.39
O32 YQK I . -21.70 -16.14 4.18
P31 YQK I . -17.47 -17.52 7.25
K K J . 11.94 10.11 -7.21
C10 YQK K . 21.76 17.20 -8.37
C01 YQK K . 21.05 18.31 -3.95
C02 YQK K . 22.42 17.80 -3.59
C03 YQK K . 22.96 16.70 -4.25
C04 YQK K . 22.23 16.00 -5.30
C05 YQK K . 22.34 14.61 -7.17
C06 YQK K . 20.95 14.93 -7.66
C07 YQK K . 21.00 15.97 -8.78
C08 YQK K . 21.74 15.44 -9.98
C09 YQK K . 22.80 16.32 -10.20
C11 YQK K . 23.67 16.09 -11.27
C12 YQK K . 23.48 15.00 -12.09
C13 YQK K . 22.43 14.13 -11.86
C14 YQK K . 21.56 14.36 -10.81
C15 YQK K . 23.05 13.57 -7.73
C16 YQK K . 24.24 16.25 -3.89
C17 YQK K . 24.92 16.93 -2.89
C18 YQK K . 26.30 16.45 -2.51
C19 YQK K . 23.16 18.42 -2.60
N20 YQK K . 22.92 15.28 -6.17
N21 YQK K . 22.77 17.35 -9.25
N22 YQK K . 24.37 17.97 -2.29
O23 YQK K . 17.80 18.71 -4.03
O24 YQK K . 18.67 16.69 -5.25
O25 YQK K . 20.05 17.52 -3.30
O26 YQK K . 21.49 17.94 -7.44
O27 YQK K . 22.47 12.78 -8.47
O28 YQK K . 24.36 13.41 -7.46
O29 YQK K . 24.81 15.18 -4.49
O30 YQK K . 17.74 16.32 -2.93
O32 YQK K . 19.67 16.37 -9.13
P31 YQK K . 18.56 17.30 -3.91
K K L . 0.05 16.58 4.61
C10 YQK M . -1.00 28.78 3.84
C01 YQK M . -0.10 28.08 -0.83
C02 YQK M . -1.43 28.70 -1.21
C03 YQK M . -2.54 28.55 -0.37
C04 YQK M . -2.45 27.80 0.89
C05 YQK M . -3.40 27.22 2.94
C06 YQK M . -2.14 26.57 3.48
C07 YQK M . -1.37 27.46 4.46
C08 YQK M . -2.18 27.84 5.69
C09 YQK M . -2.21 29.24 5.71
C11 YQK M . -2.90 29.89 6.74
C12 YQK M . -3.52 29.15 7.72
C13 YQK M . -3.48 27.76 7.69
C14 YQK M . -2.81 27.12 6.67
C15 YQK M . -4.55 27.20 3.73
C16 YQK M . -3.75 29.17 -0.78
C17 YQK M . -3.77 29.87 -1.97
C18 YQK M . -5.07 30.52 -2.40
C19 YQK M . -1.55 29.42 -2.38
N20 YQK M . -3.42 27.87 1.78
N21 YQK M . -1.51 29.75 4.63
N22 YQK M . -2.70 29.97 -2.73
O23 YQK M . 0.57 24.17 -1.09
O24 YQK M . 2.18 25.99 -0.39
O25 YQK M . -0.14 26.67 -1.13
O26 YQK M . -0.34 28.94 2.83
O27 YQK M . -5.34 28.13 3.71
O28 YQK M . -4.80 26.15 4.55
O29 YQK M . -4.88 29.08 -0.02
O30 YQK M . 0.26 25.49 1.18
O32 YQK M . -0.18 26.79 4.86
P31 YQK M . 0.75 25.58 -0.35
#